data_6MHA
# 
_entry.id   6MHA 
# 
_audit_conform.dict_name       mmcif_pdbx.dic 
_audit_conform.dict_version    5.379 
_audit_conform.dict_location   http://mmcif.pdb.org/dictionaries/ascii/mmcif_pdbx.dic 
# 
loop_
_database_2.database_id 
_database_2.database_code 
_database_2.pdbx_database_accession 
_database_2.pdbx_DOI 
PDB   6MHA         pdb_00006mha 10.2210/pdb6mha/pdb 
WWPDB D_1000236757 ?            ?                   
# 
_pdbx_database_related.db_name        PDB 
_pdbx_database_related.details        'Wild type HP1 chromdomain' 
_pdbx_database_related.db_id          1KNE 
_pdbx_database_related.content_type   unspecified 
# 
_pdbx_database_status.status_code                     REL 
_pdbx_database_status.status_code_sf                  REL 
_pdbx_database_status.status_code_mr                  ? 
_pdbx_database_status.entry_id                        6MHA 
_pdbx_database_status.recvd_initial_deposition_date   2018-09-17 
_pdbx_database_status.SG_entry                        N 
_pdbx_database_status.deposit_site                    RCSB 
_pdbx_database_status.process_site                    RCSB 
_pdbx_database_status.status_code_cs                  ? 
_pdbx_database_status.methods_development_category    ? 
_pdbx_database_status.pdb_format_compatible           Y 
_pdbx_database_status.status_code_nmr_data            ? 
# 
loop_
_audit_author.name 
_audit_author.pdbx_ordinal 
_audit_author.identifier_ORCID 
'Brustad, E.M.'  1 0000-0002-7031-5433 
'Krone, M.W.'    2 0000-0002-8602-3742 
'Albanese, K.I.' 3 0000-0002-2336-1621 
'Waters, M.L.'   4 0000-0002-4917-5755 
# 
_citation.abstract                  ? 
_citation.abstract_id_CAS           ? 
_citation.book_id_ISBN              ? 
_citation.book_publisher            ? 
_citation.book_publisher_city       ? 
_citation.book_title                ? 
_citation.coordinate_linkage        ? 
_citation.country                   UK 
_citation.database_id_Medline       ? 
_citation.details                   ? 
_citation.id                        primary 
_citation.journal_abbrev            'Chem Sci' 
_citation.journal_id_ASTM           ? 
_citation.journal_id_CSD            ? 
_citation.journal_id_ISSN           2041-6539 
_citation.journal_full              ? 
_citation.journal_issue             ? 
_citation.journal_volume            11 
_citation.language                  ? 
_citation.page_first                3495 
_citation.page_last                 3500 
_citation.title                     
'Thermodynamic consequences of Tyr to Trp mutations in the cation-pi-mediated binding of trimethyllysine by the HP1 chromodomain' 
_citation.year                      2020 
_citation.database_id_CSD           ? 
_citation.pdbx_database_id_DOI      10.1039/D0SC00227E 
_citation.pdbx_database_id_PubMed   ? 
_citation.unpublished_flag          ? 
# 
loop_
_citation_author.citation_id 
_citation_author.name 
_citation_author.ordinal 
_citation_author.identifier_ORCID 
primary 'Krone, M.W.'    1 0000-0002-8602-3742 
primary 'Albanese, K.I.' 2 0000-0002-2336-1621 
primary 'Guseman, A.J.'  3 ?                   
primary 'He, C.Q.'       4 ?                   
primary 'Lee, G.Y.'      5 ?                   
primary 'Houk, K.N.'     6 0000-0002-8387-5261 
primary 'Brustad, E.M.'  7 0000-0002-7031-5433 
primary 'Waters, M.L.'   8 0000-0002-4917-5755 
# 
_cell.angle_alpha                  90.000 
_cell.angle_alpha_esd              ? 
_cell.angle_beta                   90.000 
_cell.angle_beta_esd               ? 
_cell.angle_gamma                  90.000 
_cell.angle_gamma_esd              ? 
_cell.entry_id                     6MHA 
_cell.details                      ? 
_cell.formula_units_Z              ? 
_cell.length_a                     34.007 
_cell.length_a_esd                 ? 
_cell.length_b                     76.695 
_cell.length_b_esd                 ? 
_cell.length_c                     76.508 
_cell.length_c_esd                 ? 
_cell.volume                       ? 
_cell.volume_esd                   ? 
_cell.Z_PDB                        8 
_cell.reciprocal_angle_alpha       ? 
_cell.reciprocal_angle_beta        ? 
_cell.reciprocal_angle_gamma       ? 
_cell.reciprocal_angle_alpha_esd   ? 
_cell.reciprocal_angle_beta_esd    ? 
_cell.reciprocal_angle_gamma_esd   ? 
_cell.reciprocal_length_a          ? 
_cell.reciprocal_length_b          ? 
_cell.reciprocal_length_c          ? 
_cell.reciprocal_length_a_esd      ? 
_cell.reciprocal_length_b_esd      ? 
_cell.reciprocal_length_c_esd      ? 
_cell.pdbx_unique_axis             ? 
# 
_symmetry.entry_id                         6MHA 
_symmetry.cell_setting                     ? 
_symmetry.Int_Tables_number                20 
_symmetry.space_group_name_Hall            ? 
_symmetry.space_group_name_H-M             'C 2 2 21' 
_symmetry.pdbx_full_space_group_name_H-M   ? 
# 
loop_
_entity.id 
_entity.type 
_entity.src_method 
_entity.pdbx_description 
_entity.formula_weight 
_entity.pdbx_number_of_molecules 
_entity.pdbx_ec 
_entity.pdbx_mutation 
_entity.pdbx_fragment 
_entity.details 
1 polymer man 'Heterochromatin protein 1'                              6559.268 1  ? 'Y24W, K38M' ? ? 
2 polymer syn 'histone H3 peptide containing trimethyllysine, H3K9me3' 733.857  1  ? ?            ? ? 
3 water   nat water                                                    18.015   34 ? ?            ? ? 
# 
_entity_name_com.entity_id   1 
_entity_name_com.name        'HP1,Non-histone chromosomal protein C1A9 antigen' 
# 
loop_
_entity_poly.entity_id 
_entity_poly.type 
_entity_poly.nstd_linkage 
_entity_poly.nstd_monomer 
_entity_poly.pdbx_seq_one_letter_code 
_entity_poly.pdbx_seq_one_letter_code_can 
_entity_poly.pdbx_strand_id 
_entity_poly.pdbx_target_identifier 
1 'polypeptide(L)' no no  EEWAVEKIIDRRVRKGMVEYYLKWKGYPETENTWEPENNLDCQDLIQQYEASR 
EEWAVEKIIDRRVRKGMVEYYLKWKGYPETENTWEPENNLDCQDLIQQYEASR A ? 
2 'polypeptide(L)' no yes 'QTAR(M3L)S'                                          QTARKS B ? 
# 
loop_
_entity_poly_seq.entity_id 
_entity_poly_seq.num 
_entity_poly_seq.mon_id 
_entity_poly_seq.hetero 
1 1  GLU n 
1 2  GLU n 
1 3  TRP n 
1 4  ALA n 
1 5  VAL n 
1 6  GLU n 
1 7  LYS n 
1 8  ILE n 
1 9  ILE n 
1 10 ASP n 
1 11 ARG n 
1 12 ARG n 
1 13 VAL n 
1 14 ARG n 
1 15 LYS n 
1 16 GLY n 
1 17 MET n 
1 18 VAL n 
1 19 GLU n 
1 20 TYR n 
1 21 TYR n 
1 22 LEU n 
1 23 LYS n 
1 24 TRP n 
1 25 LYS n 
1 26 GLY n 
1 27 TYR n 
1 28 PRO n 
1 29 GLU n 
1 30 THR n 
1 31 GLU n 
1 32 ASN n 
1 33 THR n 
1 34 TRP n 
1 35 GLU n 
1 36 PRO n 
1 37 GLU n 
1 38 ASN n 
1 39 ASN n 
1 40 LEU n 
1 41 ASP n 
1 42 CYS n 
1 43 GLN n 
1 44 ASP n 
1 45 LEU n 
1 46 ILE n 
1 47 GLN n 
1 48 GLN n 
1 49 TYR n 
1 50 GLU n 
1 51 ALA n 
1 52 SER n 
1 53 ARG n 
2 1  GLN n 
2 2  THR n 
2 3  ALA n 
2 4  ARG n 
2 5  M3L n 
2 6  SER n 
# 
_entity_src_gen.entity_id                          1 
_entity_src_gen.pdbx_src_id                        1 
_entity_src_gen.pdbx_alt_source_flag               sample 
_entity_src_gen.pdbx_seq_type                      'Biological sequence' 
_entity_src_gen.pdbx_beg_seq_num                   1 
_entity_src_gen.pdbx_end_seq_num                   53 
_entity_src_gen.gene_src_common_name               'Fruit fly' 
_entity_src_gen.gene_src_genus                     ? 
_entity_src_gen.pdbx_gene_src_gene                 'Su(var)205, HP1, CG8409' 
_entity_src_gen.gene_src_species                   ? 
_entity_src_gen.gene_src_strain                    ? 
_entity_src_gen.gene_src_tissue                    ? 
_entity_src_gen.gene_src_tissue_fraction           ? 
_entity_src_gen.gene_src_details                   ? 
_entity_src_gen.pdbx_gene_src_fragment             ? 
_entity_src_gen.pdbx_gene_src_scientific_name      'Drosophila melanogaster' 
_entity_src_gen.pdbx_gene_src_ncbi_taxonomy_id     7227 
_entity_src_gen.pdbx_gene_src_variant              ? 
_entity_src_gen.pdbx_gene_src_cell_line            ? 
_entity_src_gen.pdbx_gene_src_atcc                 ? 
_entity_src_gen.pdbx_gene_src_organ                ? 
_entity_src_gen.pdbx_gene_src_organelle            ? 
_entity_src_gen.pdbx_gene_src_cell                 ? 
_entity_src_gen.pdbx_gene_src_cellular_location    ? 
_entity_src_gen.host_org_common_name               ? 
_entity_src_gen.pdbx_host_org_scientific_name      'Escherichia coli BL21(DE3)' 
_entity_src_gen.pdbx_host_org_ncbi_taxonomy_id     469008 
_entity_src_gen.host_org_genus                     ? 
_entity_src_gen.pdbx_host_org_gene                 ? 
_entity_src_gen.pdbx_host_org_organ                ? 
_entity_src_gen.host_org_species                   ? 
_entity_src_gen.pdbx_host_org_tissue               ? 
_entity_src_gen.pdbx_host_org_tissue_fraction      ? 
_entity_src_gen.pdbx_host_org_strain               'BL21(DE3)' 
_entity_src_gen.pdbx_host_org_variant              ? 
_entity_src_gen.pdbx_host_org_cell_line            ? 
_entity_src_gen.pdbx_host_org_atcc                 ? 
_entity_src_gen.pdbx_host_org_culture_collection   ? 
_entity_src_gen.pdbx_host_org_cell                 ? 
_entity_src_gen.pdbx_host_org_organelle            ? 
_entity_src_gen.pdbx_host_org_cellular_location    ? 
_entity_src_gen.pdbx_host_org_vector_type          ? 
_entity_src_gen.pdbx_host_org_vector               ? 
_entity_src_gen.host_org_details                   ? 
_entity_src_gen.expression_system_id               ? 
_entity_src_gen.plasmid_name                       ? 
_entity_src_gen.plasmid_details                    ? 
_entity_src_gen.pdbx_description                   ? 
# 
_pdbx_entity_src_syn.entity_id              2 
_pdbx_entity_src_syn.pdbx_src_id            1 
_pdbx_entity_src_syn.pdbx_alt_source_flag   sample 
_pdbx_entity_src_syn.pdbx_beg_seq_num       1 
_pdbx_entity_src_syn.pdbx_end_seq_num       6 
_pdbx_entity_src_syn.organism_scientific    'Drosophila melanogaster' 
_pdbx_entity_src_syn.organism_common_name   ? 
_pdbx_entity_src_syn.ncbi_taxonomy_id       7227 
_pdbx_entity_src_syn.details                ? 
# 
loop_
_struct_ref.id 
_struct_ref.db_name 
_struct_ref.db_code 
_struct_ref.pdbx_db_accession 
_struct_ref.pdbx_db_isoform 
_struct_ref.entity_id 
_struct_ref.pdbx_seq_one_letter_code 
_struct_ref.pdbx_align_begin 
1 UNP HP1_DROME P05205 ? 1 EEYAVEKIIDRRVRKGKVEYYLKWKGYPETENTWEPENNLDCQDLIQQYEASR 22 
2 PDB 6MHA      6MHA   ? 2 ?                                                     1  
# 
loop_
_struct_ref_seq.align_id 
_struct_ref_seq.ref_id 
_struct_ref_seq.pdbx_PDB_id_code 
_struct_ref_seq.pdbx_strand_id 
_struct_ref_seq.seq_align_beg 
_struct_ref_seq.pdbx_seq_align_beg_ins_code 
_struct_ref_seq.seq_align_end 
_struct_ref_seq.pdbx_seq_align_end_ins_code 
_struct_ref_seq.pdbx_db_accession 
_struct_ref_seq.db_align_beg 
_struct_ref_seq.pdbx_db_align_beg_ins_code 
_struct_ref_seq.db_align_end 
_struct_ref_seq.pdbx_db_align_end_ins_code 
_struct_ref_seq.pdbx_auth_seq_align_beg 
_struct_ref_seq.pdbx_auth_seq_align_end 
1 1 6MHA A 1 ? 53 ? P05205 22 ? 74 ? 22 74 
2 2 6MHA B 1 ? 6  ? 6MHA   -3 ? 2  ? -3 2  
# 
loop_
_struct_ref_seq_dif.align_id 
_struct_ref_seq_dif.pdbx_pdb_id_code 
_struct_ref_seq_dif.mon_id 
_struct_ref_seq_dif.pdbx_pdb_strand_id 
_struct_ref_seq_dif.seq_num 
_struct_ref_seq_dif.pdbx_pdb_ins_code 
_struct_ref_seq_dif.pdbx_seq_db_name 
_struct_ref_seq_dif.pdbx_seq_db_accession_code 
_struct_ref_seq_dif.db_mon_id 
_struct_ref_seq_dif.pdbx_seq_db_seq_num 
_struct_ref_seq_dif.details 
_struct_ref_seq_dif.pdbx_auth_seq_num 
_struct_ref_seq_dif.pdbx_ordinal 
1 6MHA TRP A 3  ? UNP P05205 TYR 24 'engineered mutation' 24 1 
1 6MHA MET A 17 ? UNP P05205 LYS 38 'engineered mutation' 38 2 
# 
loop_
_chem_comp.id 
_chem_comp.type 
_chem_comp.mon_nstd_flag 
_chem_comp.name 
_chem_comp.pdbx_synonyms 
_chem_comp.formula 
_chem_comp.formula_weight 
ALA 'L-peptide linking' y ALANINE           ? 'C3 H7 N O2'     89.093  
ARG 'L-peptide linking' y ARGININE          ? 'C6 H15 N4 O2 1' 175.209 
ASN 'L-peptide linking' y ASPARAGINE        ? 'C4 H8 N2 O3'    132.118 
ASP 'L-peptide linking' y 'ASPARTIC ACID'   ? 'C4 H7 N O4'     133.103 
CYS 'L-peptide linking' y CYSTEINE          ? 'C3 H7 N O2 S'   121.158 
GLN 'L-peptide linking' y GLUTAMINE         ? 'C5 H10 N2 O3'   146.144 
GLU 'L-peptide linking' y 'GLUTAMIC ACID'   ? 'C5 H9 N O4'     147.129 
GLY 'peptide linking'   y GLYCINE           ? 'C2 H5 N O2'     75.067  
HOH non-polymer         . WATER             ? 'H2 O'           18.015  
ILE 'L-peptide linking' y ISOLEUCINE        ? 'C6 H13 N O2'    131.173 
LEU 'L-peptide linking' y LEUCINE           ? 'C6 H13 N O2'    131.173 
LYS 'L-peptide linking' y LYSINE            ? 'C6 H15 N2 O2 1' 147.195 
M3L 'L-peptide linking' n N-TRIMETHYLLYSINE ? 'C9 H21 N2 O2 1' 189.275 
MET 'L-peptide linking' y METHIONINE        ? 'C5 H11 N O2 S'  149.211 
PRO 'L-peptide linking' y PROLINE           ? 'C5 H9 N O2'     115.130 
SER 'L-peptide linking' y SERINE            ? 'C3 H7 N O3'     105.093 
THR 'L-peptide linking' y THREONINE         ? 'C4 H9 N O3'     119.119 
TRP 'L-peptide linking' y TRYPTOPHAN        ? 'C11 H12 N2 O2'  204.225 
TYR 'L-peptide linking' y TYROSINE          ? 'C9 H11 N O3'    181.189 
VAL 'L-peptide linking' y VALINE            ? 'C5 H11 N O2'    117.146 
# 
_exptl.absorpt_coefficient_mu     ? 
_exptl.absorpt_correction_T_max   ? 
_exptl.absorpt_correction_T_min   ? 
_exptl.absorpt_correction_type    ? 
_exptl.absorpt_process_details    ? 
_exptl.entry_id                   6MHA 
_exptl.crystals_number            1 
_exptl.details                    ? 
_exptl.method                     'X-RAY DIFFRACTION' 
_exptl.method_details             ? 
# 
_exptl_crystal.colour                      ? 
_exptl_crystal.density_diffrn              ? 
_exptl_crystal.density_Matthews            3.42 
_exptl_crystal.density_method              ? 
_exptl_crystal.density_percent_sol         64.04 
_exptl_crystal.description                 ? 
_exptl_crystal.F_000                       ? 
_exptl_crystal.id                          1 
_exptl_crystal.preparation                 ? 
_exptl_crystal.size_max                    ? 
_exptl_crystal.size_mid                    ? 
_exptl_crystal.size_min                    ? 
_exptl_crystal.size_rad                    ? 
_exptl_crystal.colour_lustre               ? 
_exptl_crystal.colour_modifier             ? 
_exptl_crystal.colour_primary              ? 
_exptl_crystal.density_meas                ? 
_exptl_crystal.density_meas_esd            ? 
_exptl_crystal.density_meas_gt             ? 
_exptl_crystal.density_meas_lt             ? 
_exptl_crystal.density_meas_temp           ? 
_exptl_crystal.density_meas_temp_esd       ? 
_exptl_crystal.density_meas_temp_gt        ? 
_exptl_crystal.density_meas_temp_lt        ? 
_exptl_crystal.pdbx_crystal_image_url      ? 
_exptl_crystal.pdbx_crystal_image_format   ? 
_exptl_crystal.pdbx_mosaicity              ? 
_exptl_crystal.pdbx_mosaicity_esd          ? 
# 
_exptl_crystal_grow.apparatus       ? 
_exptl_crystal_grow.atmosphere      ? 
_exptl_crystal_grow.crystal_id      1 
_exptl_crystal_grow.details         ? 
_exptl_crystal_grow.method          'VAPOR DIFFUSION, HANGING DROP' 
_exptl_crystal_grow.method_ref      ? 
_exptl_crystal_grow.pH              ? 
_exptl_crystal_grow.pressure        ? 
_exptl_crystal_grow.pressure_esd    ? 
_exptl_crystal_grow.seeding         ? 
_exptl_crystal_grow.seeding_ref     ? 
_exptl_crystal_grow.temp            277 
_exptl_crystal_grow.temp_details    ? 
_exptl_crystal_grow.temp_esd        ? 
_exptl_crystal_grow.time            ? 
_exptl_crystal_grow.pdbx_details    '3.2 M Ammonium sulfate, 0.1 M MES' 
_exptl_crystal_grow.pdbx_pH_range   '5.5 - 6.5' 
# 
_diffrn.ambient_environment              ? 
_diffrn.ambient_temp                     100 
_diffrn.ambient_temp_details             ? 
_diffrn.ambient_temp_esd                 ? 
_diffrn.crystal_id                       1 
_diffrn.crystal_support                  ? 
_diffrn.crystal_treatment                ? 
_diffrn.details                          ? 
_diffrn.id                               1 
_diffrn.ambient_pressure                 ? 
_diffrn.ambient_pressure_esd             ? 
_diffrn.ambient_pressure_gt              ? 
_diffrn.ambient_pressure_lt              ? 
_diffrn.ambient_temp_gt                  ? 
_diffrn.ambient_temp_lt                  ? 
_diffrn.pdbx_serial_crystal_experiment   ? 
# 
_diffrn_detector.details                      ? 
_diffrn_detector.detector                     CCD 
_diffrn_detector.diffrn_id                    1 
_diffrn_detector.type                         'RAYONIX MX300-HS' 
_diffrn_detector.area_resol_mean              ? 
_diffrn_detector.dtime                        ? 
_diffrn_detector.pdbx_frames_total            ? 
_diffrn_detector.pdbx_collection_time_total   ? 
_diffrn_detector.pdbx_collection_date         2017-11-19 
_diffrn_detector.pdbx_frequency               ? 
# 
_diffrn_radiation.collimation                      ? 
_diffrn_radiation.diffrn_id                        1 
_diffrn_radiation.filter_edge                      ? 
_diffrn_radiation.inhomogeneity                    ? 
_diffrn_radiation.monochromator                    'Si(111)' 
_diffrn_radiation.polarisn_norm                    ? 
_diffrn_radiation.polarisn_ratio                   ? 
_diffrn_radiation.probe                            ? 
_diffrn_radiation.type                             ? 
_diffrn_radiation.xray_symbol                      ? 
_diffrn_radiation.wavelength_id                    1 
_diffrn_radiation.pdbx_monochromatic_or_laue_m_l   M 
_diffrn_radiation.pdbx_wavelength_list             ? 
_diffrn_radiation.pdbx_wavelength                  ? 
_diffrn_radiation.pdbx_diffrn_protocol             'SINGLE WAVELENGTH' 
_diffrn_radiation.pdbx_analyzer                    ? 
_diffrn_radiation.pdbx_scattering_type             x-ray 
# 
_diffrn_radiation_wavelength.id           1 
_diffrn_radiation_wavelength.wavelength   1 
_diffrn_radiation_wavelength.wt           1.0 
# 
_diffrn_source.current                     ? 
_diffrn_source.details                     ? 
_diffrn_source.diffrn_id                   1 
_diffrn_source.power                       ? 
_diffrn_source.size                        ? 
_diffrn_source.source                      SYNCHROTRON 
_diffrn_source.target                      ? 
_diffrn_source.type                        'APS BEAMLINE 22-ID' 
_diffrn_source.voltage                     ? 
_diffrn_source.take-off_angle              ? 
_diffrn_source.pdbx_wavelength_list        1 
_diffrn_source.pdbx_wavelength             ? 
_diffrn_source.pdbx_synchrotron_beamline   22-ID 
_diffrn_source.pdbx_synchrotron_site       APS 
# 
_reflns.B_iso_Wilson_estimate            22.920 
_reflns.entry_id                         6MHA 
_reflns.data_reduction_details           ? 
_reflns.data_reduction_method            ? 
_reflns.d_resolution_high                1.49 
_reflns.d_resolution_low                 38.347 
_reflns.details                          ? 
_reflns.limit_h_max                      ? 
_reflns.limit_h_min                      ? 
_reflns.limit_k_max                      ? 
_reflns.limit_k_min                      ? 
_reflns.limit_l_max                      ? 
_reflns.limit_l_min                      ? 
_reflns.number_all                       ? 
_reflns.number_obs                       30131 
_reflns.observed_criterion               ? 
_reflns.observed_criterion_F_max         ? 
_reflns.observed_criterion_F_min         ? 
_reflns.observed_criterion_I_max         ? 
_reflns.observed_criterion_I_min         ? 
_reflns.observed_criterion_sigma_F       ? 
_reflns.observed_criterion_sigma_I       ? 
_reflns.percent_possible_obs             96.700 
_reflns.R_free_details                   ? 
_reflns.Rmerge_F_all                     ? 
_reflns.Rmerge_F_obs                     ? 
_reflns.Friedel_coverage                 ? 
_reflns.number_gt                        ? 
_reflns.threshold_expression             ? 
_reflns.pdbx_redundancy                  3.533 
_reflns.pdbx_Rmerge_I_obs                0.038 
_reflns.pdbx_Rmerge_I_all                ? 
_reflns.pdbx_Rsym_value                  ? 
_reflns.pdbx_netI_over_av_sigmaI         ? 
_reflns.pdbx_netI_over_sigmaI            19.790 
_reflns.pdbx_res_netI_over_av_sigmaI_2   ? 
_reflns.pdbx_res_netI_over_sigmaI_2      ? 
_reflns.pdbx_chi_squared                 1.017 
_reflns.pdbx_scaling_rejects             ? 
_reflns.pdbx_d_res_high_opt              ? 
_reflns.pdbx_d_res_low_opt               ? 
_reflns.pdbx_d_res_opt_method            ? 
_reflns.phase_calculation_details        ? 
_reflns.pdbx_Rrim_I_all                  0.045 
_reflns.pdbx_Rpim_I_all                  ? 
_reflns.pdbx_d_opt                       ? 
_reflns.pdbx_number_measured_all         ? 
_reflns.pdbx_diffrn_id                   1 
_reflns.pdbx_ordinal                     1 
_reflns.pdbx_CC_half                     0.997 
_reflns.pdbx_R_split                     ? 
# 
loop_
_reflns_shell.d_res_high 
_reflns_shell.d_res_low 
_reflns_shell.meanI_over_sigI_all 
_reflns_shell.meanI_over_sigI_obs 
_reflns_shell.number_measured_all 
_reflns_shell.number_measured_obs 
_reflns_shell.number_possible 
_reflns_shell.number_unique_all 
_reflns_shell.number_unique_obs 
_reflns_shell.percent_possible_all 
_reflns_shell.percent_possible_obs 
_reflns_shell.Rmerge_F_all 
_reflns_shell.Rmerge_F_obs 
_reflns_shell.Rmerge_I_all 
_reflns_shell.Rmerge_I_obs 
_reflns_shell.meanI_over_sigI_gt 
_reflns_shell.meanI_over_uI_all 
_reflns_shell.meanI_over_uI_gt 
_reflns_shell.number_measured_gt 
_reflns_shell.number_unique_gt 
_reflns_shell.percent_possible_gt 
_reflns_shell.Rmerge_F_gt 
_reflns_shell.Rmerge_I_gt 
_reflns_shell.pdbx_redundancy 
_reflns_shell.pdbx_Rsym_value 
_reflns_shell.pdbx_chi_squared 
_reflns_shell.pdbx_netI_over_sigmaI_all 
_reflns_shell.pdbx_netI_over_sigmaI_obs 
_reflns_shell.pdbx_Rrim_I_all 
_reflns_shell.pdbx_Rpim_I_all 
_reflns_shell.pdbx_rejects 
_reflns_shell.pdbx_ordinal 
_reflns_shell.pdbx_diffrn_id 
_reflns_shell.pdbx_CC_half 
_reflns_shell.pdbx_R_split 
1.55  1.590  ? 2.950  ? ? ? ? 4101 81.600 ? ? ? ? 0.312 ? ? ? ? ? ? ? ? 2.469 ? ? ? ? 0.382 ? ? 1 1 0.906 ? 
1.590 1.700  ? 6.370  ? ? ? ? 4711 99.400 ? ? ? ? 0.186 ? ? ? ? ? ? ? ? 3.607 ? ? ? ? 0.219 ? ? 2 1 0.975 ? 
1.700 1.830  ? 12.040 ? ? ? ? 4389 99.300 ? ? ? ? 0.093 ? ? ? ? ? ? ? ? 3.587 ? ? ? ? 0.110 ? ? 3 1 0.991 ? 
1.830 2.010  ? 18.900 ? ? ? ? 4047 99.500 ? ? ? ? 0.057 ? ? ? ? ? ? ? ? 3.745 ? ? ? ? 0.066 ? ? 4 1 0.996 ? 
2.010 2.250  ? 26.830 ? ? ? ? 3644 99.900 ? ? ? ? 0.040 ? ? ? ? ? ? ? ? 3.796 ? ? ? ? 0.047 ? ? 5 1 0.998 ? 
2.250 2.590  ? 31.850 ? ? ? ? 3238 99.900 ? ? ? ? 0.034 ? ? ? ? ? ? ? ? 3.800 ? ? ? ? 0.039 ? ? 6 1 0.998 ? 
2.590 3.170  ? 35.830 ? ? ? ? 2736 99.900 ? ? ? ? 0.031 ? ? ? ? ? ? ? ? 3.807 ? ? ? ? 0.036 ? ? 7 1 0.998 ? 
3.170 4.480  ? 38.800 ? ? ? ? 2109 99.600 ? ? ? ? 0.035 ? ? ? ? ? ? ? ? 3.712 ? ? ? ? 0.041 ? ? 8 1 0.996 ? 
4.480 38.347 ? 38.070 ? ? ? ? 1156 98.700 ? ? ? ? 0.039 ? ? ? ? ? ? ? ? 3.503 ? ? ? ? 0.046 ? ? 9 1 0.995 ? 
# 
_refine.aniso_B[1][1]                            ? 
_refine.aniso_B[1][2]                            ? 
_refine.aniso_B[1][3]                            ? 
_refine.aniso_B[2][2]                            ? 
_refine.aniso_B[2][3]                            ? 
_refine.aniso_B[3][3]                            ? 
_refine.B_iso_max                                74.720 
_refine.B_iso_mean                               29.6315 
_refine.B_iso_min                                16.500 
_refine.correlation_coeff_Fo_to_Fc               ? 
_refine.correlation_coeff_Fo_to_Fc_free          ? 
_refine.details                                  ? 
_refine.diff_density_max                         ? 
_refine.diff_density_max_esd                     ? 
_refine.diff_density_min                         ? 
_refine.diff_density_min_esd                     ? 
_refine.diff_density_rms                         ? 
_refine.diff_density_rms_esd                     ? 
_refine.entry_id                                 6MHA 
_refine.pdbx_refine_id                           'X-RAY DIFFRACTION' 
_refine.ls_abs_structure_details                 ? 
_refine.ls_abs_structure_Flack                   ? 
_refine.ls_abs_structure_Flack_esd               ? 
_refine.ls_abs_structure_Rogers                  ? 
_refine.ls_abs_structure_Rogers_esd              ? 
_refine.ls_d_res_high                            1.4970 
_refine.ls_d_res_low                             38.3470 
_refine.ls_extinction_coef                       ? 
_refine.ls_extinction_coef_esd                   ? 
_refine.ls_extinction_expression                 ? 
_refine.ls_extinction_method                     ? 
_refine.ls_goodness_of_fit_all                   ? 
_refine.ls_goodness_of_fit_all_esd               ? 
_refine.ls_goodness_of_fit_obs                   ? 
_refine.ls_goodness_of_fit_obs_esd               ? 
_refine.ls_hydrogen_treatment                    ? 
_refine.ls_matrix_type                           ? 
_refine.ls_number_constraints                    ? 
_refine.ls_number_parameters                     ? 
_refine.ls_number_reflns_all                     ? 
_refine.ls_number_reflns_obs                     30105 
_refine.ls_number_reflns_R_free                  3009 
_refine.ls_number_reflns_R_work                  ? 
_refine.ls_number_restraints                     ? 
_refine.ls_percent_reflns_obs                    96.6600 
_refine.ls_percent_reflns_R_free                 10.0000 
_refine.ls_R_factor_all                          ? 
_refine.ls_R_factor_obs                          0.1968 
_refine.ls_R_factor_R_free                       0.2189 
_refine.ls_R_factor_R_free_error                 ? 
_refine.ls_R_factor_R_free_error_details         ? 
_refine.ls_R_factor_R_work                       0.1943 
_refine.ls_R_Fsqd_factor_obs                     ? 
_refine.ls_R_I_factor_obs                        ? 
_refine.ls_redundancy_reflns_all                 ? 
_refine.ls_redundancy_reflns_obs                 ? 
_refine.ls_restrained_S_all                      ? 
_refine.ls_restrained_S_obs                      ? 
_refine.ls_shift_over_esd_max                    ? 
_refine.ls_shift_over_esd_mean                   ? 
_refine.ls_structure_factor_coef                 ? 
_refine.ls_weighting_details                     ? 
_refine.ls_weighting_scheme                      ? 
_refine.ls_wR_factor_all                         ? 
_refine.ls_wR_factor_obs                         ? 
_refine.ls_wR_factor_R_free                      ? 
_refine.ls_wR_factor_R_work                      ? 
_refine.occupancy_max                            ? 
_refine.occupancy_min                            ? 
_refine.solvent_model_details                    ? 
_refine.solvent_model_param_bsol                 ? 
_refine.solvent_model_param_ksol                 ? 
_refine.ls_R_factor_gt                           ? 
_refine.ls_goodness_of_fit_gt                    ? 
_refine.ls_goodness_of_fit_ref                   ? 
_refine.ls_shift_over_su_max                     ? 
_refine.ls_shift_over_su_max_lt                  ? 
_refine.ls_shift_over_su_mean                    ? 
_refine.ls_shift_over_su_mean_lt                 ? 
_refine.pdbx_ls_sigma_I                          ? 
_refine.pdbx_ls_sigma_F                          1.350 
_refine.pdbx_ls_sigma_Fsqd                       ? 
_refine.pdbx_data_cutoff_high_absF               ? 
_refine.pdbx_data_cutoff_high_rms_absF           ? 
_refine.pdbx_data_cutoff_low_absF                ? 
_refine.pdbx_isotropic_thermal_model             ? 
_refine.pdbx_ls_cross_valid_method               THROUGHOUT 
_refine.pdbx_method_to_determine_struct          'MOLECULAR REPLACEMENT' 
_refine.pdbx_starting_model                      1KNE 
_refine.pdbx_stereochemistry_target_values       ? 
_refine.pdbx_R_Free_selection_details            ? 
_refine.pdbx_stereochem_target_val_spec_case     ? 
_refine.pdbx_overall_ESU_R                       ? 
_refine.pdbx_overall_ESU_R_Free                  ? 
_refine.pdbx_solvent_vdw_probe_radii             1.1100 
_refine.pdbx_solvent_ion_probe_radii             ? 
_refine.pdbx_solvent_shrinkage_radii             0.9000 
_refine.pdbx_real_space_R                        ? 
_refine.pdbx_density_correlation                 ? 
_refine.pdbx_pd_number_of_powder_patterns        ? 
_refine.pdbx_pd_number_of_points                 ? 
_refine.pdbx_pd_meas_number_of_points            ? 
_refine.pdbx_pd_proc_ls_prof_R_factor            ? 
_refine.pdbx_pd_proc_ls_prof_wR_factor           ? 
_refine.pdbx_pd_Marquardt_correlation_coeff      ? 
_refine.pdbx_pd_Fsqrd_R_factor                   ? 
_refine.pdbx_pd_ls_matrix_band_width             ? 
_refine.pdbx_overall_phase_error                 21.1800 
_refine.pdbx_overall_SU_R_free_Cruickshank_DPI   ? 
_refine.pdbx_overall_SU_R_free_Blow_DPI          ? 
_refine.pdbx_overall_SU_R_Blow_DPI               ? 
_refine.pdbx_TLS_residual_ADP_flag               ? 
_refine.pdbx_diffrn_id                           1 
_refine.overall_SU_B                             ? 
_refine.overall_SU_ML                            0.1700 
_refine.overall_SU_R_Cruickshank_DPI             ? 
_refine.overall_SU_R_free                        ? 
_refine.overall_FOM_free_R_set                   ? 
_refine.overall_FOM_work_R_set                   ? 
_refine.pdbx_average_fsc_overall                 ? 
_refine.pdbx_average_fsc_work                    ? 
_refine.pdbx_average_fsc_free                    ? 
# 
_refine_hist.cycle_id                         final 
_refine_hist.pdbx_refine_id                   'X-RAY DIFFRACTION' 
_refine_hist.d_res_high                       1.4970 
_refine_hist.d_res_low                        38.3470 
_refine_hist.pdbx_number_atoms_ligand         0 
_refine_hist.number_atoms_solvent             34 
_refine_hist.number_atoms_total               542 
_refine_hist.pdbx_number_residues_total       59 
_refine_hist.pdbx_B_iso_mean_solvent          40.06 
_refine_hist.pdbx_number_atoms_protein        508 
_refine_hist.pdbx_number_atoms_nucleic_acid   0 
# 
loop_
_refine_ls_restr.pdbx_refine_id 
_refine_ls_restr.criterion 
_refine_ls_restr.dev_ideal 
_refine_ls_restr.dev_ideal_target 
_refine_ls_restr.number 
_refine_ls_restr.rejects 
_refine_ls_restr.type 
_refine_ls_restr.weight 
_refine_ls_restr.pdbx_restraint_function 
'X-RAY DIFFRACTION' ? 0.006  ? 550 ? f_bond_d           ? ? 
'X-RAY DIFFRACTION' ? 0.804  ? 748 ? f_angle_d          ? ? 
'X-RAY DIFFRACTION' ? 0.081  ? 73  ? f_chiral_restr     ? ? 
'X-RAY DIFFRACTION' ? 0.005  ? 98  ? f_plane_restr      ? ? 
'X-RAY DIFFRACTION' ? 25.863 ? 218 ? f_dihedral_angle_d ? ? 
# 
loop_
_refine_ls_shell.pdbx_refine_id 
_refine_ls_shell.d_res_high 
_refine_ls_shell.d_res_low 
_refine_ls_shell.number_reflns_all 
_refine_ls_shell.number_reflns_obs 
_refine_ls_shell.number_reflns_R_free 
_refine_ls_shell.number_reflns_R_work 
_refine_ls_shell.percent_reflns_obs 
_refine_ls_shell.percent_reflns_R_free 
_refine_ls_shell.R_factor_all 
_refine_ls_shell.R_factor_obs 
_refine_ls_shell.R_factor_R_free 
_refine_ls_shell.R_factor_R_free_error 
_refine_ls_shell.R_factor_R_work 
_refine_ls_shell.redundancy_reflns_all 
_refine_ls_shell.redundancy_reflns_obs 
_refine_ls_shell.wR_factor_all 
_refine_ls_shell.wR_factor_obs 
_refine_ls_shell.wR_factor_R_free 
_refine_ls_shell.wR_factor_R_work 
_refine_ls_shell.pdbx_total_number_of_bins_used 
_refine_ls_shell.pdbx_phase_error 
_refine_ls_shell.pdbx_fsc_work 
_refine_ls_shell.pdbx_fsc_free 
'X-RAY DIFFRACTION' 1.4973 1.5218  618  . 61  557  42.0000  . . . 0.3314 0.0000 0.3246 . . . . . . 21 . . . 
'X-RAY DIFFRACTION' 1.5218 1.5481  1476 . 150 1326 96.0000  . . . 0.3427 0.0000 0.2830 . . . . . . 21 . . . 
'X-RAY DIFFRACTION' 1.5481 1.5762  1419 . 140 1279 98.0000  . . . 0.2533 0.0000 0.2309 . . . . . . 21 . . . 
'X-RAY DIFFRACTION' 1.5762 1.6065  1484 . 150 1334 99.0000  . . . 0.2304 0.0000 0.2245 . . . . . . 21 . . . 
'X-RAY DIFFRACTION' 1.6065 1.6393  1467 . 148 1319 100.0000 . . . 0.1790 0.0000 0.1954 . . . . . . 21 . . . 
'X-RAY DIFFRACTION' 1.6393 1.6750  1516 . 155 1361 99.0000  . . . 0.2325 0.0000 0.1945 . . . . . . 21 . . . 
'X-RAY DIFFRACTION' 1.6750 1.7140  1427 . 145 1282 99.0000  . . . 0.1941 0.0000 0.1794 . . . . . . 21 . . . 
'X-RAY DIFFRACTION' 1.7140 1.7568  1461 . 144 1317 99.0000  . . . 0.2204 0.0000 0.1801 . . . . . . 21 . . . 
'X-RAY DIFFRACTION' 1.7568 1.8043  1498 . 150 1348 100.0000 . . . 0.2233 0.0000 0.1787 . . . . . . 21 . . . 
'X-RAY DIFFRACTION' 1.8043 1.8574  1465 . 147 1318 99.0000  . . . 0.2634 0.0000 0.1851 . . . . . . 21 . . . 
'X-RAY DIFFRACTION' 1.8574 1.9174  1476 . 145 1331 99.0000  . . . 0.2274 0.0000 0.1850 . . . . . . 21 . . . 
'X-RAY DIFFRACTION' 1.9174 1.9859  1487 . 147 1340 100.0000 . . . 0.1882 0.0000 0.1852 . . . . . . 21 . . . 
'X-RAY DIFFRACTION' 1.9859 2.0654  1462 . 147 1315 100.0000 . . . 0.2077 0.0000 0.1955 . . . . . . 21 . . . 
'X-RAY DIFFRACTION' 2.0654 2.1594  1478 . 152 1326 100.0000 . . . 0.2032 0.0000 0.1902 . . . . . . 21 . . . 
'X-RAY DIFFRACTION' 2.1594 2.2732  1503 . 147 1356 100.0000 . . . 0.2362 0.0000 0.1915 . . . . . . 21 . . . 
'X-RAY DIFFRACTION' 2.2732 2.4156  1470 . 147 1323 100.0000 . . . 0.1940 0.0000 0.2060 . . . . . . 21 . . . 
'X-RAY DIFFRACTION' 2.4156 2.6021  1488 . 150 1338 100.0000 . . . 0.2587 0.0000 0.2176 . . . . . . 21 . . . 
'X-RAY DIFFRACTION' 2.6021 2.8639  1466 . 145 1321 100.0000 . . . 0.2062 0.0000 0.2094 . . . . . . 21 . . . 
'X-RAY DIFFRACTION' 2.8639 3.2781  1480 . 150 1330 100.0000 . . . 0.2011 0.0000 0.2071 . . . . . . 21 . . . 
'X-RAY DIFFRACTION' 3.2781 4.1293  1492 . 144 1348 100.0000 . . . 0.2282 0.0000 0.1643 . . . . . . 21 . . . 
'X-RAY DIFFRACTION' 4.1293 38.3601 1472 . 145 1327 99.0000  . . . 0.2153 0.0000 0.1954 . . . . . . 21 . . . 
# 
_struct.entry_id                     6MHA 
_struct.title                        'dHP1 Chromodomain Y24W variant bound to histone H3 peptide containing trimethyllysine' 
_struct.pdbx_model_details           ? 
_struct.pdbx_formula_weight          ? 
_struct.pdbx_formula_weight_method   ? 
_struct.pdbx_model_type_details      ? 
_struct.pdbx_CASP_flag               N 
# 
_struct_keywords.entry_id        6MHA 
_struct_keywords.text            'cation-pi epigenetics trimethyllysine chromodomain, PROTEIN BINDING' 
_struct_keywords.pdbx_keywords   'PROTEIN BINDING' 
# 
loop_
_struct_asym.id 
_struct_asym.pdbx_blank_PDB_chainid_flag 
_struct_asym.pdbx_modified 
_struct_asym.entity_id 
_struct_asym.details 
A N N 1 ? 
B N N 2 ? 
C N N 3 ? 
D N N 3 ? 
# 
loop_
_struct_conf.conf_type_id 
_struct_conf.id 
_struct_conf.pdbx_PDB_helix_id 
_struct_conf.beg_label_comp_id 
_struct_conf.beg_label_asym_id 
_struct_conf.beg_label_seq_id 
_struct_conf.pdbx_beg_PDB_ins_code 
_struct_conf.end_label_comp_id 
_struct_conf.end_label_asym_id 
_struct_conf.end_label_seq_id 
_struct_conf.pdbx_end_PDB_ins_code 
_struct_conf.beg_auth_comp_id 
_struct_conf.beg_auth_asym_id 
_struct_conf.beg_auth_seq_id 
_struct_conf.end_auth_comp_id 
_struct_conf.end_auth_asym_id 
_struct_conf.end_auth_seq_id 
_struct_conf.pdbx_PDB_helix_class 
_struct_conf.details 
_struct_conf.pdbx_PDB_helix_length 
HELX_P HELX_P1 AA1 PRO A 28 ? ASN A 32 ? PRO A 49 ASN A 53 5 ? 5  
HELX_P HELX_P2 AA2 CYS A 42 ? ARG A 53 ? CYS A 63 ARG A 74 1 ? 12 
# 
_struct_conf_type.id          HELX_P 
_struct_conf_type.criteria    ? 
_struct_conf_type.reference   ? 
# 
loop_
_struct_conn.id 
_struct_conn.conn_type_id 
_struct_conn.pdbx_leaving_atom_flag 
_struct_conn.pdbx_PDB_id 
_struct_conn.ptnr1_label_asym_id 
_struct_conn.ptnr1_label_comp_id 
_struct_conn.ptnr1_label_seq_id 
_struct_conn.ptnr1_label_atom_id 
_struct_conn.pdbx_ptnr1_label_alt_id 
_struct_conn.pdbx_ptnr1_PDB_ins_code 
_struct_conn.pdbx_ptnr1_standard_comp_id 
_struct_conn.ptnr1_symmetry 
_struct_conn.ptnr2_label_asym_id 
_struct_conn.ptnr2_label_comp_id 
_struct_conn.ptnr2_label_seq_id 
_struct_conn.ptnr2_label_atom_id 
_struct_conn.pdbx_ptnr2_label_alt_id 
_struct_conn.pdbx_ptnr2_PDB_ins_code 
_struct_conn.ptnr1_auth_asym_id 
_struct_conn.ptnr1_auth_comp_id 
_struct_conn.ptnr1_auth_seq_id 
_struct_conn.ptnr2_auth_asym_id 
_struct_conn.ptnr2_auth_comp_id 
_struct_conn.ptnr2_auth_seq_id 
_struct_conn.ptnr2_symmetry 
_struct_conn.pdbx_ptnr3_label_atom_id 
_struct_conn.pdbx_ptnr3_label_seq_id 
_struct_conn.pdbx_ptnr3_label_comp_id 
_struct_conn.pdbx_ptnr3_label_asym_id 
_struct_conn.pdbx_ptnr3_label_alt_id 
_struct_conn.pdbx_ptnr3_PDB_ins_code 
_struct_conn.details 
_struct_conn.pdbx_dist_value 
_struct_conn.pdbx_value_order 
_struct_conn.pdbx_role 
covale1 covale both ? B ARG 4 C ? ? ? 1_555 B M3L 5 N ? ? B ARG 0 B M3L 1 1_555 ? ? ? ? ? ? ? 1.335 ? ? 
covale2 covale both ? B M3L 5 C ? ? ? 1_555 B SER 6 N ? ? B M3L 1 B SER 2 1_555 ? ? ? ? ? ? ? 1.330 ? ? 
# 
_struct_conn_type.id          covale 
_struct_conn_type.criteria    ? 
_struct_conn_type.reference   ? 
# 
_struct_sheet.id               AA1 
_struct_sheet.type             ? 
_struct_sheet.number_strands   5 
_struct_sheet.details          ? 
# 
loop_
_struct_sheet_order.sheet_id 
_struct_sheet_order.range_id_1 
_struct_sheet_order.range_id_2 
_struct_sheet_order.offset 
_struct_sheet_order.sense 
AA1 1 2 ? anti-parallel 
AA1 2 3 ? anti-parallel 
AA1 3 4 ? anti-parallel 
AA1 4 5 ? anti-parallel 
# 
loop_
_struct_sheet_range.sheet_id 
_struct_sheet_range.id 
_struct_sheet_range.beg_label_comp_id 
_struct_sheet_range.beg_label_asym_id 
_struct_sheet_range.beg_label_seq_id 
_struct_sheet_range.pdbx_beg_PDB_ins_code 
_struct_sheet_range.end_label_comp_id 
_struct_sheet_range.end_label_asym_id 
_struct_sheet_range.end_label_seq_id 
_struct_sheet_range.pdbx_end_PDB_ins_code 
_struct_sheet_range.beg_auth_comp_id 
_struct_sheet_range.beg_auth_asym_id 
_struct_sheet_range.beg_auth_seq_id 
_struct_sheet_range.end_auth_comp_id 
_struct_sheet_range.end_auth_asym_id 
_struct_sheet_range.end_auth_seq_id 
AA1 1 THR A 33 ? PRO A 36 ? THR A 54 PRO A 57 
AA1 2 MET A 17 ? TRP A 24 ? MET A 38 TRP A 45 
AA1 3 GLU A 2  ? ARG A 14 ? GLU A 23 ARG A 35 
AA1 4 THR B 2  ? ARG B 4  ? THR B -2 ARG B 0  
AA1 5 LEU A 40 ? ASP A 41 ? LEU A 61 ASP A 62 
# 
loop_
_pdbx_struct_sheet_hbond.sheet_id 
_pdbx_struct_sheet_hbond.range_id_1 
_pdbx_struct_sheet_hbond.range_id_2 
_pdbx_struct_sheet_hbond.range_1_label_atom_id 
_pdbx_struct_sheet_hbond.range_1_label_comp_id 
_pdbx_struct_sheet_hbond.range_1_label_asym_id 
_pdbx_struct_sheet_hbond.range_1_label_seq_id 
_pdbx_struct_sheet_hbond.range_1_PDB_ins_code 
_pdbx_struct_sheet_hbond.range_1_auth_atom_id 
_pdbx_struct_sheet_hbond.range_1_auth_comp_id 
_pdbx_struct_sheet_hbond.range_1_auth_asym_id 
_pdbx_struct_sheet_hbond.range_1_auth_seq_id 
_pdbx_struct_sheet_hbond.range_2_label_atom_id 
_pdbx_struct_sheet_hbond.range_2_label_comp_id 
_pdbx_struct_sheet_hbond.range_2_label_asym_id 
_pdbx_struct_sheet_hbond.range_2_label_seq_id 
_pdbx_struct_sheet_hbond.range_2_PDB_ins_code 
_pdbx_struct_sheet_hbond.range_2_auth_atom_id 
_pdbx_struct_sheet_hbond.range_2_auth_comp_id 
_pdbx_struct_sheet_hbond.range_2_auth_asym_id 
_pdbx_struct_sheet_hbond.range_2_auth_seq_id 
AA1 1 2 O THR A 33 ? O THR A 54 N LEU A 22 ? N LEU A 43 
AA1 2 3 O TYR A 21 ? O TYR A 42 N ILE A 9  ? N ILE A 30 
AA1 3 4 N TRP A 3  ? N TRP A 24 O ALA B 3  ? O ALA B -1 
AA1 4 5 O THR B 2  ? O THR B -2 N ASP A 41 ? N ASP A 62 
# 
_atom_sites.entry_id                    6MHA 
_atom_sites.fract_transf_matrix[1][1]   0.00691302 
_atom_sites.fract_transf_matrix[1][2]   0.02762598 
_atom_sites.fract_transf_matrix[1][3]   -0.00732995 
_atom_sites.fract_transf_matrix[2][1]   -0.00470427 
_atom_sites.fract_transf_matrix[2][2]   -0.00200526 
_atom_sites.fract_transf_matrix[2][3]   -0.01199434 
_atom_sites.fract_transf_matrix[3][1]   -0.01179702 
_atom_sites.fract_transf_matrix[3][2]   0.00400215 
_atom_sites.fract_transf_matrix[3][3]   0.00395779 
_atom_sites.fract_transf_vector[1]      -0.312411 
_atom_sites.fract_transf_vector[2]      -0.132998 
_atom_sites.fract_transf_vector[3]      0.059636 
# 
loop_
_atom_type.symbol 
C 
N 
O 
S 
# 
loop_
_atom_site.group_PDB 
_atom_site.id 
_atom_site.type_symbol 
_atom_site.label_atom_id 
_atom_site.label_alt_id 
_atom_site.label_comp_id 
_atom_site.label_asym_id 
_atom_site.label_entity_id 
_atom_site.label_seq_id 
_atom_site.pdbx_PDB_ins_code 
_atom_site.Cartn_x 
_atom_site.Cartn_y 
_atom_site.Cartn_z 
_atom_site.occupancy 
_atom_site.B_iso_or_equiv 
_atom_site.pdbx_formal_charge 
_atom_site.auth_seq_id 
_atom_site.auth_comp_id 
_atom_site.auth_asym_id 
_atom_site.auth_atom_id 
_atom_site.pdbx_PDB_model_num 
ATOM   1   N N   . GLU A 1 1  ? -5.230  -7.964  11.347  1.00 63.02 ? 22  GLU A N   1 
ATOM   2   C CA  . GLU A 1 1  ? -4.549  -8.974  10.548  1.00 51.76 ? 22  GLU A CA  1 
ATOM   3   C C   . GLU A 1 1  ? -4.193  -8.435  9.169   1.00 42.49 ? 22  GLU A C   1 
ATOM   4   O O   . GLU A 1 1  ? -3.673  -7.323  9.042   1.00 42.72 ? 22  GLU A O   1 
ATOM   5   C CB  . GLU A 1 1  ? -5.393  -10.254 10.439  1.00 53.73 ? 22  GLU A CB  1 
ATOM   6   C CG  . GLU A 1 1  ? -6.819  -10.067 9.914   1.00 58.73 ? 22  GLU A CG  1 
ATOM   7   C CD  . GLU A 1 1  ? -7.789  -9.601  10.979  1.00 64.53 ? 22  GLU A CD  1 
ATOM   8   O OE1 . GLU A 1 1  ? -7.334  -9.045  12.001  1.00 67.35 ? 22  GLU A OE1 1 
ATOM   9   O OE2 . GLU A 1 1  ? -9.009  -9.795  10.798  1.00 65.18 ? 22  GLU A OE2 1 
ATOM   10  N N   . GLU A 1 2  ? -4.486  -9.236  8.147   1.00 40.37 ? 23  GLU A N   1 
ATOM   11  C CA  . GLU A 1 2  ? -4.180  -8.928  6.762   1.00 42.18 ? 23  GLU A CA  1 
ATOM   12  C C   . GLU A 1 2  ? -5.455  -8.807  5.940   1.00 37.40 ? 23  GLU A C   1 
ATOM   13  O O   . GLU A 1 2  ? -6.446  -9.497  6.192   1.00 37.22 ? 23  GLU A O   1 
ATOM   14  C CB  . GLU A 1 2  ? -3.306  -10.019 6.157   1.00 48.57 ? 23  GLU A CB  1 
ATOM   15  C CG  . GLU A 1 2  ? -1.928  -10.032 6.760   1.00 62.11 ? 23  GLU A CG  1 
ATOM   16  C CD  . GLU A 1 2  ? -0.874  -10.223 5.708   1.00 71.81 ? 23  GLU A CD  1 
ATOM   17  O OE1 . GLU A 1 2  ? -0.238  -11.301 5.637   1.00 74.72 ? 23  GLU A OE1 1 
ATOM   18  O OE2 . GLU A 1 2  ? -0.709  -9.259  4.935   1.00 70.08 ? 23  GLU A OE2 1 
ATOM   19  N N   . TRP A 1 3  ? -5.418  -7.919  4.948   1.00 27.62 ? 24  TRP A N   1 
ATOM   20  C CA  . TRP A 1 3  ? -6.573  -7.689  4.092   1.00 28.21 ? 24  TRP A CA  1 
ATOM   21  C C   . TRP A 1 3  ? -6.130  -7.552  2.644   1.00 26.77 ? 24  TRP A C   1 
ATOM   22  O O   . TRP A 1 3  ? -5.019  -7.105  2.355   1.00 25.01 ? 24  TRP A O   1 
ATOM   23  C CB  . TRP A 1 3  ? -7.330  -6.419  4.479   1.00 29.24 ? 24  TRP A CB  1 
ATOM   24  C CG  . TRP A 1 3  ? -8.111  -6.528  5.757   1.00 38.74 ? 24  TRP A CG  1 
ATOM   25  C CD1 . TRP A 1 3  ? -9.420  -6.899  5.899   1.00 37.12 ? 24  TRP A CD1 1 
ATOM   26  C CD2 . TRP A 1 3  ? -7.631  -6.246  7.072   1.00 44.70 ? 24  TRP A CD2 1 
ATOM   27  N NE1 . TRP A 1 3  ? -9.781  -6.867  7.222   1.00 43.31 ? 24  TRP A NE1 1 
ATOM   28  C CE2 . TRP A 1 3  ? -8.699  -6.469  7.964   1.00 47.28 ? 24  TRP A CE2 1 
ATOM   29  C CE3 . TRP A 1 3  ? -6.401  -5.826  7.583   1.00 39.29 ? 24  TRP A CE3 1 
ATOM   30  C CZ2 . TRP A 1 3  ? -8.571  -6.288  9.339   1.00 44.62 ? 24  TRP A CZ2 1 
ATOM   31  C CZ3 . TRP A 1 3  ? -6.277  -5.645  8.941   1.00 39.25 ? 24  TRP A CZ3 1 
ATOM   32  C CH2 . TRP A 1 3  ? -7.353  -5.877  9.808   1.00 45.40 ? 24  TRP A CH2 1 
ATOM   33  N N   . ALA A 1 4  ? -7.032  -7.910  1.734   1.00 26.25 ? 25  ALA A N   1 
ATOM   34  C CA  . ALA A 1 4  ? -6.739  -7.833  0.312   1.00 22.31 ? 25  ALA A CA  1 
ATOM   35  C C   . ALA A 1 4  ? -6.613  -6.384  -0.138  1.00 21.08 ? 25  ALA A C   1 
ATOM   36  O O   . ALA A 1 4  ? -7.464  -5.542  0.172   1.00 23.45 ? 25  ALA A O   1 
ATOM   37  C CB  . ALA A 1 4  ? -7.845  -8.523  -0.480  1.00 23.35 ? 25  ALA A CB  1 
ATOM   38  N N   . VAL A 1 5  ? -5.552  -6.109  -0.896  1.00 19.88 ? 26  VAL A N   1 
ATOM   39  C CA  . VAL A 1 5  ? -5.273  -4.796  -1.463  1.00 18.93 ? 26  VAL A CA  1 
ATOM   40  C C   . VAL A 1 5  ? -5.738  -4.782  -2.912  1.00 21.39 ? 26  VAL A C   1 
ATOM   41  O O   . VAL A 1 5  ? -5.419  -5.697  -3.686  1.00 21.54 ? 26  VAL A O   1 
ATOM   42  C CB  . VAL A 1 5  ? -3.771  -4.476  -1.374  1.00 18.91 ? 26  VAL A CB  1 
ATOM   43  C CG1 . VAL A 1 5  ? -3.454  -3.158  -2.059  1.00 20.49 ? 26  VAL A CG1 1 
ATOM   44  C CG2 . VAL A 1 5  ? -3.324  -4.462  0.096   1.00 21.32 ? 26  VAL A CG2 1 
ATOM   45  N N   . GLU A 1 6  ? -6.500  -3.749  -3.281  1.00 19.85 ? 27  GLU A N   1 
ATOM   46  C CA  . GLU A 1 6  ? -6.936  -3.585  -4.662  1.00 19.79 ? 27  GLU A CA  1 
ATOM   47  C C   . GLU A 1 6  ? -5.860  -2.907  -5.507  1.00 18.52 ? 27  GLU A C   1 
ATOM   48  O O   . GLU A 1 6  ? -5.497  -3.407  -6.581  1.00 20.95 ? 27  GLU A O   1 
ATOM   49  C CB  . GLU A 1 6  ? -8.239  -2.785  -4.687  1.00 19.13 ? 27  GLU A CB  1 
ATOM   50  C CG  . GLU A 1 6  ? -8.775  -2.485  -6.100  1.00 19.41 ? 27  GLU A CG  1 
ATOM   51  C CD  . GLU A 1 6  ? -10.145 -1.841  -6.074  1.00 27.28 ? 27  GLU A CD  1 
ATOM   52  O OE1 . GLU A 1 6  ? -10.842 -1.936  -5.043  1.00 25.39 ? 27  GLU A OE1 1 
ATOM   53  O OE2 . GLU A 1 6  ? -10.520 -1.219  -7.089  1.00 34.41 ? 27  GLU A OE2 1 
ATOM   54  N N   . LYS A 1 7  ? -5.341  -1.774  -5.041  1.00 17.78 ? 28  LYS A N   1 
ATOM   55  C CA  . LYS A 1 7  ? -4.344  -1.029  -5.800  1.00 19.39 ? 28  LYS A CA  1 
ATOM   56  C C   . LYS A 1 7  ? -3.609  -0.067  -4.878  1.00 17.10 ? 28  LYS A C   1 
ATOM   57  O O   . LYS A 1 7  ? -4.106  0.332   -3.815  1.00 18.07 ? 28  LYS A O   1 
ATOM   58  C CB  . LYS A 1 7  ? -4.962  -0.257  -6.982  1.00 20.83 ? 28  LYS A CB  1 
ATOM   59  C CG  . LYS A 1 7  ? -5.989  0.778   -6.562  1.00 22.36 ? 28  LYS A CG  1 
ATOM   60  C CD  . LYS A 1 7  ? -6.594  1.495   -7.782  1.00 28.20 ? 28  LYS A CD  1 
ATOM   61  C CE  . LYS A 1 7  ? -7.615  2.539   -7.341  1.00 35.95 ? 28  LYS A CE  1 
ATOM   62  N NZ  . LYS A 1 7  ? -8.213  3.281   -8.493  1.00 39.86 ? 28  LYS A NZ  1 
ATOM   63  N N   . ILE A 1 8  ? -2.405  0.291   -5.298  1.00 17.35 ? 29  ILE A N   1 
ATOM   64  C CA  . ILE A 1 8  ? -1.641  1.364   -4.673  1.00 16.50 ? 29  ILE A CA  1 
ATOM   65  C C   . ILE A 1 8  ? -1.999  2.665   -5.374  1.00 17.56 ? 29  ILE A C   1 
ATOM   66  O O   . ILE A 1 8  ? -1.871  2.775   -6.601  1.00 20.14 ? 29  ILE A O   1 
ATOM   67  C CB  . ILE A 1 8  ? -0.132  1.087   -4.780  1.00 18.08 ? 29  ILE A CB  1 
ATOM   68  C CG1 . ILE A 1 8  ? 0.220   -0.186  -4.020  1.00 18.92 ? 29  ILE A CG1 1 
ATOM   69  C CG2 . ILE A 1 8  ? 0.664   2.277   -4.263  1.00 18.61 ? 29  ILE A CG2 1 
ATOM   70  C CD1 . ILE A 1 8  ? 1.662   -0.641  -4.257  1.00 19.42 ? 29  ILE A CD1 1 
ATOM   71  N N   . ILE A 1 9  ? -2.408  3.663   -4.597  1.00 18.27 ? 30  ILE A N   1 
ATOM   72  C CA  . ILE A 1 9  ? -2.834  4.942   -5.147  1.00 20.40 ? 30  ILE A CA  1 
ATOM   73  C C   . ILE A 1 9  ? -1.705  5.964   -5.170  1.00 22.89 ? 30  ILE A C   1 
ATOM   74  O O   . ILE A 1 9  ? -1.617  6.775   -6.097  1.00 24.95 ? 30  ILE A O   1 
ATOM   75  C CB  . ILE A 1 9  ? -4.040  5.460   -4.343  1.00 22.59 ? 30  ILE A CB  1 
ATOM   76  C CG1 . ILE A 1 9  ? -5.226  4.532   -4.548  1.00 27.66 ? 30  ILE A CG1 1 
ATOM   77  C CG2 . ILE A 1 9  ? -4.376  6.888   -4.742  1.00 27.03 ? 30  ILE A CG2 1 
ATOM   78  C CD1 . ILE A 1 9  ? -6.295  4.715   -3.519  1.00 34.01 ? 30  ILE A CD1 1 
ATOM   79  N N   . ASP A 1 10 ? -0.832  5.946   -4.165  1.00 20.31 ? 31  ASP A N   1 
ATOM   80  C CA  . ASP A 1 10 ? 0.195   6.970   -4.050  1.00 21.73 ? 31  ASP A CA  1 
ATOM   81  C C   . ASP A 1 10 ? 1.301   6.436   -3.152  1.00 20.67 ? 31  ASP A C   1 
ATOM   82  O O   . ASP A 1 10 ? 1.166   5.378   -2.536  1.00 19.65 ? 31  ASP A O   1 
ATOM   83  C CB  . ASP A 1 10 ? -0.413  8.260   -3.486  1.00 22.07 ? 31  ASP A CB  1 
ATOM   84  C CG  . ASP A 1 10 ? 0.453   9.489   -3.731  1.00 27.92 ? 31  ASP A CG  1 
ATOM   85  O OD1 . ASP A 1 10 ? 1.492   9.400   -4.415  1.00 29.07 ? 31  ASP A OD1 1 
ATOM   86  O OD2 . ASP A 1 10 ? 0.071   10.570  -3.234  1.00 34.66 ? 31  ASP A OD2 1 
ATOM   87  N N   . ARG A 1 11 ? 2.399   7.191   -3.078  1.00 21.82 ? 32  ARG A N   1 
ATOM   88  C CA  . ARG A 1 11 ? 3.566   6.816   -2.297  1.00 21.25 ? 32  ARG A CA  1 
ATOM   89  C C   . ARG A 1 11 ? 4.116   8.077   -1.654  1.00 22.15 ? 32  ARG A C   1 
ATOM   90  O O   . ARG A 1 11 ? 4.040   9.161   -2.236  1.00 26.53 ? 32  ARG A O   1 
ATOM   91  C CB  . ARG A 1 11 ? 4.623   6.215   -3.230  1.00 22.99 ? 32  ARG A CB  1 
ATOM   92  C CG  . ARG A 1 11 ? 5.922   5.784   -2.591  1.00 23.55 ? 32  ARG A CG  1 
ATOM   93  C CD  . ARG A 1 11 ? 6.947   5.529   -3.707  1.00 28.50 ? 32  ARG A CD  1 
ATOM   94  N NE  . ARG A 1 11 ? 8.254   5.110   -3.206  1.00 36.55 ? 32  ARG A NE  1 
ATOM   95  C CZ  . ARG A 1 11 ? 9.180   5.948   -2.751  1.00 40.01 ? 32  ARG A CZ  1 
ATOM   96  N NH1 . ARG A 1 11 ? 8.940   7.252   -2.724  1.00 39.87 ? 32  ARG A NH1 1 
ATOM   97  N NH2 . ARG A 1 11 ? 10.344  5.485   -2.317  1.00 43.78 ? 32  ARG A NH2 1 
ATOM   98  N N   . ARG A 1 12 ? 4.648   7.943   -0.441  1.00 20.63 ? 33  ARG A N   1 
ATOM   99  C CA  . ARG A 1 12 ? 5.319   9.075   0.190   1.00 21.11 ? 33  ARG A CA  1 
ATOM   100 C C   . ARG A 1 12 ? 6.393   8.533   1.110   1.00 23.23 ? 33  ARG A C   1 
ATOM   101 O O   . ARG A 1 12 ? 6.457   7.335   1.386   1.00 22.47 ? 33  ARG A O   1 
ATOM   102 C CB  . ARG A 1 12 ? 4.348   9.948   0.990   1.00 23.11 ? 33  ARG A CB  1 
ATOM   103 C CG  . ARG A 1 12 ? 3.838   9.292   2.257   1.00 22.63 ? 33  ARG A CG  1 
ATOM   104 C CD  . ARG A 1 12 ? 2.688   10.083  2.905   1.00 22.68 ? 33  ARG A CD  1 
ATOM   105 N NE  . ARG A 1 12 ? 2.293   9.461   4.159   1.00 23.90 ? 33  ARG A NE  1 
ATOM   106 C CZ  . ARG A 1 12 ? 1.278   9.879   4.914   1.00 25.75 ? 33  ARG A CZ  1 
ATOM   107 N NH1 . ARG A 1 12 ? 0.547   10.910  4.521   1.00 30.96 ? 33  ARG A NH1 1 
ATOM   108 N NH2 . ARG A 1 12 ? 0.994   9.258   6.047   1.00 26.30 ? 33  ARG A NH2 1 
ATOM   109 N N   . VAL A 1 13 ? 7.242   9.438   1.588   1.00 22.40 ? 34  VAL A N   1 
ATOM   110 C CA  . VAL A 1 13 ? 8.197   9.140   2.645   1.00 22.98 ? 34  VAL A CA  1 
ATOM   111 C C   . VAL A 1 13 ? 7.771   9.948   3.853   1.00 23.78 ? 34  VAL A C   1 
ATOM   112 O O   . VAL A 1 13 ? 7.558   11.164  3.753   1.00 25.17 ? 34  VAL A O   1 
ATOM   113 C CB  . VAL A 1 13 ? 9.639   9.476   2.232   1.00 24.36 ? 34  VAL A CB  1 
ATOM   114 C CG1 . VAL A 1 13 ? 10.583  9.263   3.415   1.00 25.45 ? 34  VAL A CG1 1 
ATOM   115 C CG2 . VAL A 1 13 ? 10.055  8.608   1.061   1.00 27.57 ? 34  VAL A CG2 1 
ATOM   116 N N   A ARG A 1 14 ? 7.614   9.272   4.987   0.52 21.68 ? 35  ARG A N   1 
ATOM   117 N N   B ARG A 1 14 ? 7.636   9.278   4.994   0.48 21.55 ? 35  ARG A N   1 
ATOM   118 C CA  A ARG A 1 14 ? 7.281   9.921   6.246   0.52 24.35 ? 35  ARG A CA  1 
ATOM   119 C CA  B ARG A 1 14 ? 7.276   9.938   6.242   0.48 24.53 ? 35  ARG A CA  1 
ATOM   120 C C   A ARG A 1 14 ? 8.144   9.311   7.332   0.52 25.83 ? 35  ARG A C   1 
ATOM   121 C C   B ARG A 1 14 ? 8.094   9.322   7.363   0.48 25.43 ? 35  ARG A C   1 
ATOM   122 O O   A ARG A 1 14 ? 8.232   8.084   7.439   0.52 25.24 ? 35  ARG A O   1 
ATOM   123 O O   B ARG A 1 14 ? 8.109   8.098   7.524   0.48 26.38 ? 35  ARG A O   1 
ATOM   124 C CB  A ARG A 1 14 ? 5.802   9.730   6.597   0.52 27.00 ? 35  ARG A CB  1 
ATOM   125 C CB  B ARG A 1 14 ? 5.776   9.788   6.528   0.48 26.74 ? 35  ARG A CB  1 
ATOM   126 C CG  A ARG A 1 14 ? 4.863   10.602  5.798   0.52 26.41 ? 35  ARG A CG  1 
ATOM   127 C CG  B ARG A 1 14 ? 5.255   10.694  7.634   0.48 25.91 ? 35  ARG A CG  1 
ATOM   128 C CD  A ARG A 1 14 ? 5.036   12.075  6.138   0.52 32.67 ? 35  ARG A CD  1 
ATOM   129 C CD  B ARG A 1 14 ? 3.783   10.425  7.924   0.48 26.27 ? 35  ARG A CD  1 
ATOM   130 N NE  A ARG A 1 14 ? 4.063   12.907  5.432   0.52 33.97 ? 35  ARG A NE  1 
ATOM   131 N NE  B ARG A 1 14 ? 3.562   9.032   8.299   0.48 27.37 ? 35  ARG A NE  1 
ATOM   132 C CZ  A ARG A 1 14 ? 4.195   13.298  4.170   0.52 33.42 ? 35  ARG A CZ  1 
ATOM   133 C CZ  B ARG A 1 14 ? 3.646   8.572   9.539   0.48 32.25 ? 35  ARG A CZ  1 
ATOM   134 N NH1 A ARG A 1 14 ? 5.251   12.925  3.463   0.52 27.40 ? 35  ARG A NH1 1 
ATOM   135 N NH1 B ARG A 1 14 ? 3.940   9.396   10.533  0.48 33.35 ? 35  ARG A NH1 1 
ATOM   136 N NH2 A ARG A 1 14 ? 3.260   14.053  3.609   0.52 40.16 ? 35  ARG A NH2 1 
ATOM   137 N NH2 B ARG A 1 14 ? 3.435   7.287   9.786   0.48 39.24 ? 35  ARG A NH2 1 
ATOM   138 N N   . LYS A 1 15 ? 8.795   10.170  8.118   1.00 24.88 ? 36  LYS A N   1 
ATOM   139 C CA  . LYS A 1 15 ? 9.649   9.724   9.218   1.00 30.40 ? 36  LYS A CA  1 
ATOM   140 C C   . LYS A 1 15 ? 10.697  8.714   8.754   1.00 29.52 ? 36  LYS A C   1 
ATOM   141 O O   . LYS A 1 15 ? 11.033  7.769   9.469   1.00 33.83 ? 36  LYS A O   1 
ATOM   142 C CB  . LYS A 1 15 ? 8.829   9.202   10.397  1.00 36.51 ? 36  LYS A CB  1 
ATOM   143 C CG  . LYS A 1 15 ? 7.939   10.270  11.006  1.00 45.61 ? 36  LYS A CG  1 
ATOM   144 C CD  . LYS A 1 15 ? 6.932   9.684   11.973  1.00 56.86 ? 36  LYS A CD  1 
ATOM   145 C CE  . LYS A 1 15 ? 6.334   10.769  12.851  1.00 62.13 ? 36  LYS A CE  1 
ATOM   146 N NZ  . LYS A 1 15 ? 7.384   11.448  13.654  1.00 69.96 ? 36  LYS A NZ  1 
ATOM   147 N N   . GLY A 1 16 ? 11.199  8.893   7.537   1.00 24.77 ? 37  GLY A N   1 
ATOM   148 C CA  . GLY A 1 16 ? 12.220  8.013   7.006   1.00 25.94 ? 37  GLY A CA  1 
ATOM   149 C C   . GLY A 1 16 ? 11.739  6.694   6.448   1.00 29.86 ? 37  GLY A C   1 
ATOM   150 O O   . GLY A 1 16 ? 12.572  5.882   6.028   1.00 32.46 ? 37  GLY A O   1 
ATOM   151 N N   . MET A 1 17 ? 10.426  6.457   6.405   1.00 25.42 ? 38  MET A N   1 
ATOM   152 C CA  . MET A 1 17 ? 9.864   5.211   5.910   1.00 26.56 ? 38  MET A CA  1 
ATOM   153 C C   . MET A 1 17 ? 9.027   5.480   4.670   1.00 24.73 ? 38  MET A C   1 
ATOM   154 O O   . MET A 1 17 ? 8.278   6.462   4.611   1.00 26.04 ? 38  MET A O   1 
ATOM   155 C CB  . MET A 1 17 ? 8.978   4.559   6.978   1.00 31.94 ? 38  MET A CB  1 
ATOM   156 N N   . VAL A 1 18 ? 9.155   4.597   3.680   1.00 24.99 ? 39  VAL A N   1 
ATOM   157 C CA  . VAL A 1 18 ? 8.271   4.631   2.521   1.00 22.31 ? 39  VAL A CA  1 
ATOM   158 C C   . VAL A 1 18 ? 6.897   4.135   2.940   1.00 24.52 ? 39  VAL A C   1 
ATOM   159 O O   . VAL A 1 18 ? 6.774   3.096   3.603   1.00 23.24 ? 39  VAL A O   1 
ATOM   160 C CB  . VAL A 1 18 ? 8.842   3.758   1.395   1.00 23.31 ? 39  VAL A CB  1 
ATOM   161 C CG1 . VAL A 1 18 ? 7.861   3.659   0.247   1.00 25.66 ? 39  VAL A CG1 1 
ATOM   162 C CG2 . VAL A 1 18 ? 10.191  4.314   0.941   1.00 25.91 ? 39  VAL A CG2 1 
ATOM   163 N N   . GLU A 1 19 ? 5.858   4.896   2.589   1.00 20.90 ? 40  GLU A N   1 
ATOM   164 C CA  . GLU A 1 19 ? 4.485   4.487   2.822   1.00 19.89 ? 40  GLU A CA  1 
ATOM   165 C C   . GLU A 1 19 ? 3.715   4.533   1.516   1.00 19.47 ? 40  GLU A C   1 
ATOM   166 O O   . GLU A 1 19 ? 3.984   5.361   0.644   1.00 19.62 ? 40  GLU A O   1 
ATOM   167 C CB  . GLU A 1 19 ? 3.789   5.395   3.839   1.00 20.37 ? 40  GLU A CB  1 
ATOM   168 C CG  . GLU A 1 19 ? 4.455   5.412   5.205   1.00 20.78 ? 40  GLU A CG  1 
ATOM   169 C CD  . GLU A 1 19 ? 3.733   6.310   6.193   1.00 26.90 ? 40  GLU A CD  1 
ATOM   170 O OE1 . GLU A 1 19 ? 3.070   7.274   5.755   1.00 28.39 ? 40  GLU A OE1 1 
ATOM   171 O OE2 . GLU A 1 19 ? 3.830   6.041   7.405   1.00 39.31 ? 40  GLU A OE2 1 
ATOM   172 N N   . TYR A 1 20 ? 2.739   3.635   1.399   1.00 18.03 ? 41  TYR A N   1 
ATOM   173 C CA  . TYR A 1 20 ? 1.891   3.524   0.222   1.00 17.60 ? 41  TYR A CA  1 
ATOM   174 C C   . TYR A 1 20 ? 0.449   3.769   0.628   1.00 17.04 ? 41  TYR A C   1 
ATOM   175 O O   . TYR A 1 20 ? -0.006  3.301   1.679   1.00 18.71 ? 41  TYR A O   1 
ATOM   176 C CB  . TYR A 1 20 ? 2.008   2.134   -0.412  1.00 17.79 ? 41  TYR A CB  1 
ATOM   177 C CG  . TYR A 1 20 ? 3.334   1.882   -1.075  1.00 18.43 ? 41  TYR A CG  1 
ATOM   178 C CD1 . TYR A 1 20 ? 3.677   2.535   -2.244  1.00 17.34 ? 41  TYR A CD1 1 
ATOM   179 C CD2 . TYR A 1 20 ? 4.230   0.980   -0.531  1.00 24.18 ? 41  TYR A CD2 1 
ATOM   180 C CE1 . TYR A 1 20 ? 4.895   2.306   -2.863  1.00 21.31 ? 41  TYR A CE1 1 
ATOM   181 C CE2 . TYR A 1 20 ? 5.448   0.739   -1.143  1.00 24.64 ? 41  TYR A CE2 1 
ATOM   182 C CZ  . TYR A 1 20 ? 5.764   1.405   -2.296  1.00 22.06 ? 41  TYR A CZ  1 
ATOM   183 O OH  . TYR A 1 20 ? 6.987   1.149   -2.884  1.00 28.95 ? 41  TYR A OH  1 
ATOM   184 N N   . TYR A 1 21 ? -0.269  4.511   -0.210  1.00 16.82 ? 42  TYR A N   1 
ATOM   185 C CA  . TYR A 1 21 ? -1.669  4.811   0.057   1.00 17.78 ? 42  TYR A CA  1 
ATOM   186 C C   . TYR A 1 21 ? -2.489  3.758   -0.669  1.00 17.76 ? 42  TYR A C   1 
ATOM   187 O O   . TYR A 1 21 ? -2.397  3.641   -1.897  1.00 18.81 ? 42  TYR A O   1 
ATOM   188 C CB  . TYR A 1 21 ? -2.006  6.220   -0.430  1.00 19.61 ? 42  TYR A CB  1 
ATOM   189 C CG  . TYR A 1 21 ? -3.349  6.762   0.014   1.00 19.54 ? 42  TYR A CG  1 
ATOM   190 C CD1 . TYR A 1 21 ? -3.663  6.882   1.360   1.00 22.57 ? 42  TYR A CD1 1 
ATOM   191 C CD2 . TYR A 1 21 ? -4.276  7.198   -0.922  1.00 23.10 ? 42  TYR A CD2 1 
ATOM   192 C CE1 . TYR A 1 21 ? -4.878  7.400   1.770   1.00 23.03 ? 42  TYR A CE1 1 
ATOM   193 C CE2 . TYR A 1 21 ? -5.496  7.721   -0.518  1.00 25.17 ? 42  TYR A CE2 1 
ATOM   194 C CZ  . TYR A 1 21 ? -5.779  7.813   0.828   1.00 24.25 ? 42  TYR A CZ  1 
ATOM   195 O OH  . TYR A 1 21 ? -6.992  8.333   1.263   1.00 29.38 ? 42  TYR A OH  1 
ATOM   196 N N   . LEU A 1 22 ? -3.241  2.965   0.087   1.00 17.46 ? 43  LEU A N   1 
ATOM   197 C CA  . LEU A 1 22 ? -3.862  1.750   -0.430  1.00 17.44 ? 43  LEU A CA  1 
ATOM   198 C C   . LEU A 1 22 ? -5.372  1.886   -0.539  1.00 17.57 ? 43  LEU A C   1 
ATOM   199 O O   . LEU A 1 22 ? -6.028  2.391   0.376   1.00 19.10 ? 43  LEU A O   1 
ATOM   200 C CB  . LEU A 1 22 ? -3.578  0.566   0.493   1.00 18.30 ? 43  LEU A CB  1 
ATOM   201 C CG  . LEU A 1 22 ? -2.109  0.287   0.760   1.00 18.18 ? 43  LEU A CG  1 
ATOM   202 C CD1 . LEU A 1 22 ? -1.994  -1.016  1.527   1.00 20.69 ? 43  LEU A CD1 1 
ATOM   203 C CD2 . LEU A 1 22 ? -1.352  0.217   -0.574  1.00 20.82 ? 43  LEU A CD2 1 
ATOM   204 N N   . LYS A 1 23 ? -5.917  1.389   -1.649  1.00 17.18 ? 44  LYS A N   1 
ATOM   205 C CA  . LYS A 1 23 ? -7.341  1.083   -1.770  1.00 17.42 ? 44  LYS A CA  1 
ATOM   206 C C   . LYS A 1 23 ? -7.528  -0.385  -1.410  1.00 18.94 ? 44  LYS A C   1 
ATOM   207 O O   . LYS A 1 23 ? -6.886  -1.261  -2.002  1.00 18.38 ? 44  LYS A O   1 
ATOM   208 C CB  . LYS A 1 23 ? -7.816  1.334   -3.204  1.00 20.36 ? 44  LYS A CB  1 
ATOM   209 C CG  . LYS A 1 23 ? -9.240  0.817   -3.526  1.00 21.12 ? 44  LYS A CG  1 
ATOM   210 C CD  . LYS A 1 23 ? -10.307 1.546   -2.729  1.00 21.98 ? 44  LYS A CD  1 
ATOM   211 C CE  . LYS A 1 23 ? -11.710 1.171   -3.202  1.00 21.95 ? 44  LYS A CE  1 
ATOM   212 N NZ  . LYS A 1 23 ? -11.975 -0.300  -3.094  1.00 22.79 ? 44  LYS A NZ  1 
ATOM   213 N N   . TRP A 1 24 ? -8.386  -0.653  -0.428  1.00 19.07 ? 45  TRP A N   1 
ATOM   214 C CA  . TRP A 1 24 ? -8.609  -2.005  0.049   1.00 17.84 ? 45  TRP A CA  1 
ATOM   215 C C   . TRP A 1 24 ? -9.741  -2.636  -0.740  1.00 20.88 ? 45  TRP A C   1 
ATOM   216 O O   . TRP A 1 24 ? -10.774 -2.000  -0.972  1.00 20.38 ? 45  TRP A O   1 
ATOM   217 C CB  . TRP A 1 24 ? -8.971  -1.966  1.536   1.00 19.81 ? 45  TRP A CB  1 
ATOM   218 C CG  . TRP A 1 24 ? -7.877  -1.350  2.388   1.00 18.77 ? 45  TRP A CG  1 
ATOM   219 C CD1 . TRP A 1 24 ? -7.813  -0.060  2.848   1.00 21.39 ? 45  TRP A CD1 1 
ATOM   220 C CD2 . TRP A 1 24 ? -6.701  -2.006  2.877   1.00 20.09 ? 45  TRP A CD2 1 
ATOM   221 N NE1 . TRP A 1 24 ? -6.663  0.123   3.585   1.00 21.19 ? 45  TRP A NE1 1 
ATOM   222 C CE2 . TRP A 1 24 ? -5.966  -1.057  3.623   1.00 20.06 ? 45  TRP A CE2 1 
ATOM   223 C CE3 . TRP A 1 24 ? -6.210  -3.310  2.771   1.00 20.57 ? 45  TRP A CE3 1 
ATOM   224 C CZ2 . TRP A 1 24 ? -4.755  -1.369  4.253   1.00 19.89 ? 45  TRP A CZ2 1 
ATOM   225 C CZ3 . TRP A 1 24 ? -5.010  -3.622  3.391   1.00 21.11 ? 45  TRP A CZ3 1 
ATOM   226 C CH2 . TRP A 1 24 ? -4.295  -2.652  4.128   1.00 22.03 ? 45  TRP A CH2 1 
ATOM   227 N N   . LYS A 1 25 ? -9.537  -3.883  -1.166  1.00 20.88 ? 46  LYS A N   1 
ATOM   228 C CA  . LYS A 1 25 ? -10.551 -4.567  -1.962  1.00 22.38 ? 46  LYS A CA  1 
ATOM   229 C C   . LYS A 1 25 ? -11.831 -4.726  -1.152  1.00 22.48 ? 46  LYS A C   1 
ATOM   230 O O   . LYS A 1 25 ? -11.801 -5.217  -0.021  1.00 23.84 ? 46  LYS A O   1 
ATOM   231 C CB  . LYS A 1 25 ? -10.035 -5.938  -2.388  1.00 23.55 ? 46  LYS A CB  1 
ATOM   232 C CG  . LYS A 1 25 ? -11.077 -6.821  -3.050  1.00 32.20 ? 46  LYS A CG  1 
ATOM   233 C CD  . LYS A 1 25 ? -10.509 -8.204  -3.331  1.00 40.58 ? 46  LYS A CD  1 
ATOM   234 C CE  . LYS A 1 25 ? -11.537 -9.091  -4.017  1.00 51.60 ? 46  LYS A CE  1 
ATOM   235 N NZ  . LYS A 1 25 ? -11.965 -8.521  -5.323  1.00 58.58 ? 46  LYS A NZ  1 
ATOM   236 N N   . GLY A 1 26 ? -12.947 -4.308  -1.744  1.00 20.06 ? 47  GLY A N   1 
ATOM   237 C CA  . GLY A 1 26 ? -14.249 -4.436  -1.109  1.00 22.06 ? 47  GLY A CA  1 
ATOM   238 C C   . GLY A 1 26 ? -14.575 -3.405  -0.045  1.00 24.44 ? 47  GLY A C   1 
ATOM   239 O O   . GLY A 1 26 ? -15.634 -3.517  0.583   1.00 23.71 ? 47  GLY A O   1 
ATOM   240 N N   . TYR A 1 27 ? -13.710 -2.403  0.187   1.00 21.20 ? 48  TYR A N   1 
ATOM   241 C CA  . TYR A 1 27 ? -13.971 -1.306  1.115   1.00 22.10 ? 48  TYR A CA  1 
ATOM   242 C C   . TYR A 1 27 ? -14.056 0.011   0.353   1.00 23.54 ? 48  TYR A C   1 
ATOM   243 O O   . TYR A 1 27 ? -13.398 0.179   -0.684  1.00 23.91 ? 48  TYR A O   1 
ATOM   244 C CB  . TYR A 1 27 ? -12.845 -1.208  2.156   1.00 22.57 ? 48  TYR A CB  1 
ATOM   245 C CG  . TYR A 1 27 ? -12.857 -2.355  3.134   1.00 22.28 ? 48  TYR A CG  1 
ATOM   246 C CD1 . TYR A 1 27 ? -12.413 -3.617  2.760   1.00 22.41 ? 48  TYR A CD1 1 
ATOM   247 C CD2 . TYR A 1 27 ? -13.338 -2.187  4.429   1.00 23.52 ? 48  TYR A CD2 1 
ATOM   248 C CE1 . TYR A 1 27 ? -12.433 -4.677  3.653   1.00 23.43 ? 48  TYR A CE1 1 
ATOM   249 C CE2 . TYR A 1 27 ? -13.361 -3.243  5.328   1.00 23.99 ? 48  TYR A CE2 1 
ATOM   250 C CZ  . TYR A 1 27 ? -12.918 -4.488  4.927   1.00 25.44 ? 48  TYR A CZ  1 
ATOM   251 O OH  . TYR A 1 27 ? -12.940 -5.544  5.812   1.00 26.48 ? 48  TYR A OH  1 
ATOM   252 N N   . PRO A 1 28 ? -14.857 0.963   0.826   1.00 23.18 ? 49  PRO A N   1 
ATOM   253 C CA  . PRO A 1 28 ? -14.958 2.253   0.132   1.00 22.56 ? 49  PRO A CA  1 
ATOM   254 C C   . PRO A 1 28 ? -13.657 3.044   0.177   1.00 23.36 ? 49  PRO A C   1 
ATOM   255 O O   . PRO A 1 28 ? -12.756 2.777   0.976   1.00 22.70 ? 49  PRO A O   1 
ATOM   256 C CB  . PRO A 1 28 ? -16.083 2.979   0.886   1.00 24.44 ? 49  PRO A CB  1 
ATOM   257 C CG  . PRO A 1 28 ? -16.663 1.967   1.827   1.00 29.20 ? 49  PRO A CG  1 
ATOM   258 C CD  . PRO A 1 28 ? -15.605 0.977   2.101   1.00 23.39 ? 49  PRO A CD  1 
ATOM   259 N N   . GLU A 1 29 ? -13.566 4.033   -0.721  1.00 25.05 ? 50  GLU A N   1 
ATOM   260 C CA  . GLU A 1 29 ? -12.391 4.899   -0.773  1.00 25.85 ? 50  GLU A CA  1 
ATOM   261 C C   . GLU A 1 29 ? -12.165 5.614   0.550   1.00 26.30 ? 50  GLU A C   1 
ATOM   262 O O   . GLU A 1 29 ? -11.025 5.972   0.868   1.00 26.90 ? 50  GLU A O   1 
ATOM   263 C CB  . GLU A 1 29 ? -12.550 5.944   -1.881  1.00 31.73 ? 50  GLU A CB  1 
ATOM   264 C CG  . GLU A 1 29 ? -12.925 5.408   -3.251  1.00 42.39 ? 50  GLU A CG  1 
ATOM   265 C CD  . GLU A 1 29 ? -11.734 4.946   -4.065  1.00 56.09 ? 50  GLU A CD  1 
ATOM   266 O OE1 . GLU A 1 29 ? -11.941 4.184   -5.033  1.00 62.15 ? 50  GLU A OE1 1 
ATOM   267 O OE2 . GLU A 1 29 ? -10.593 5.343   -3.746  1.00 58.53 ? 50  GLU A OE2 1 
ATOM   268 N N   . THR A 1 30 ? -13.231 5.844   1.327   1.00 26.01 ? 51  THR A N   1 
ATOM   269 C CA  . THR A 1 30 ? -13.071 6.482   2.630   1.00 26.83 ? 51  THR A CA  1 
ATOM   270 C C   . THR A 1 30 ? -12.192 5.667   3.559   1.00 28.00 ? 51  THR A C   1 
ATOM   271 O O   . THR A 1 30 ? -11.658 6.220   4.527   1.00 28.72 ? 51  THR A O   1 
ATOM   272 C CB  . THR A 1 30 ? -14.432 6.720   3.294   1.00 31.01 ? 51  THR A CB  1 
ATOM   273 O OG1 . THR A 1 30 ? -15.135 5.473   3.417   1.00 33.98 ? 51  THR A OG1 1 
ATOM   274 C CG2 . THR A 1 30 ? -15.267 7.698   2.483   1.00 36.13 ? 51  THR A CG2 1 
ATOM   275 N N   . GLU A 1 31 ? -12.014 4.372   3.283   1.00 22.88 ? 52  GLU A N   1 
ATOM   276 C CA  . GLU A 1 31 ? -11.168 3.528   4.113   1.00 23.50 ? 52  GLU A CA  1 
ATOM   277 C C   . GLU A 1 31 ? -9.730  3.450   3.616   1.00 20.88 ? 52  GLU A C   1 
ATOM   278 O O   . GLU A 1 31 ? -8.934  2.726   4.217   1.00 22.62 ? 52  GLU A O   1 
ATOM   279 C CB  . GLU A 1 31 ? -11.759 2.115   4.223   1.00 22.76 ? 52  GLU A CB  1 
ATOM   280 C CG  . GLU A 1 31 ? -13.132 2.052   4.898   1.00 24.77 ? 52  GLU A CG  1 
ATOM   281 C CD  . GLU A 1 31 ? -13.075 2.311   6.393   1.00 31.16 ? 52  GLU A CD  1 
ATOM   282 O OE1 . GLU A 1 31 ? -11.985 2.182   6.993   1.00 32.38 ? 52  GLU A OE1 1 
ATOM   283 O OE2 . GLU A 1 31 ? -14.129 2.626   6.980   1.00 32.90 ? 52  GLU A OE2 1 
ATOM   284 N N   . ASN A 1 32 ? -9.377  4.170   2.551   1.00 21.42 ? 53  ASN A N   1 
ATOM   285 C CA  . ASN A 1 32 ? -7.994  4.148   2.084   1.00 20.05 ? 53  ASN A CA  1 
ATOM   286 C C   . ASN A 1 32 ? -7.070  4.608   3.203   1.00 21.43 ? 53  ASN A C   1 
ATOM   287 O O   . ASN A 1 32 ? -7.388  5.537   3.951   1.00 24.32 ? 53  ASN A O   1 
ATOM   288 C CB  . ASN A 1 32 ? -7.818  5.087   0.893   1.00 21.28 ? 53  ASN A CB  1 
ATOM   289 C CG  . ASN A 1 32 ? -8.547  4.622   -0.348  1.00 22.60 ? 53  ASN A CG  1 
ATOM   290 O OD1 . ASN A 1 32 ? -9.168  3.563   -0.373  1.00 20.85 ? 53  ASN A OD1 1 
ATOM   291 N ND2 . ASN A 1 32 ? -8.487  5.438   -1.394  1.00 32.07 ? 53  ASN A ND2 1 
ATOM   292 N N   . THR A 1 33 ? -5.915  3.960   3.312   1.00 20.04 ? 54  THR A N   1 
ATOM   293 C CA  . THR A 1 33 ? -4.976  4.272   4.374   1.00 21.79 ? 54  THR A CA  1 
ATOM   294 C C   . THR A 1 33 ? -3.562  4.253   3.831   1.00 20.55 ? 54  THR A C   1 
ATOM   295 O O   . THR A 1 33 ? -3.244  3.528   2.881   1.00 19.44 ? 54  THR A O   1 
ATOM   296 C CB  . THR A 1 33 ? -5.048  3.283   5.541   1.00 21.74 ? 54  THR A CB  1 
ATOM   297 O OG1 . THR A 1 33 ? -4.870  1.945   5.063   1.00 24.70 ? 54  THR A OG1 1 
ATOM   298 C CG2 . THR A 1 33 ? -6.375  3.416   6.290   1.00 25.18 ? 54  THR A CG2 1 
ATOM   299 N N   . TRP A 1 34 ? -2.722  5.068   4.458   1.00 21.02 ? 55  TRP A N   1 
ATOM   300 C CA  . TRP A 1 34 ? -1.286  5.017   4.257   1.00 19.45 ? 55  TRP A CA  1 
ATOM   301 C C   . TRP A 1 34 ? -0.691  3.923   5.131   1.00 19.82 ? 55  TRP A C   1 
ATOM   302 O O   . TRP A 1 34 ? -0.917  3.885   6.348   1.00 24.69 ? 55  TRP A O   1 
ATOM   303 C CB  . TRP A 1 34 ? -0.677  6.353   4.667   1.00 20.93 ? 55  TRP A CB  1 
ATOM   304 C CG  . TRP A 1 34 ? -0.955  7.471   3.722   1.00 21.52 ? 55  TRP A CG  1 
ATOM   305 C CD1 . TRP A 1 34 ? -1.888  8.467   3.871   1.00 24.43 ? 55  TRP A CD1 1 
ATOM   306 C CD2 . TRP A 1 34 ? -0.270  7.739   2.502   1.00 19.97 ? 55  TRP A CD2 1 
ATOM   307 N NE1 . TRP A 1 34 ? -1.831  9.325   2.800   1.00 23.92 ? 55  TRP A NE1 1 
ATOM   308 C CE2 . TRP A 1 34 ? -0.846  8.899   1.943   1.00 22.88 ? 55  TRP A CE2 1 
ATOM   309 C CE3 . TRP A 1 34 ? 0.779   7.107   1.819   1.00 19.61 ? 55  TRP A CE3 1 
ATOM   310 C CZ2 . TRP A 1 34 ? -0.403  9.441   0.737   1.00 22.82 ? 55  TRP A CZ2 1 
ATOM   311 C CZ3 . TRP A 1 34 ? 1.205   7.638   0.617   1.00 21.63 ? 55  TRP A CZ3 1 
ATOM   312 C CH2 . TRP A 1 34 ? 0.623   8.796   0.088   1.00 22.00 ? 55  TRP A CH2 1 
ATOM   313 N N   . GLU A 1 35 ? 0.080   3.036   4.508   1.00 19.03 ? 56  GLU A N   1 
ATOM   314 C CA  . GLU A 1 35 ? 0.704   1.937   5.230   1.00 22.06 ? 56  GLU A CA  1 
ATOM   315 C C   . GLU A 1 35 ? 2.197   1.914   4.949   1.00 19.15 ? 56  GLU A C   1 
ATOM   316 O O   . GLU A 1 35 ? 2.615   2.088   3.803   1.00 21.02 ? 56  GLU A O   1 
ATOM   317 C CB  . GLU A 1 35 ? 0.118   0.588   4.783   1.00 18.95 ? 56  GLU A CB  1 
ATOM   318 C CG  . GLU A 1 35 ? -1.383  0.466   4.982   1.00 19.17 ? 56  GLU A CG  1 
ATOM   319 C CD  . GLU A 1 35 ? -1.818  0.542   6.445   1.00 24.20 ? 56  GLU A CD  1 
ATOM   320 O OE1 . GLU A 1 35 ? -0.973  0.331   7.345   1.00 26.06 ? 56  GLU A OE1 1 
ATOM   321 O OE2 . GLU A 1 35 ? -3.010  0.825   6.696   1.00 25.56 ? 56  GLU A OE2 1 
ATOM   322 N N   . PRO A 1 36 ? 3.024   1.683   5.967   1.00 20.35 ? 57  PRO A N   1 
ATOM   323 C CA  . PRO A 1 36 ? 4.459   1.510   5.712   1.00 20.92 ? 57  PRO A CA  1 
ATOM   324 C C   . PRO A 1 36 ? 4.703   0.328   4.785   1.00 21.04 ? 57  PRO A C   1 
ATOM   325 O O   . PRO A 1 36 ? 3.970   -0.660  4.804   1.00 21.10 ? 57  PRO A O   1 
ATOM   326 C CB  . PRO A 1 36 ? 5.040   1.249   7.107   1.00 25.45 ? 57  PRO A CB  1 
ATOM   327 C CG  . PRO A 1 36 ? 3.889   0.689   7.896   1.00 27.33 ? 57  PRO A CG  1 
ATOM   328 C CD  . PRO A 1 36 ? 2.633   1.357   7.347   1.00 22.68 ? 57  PRO A CD  1 
ATOM   329 N N   . GLU A 1 37 ? 5.763   0.433   3.970   1.00 21.99 ? 58  GLU A N   1 
ATOM   330 C CA  A GLU A 1 37 ? 5.997   -0.580  2.947   0.58 24.84 ? 58  GLU A CA  1 
ATOM   331 C CA  B GLU A 1 37 ? 6.017   -0.579  2.947   0.42 24.77 ? 58  GLU A CA  1 
ATOM   332 C C   . GLU A 1 37 ? 6.116   -1.981  3.537   1.00 22.12 ? 58  GLU A C   1 
ATOM   333 O O   . GLU A 1 37 ? 5.691   -2.954  2.901   1.00 22.56 ? 58  GLU A O   1 
ATOM   334 C CB  A GLU A 1 37 ? 7.214   -0.221  2.094   0.58 26.68 ? 58  GLU A CB  1 
ATOM   335 C CB  B GLU A 1 37 ? 7.278   -0.231  2.151   0.42 26.53 ? 58  GLU A CB  1 
ATOM   336 C CG  A GLU A 1 37 ? 8.515   -0.110  2.859   0.58 24.56 ? 58  GLU A CG  1 
ATOM   337 C CG  B GLU A 1 37 ? 7.608   -1.230  1.047   0.42 27.06 ? 58  GLU A CG  1 
ATOM   338 C CD  A GLU A 1 37 ? 9.715   0.016   1.933   0.58 33.68 ? 58  GLU A CD  1 
ATOM   339 C CD  B GLU A 1 37 ? 8.622   -0.701  0.051   0.42 34.02 ? 58  GLU A CD  1 
ATOM   340 O OE1 A GLU A 1 37 ? 9.623   -0.458  0.781   0.58 38.34 ? 58  GLU A OE1 1 
ATOM   341 O OE1 B GLU A 1 37 ? 9.403   0.199   0.418   0.42 37.07 ? 58  GLU A OE1 1 
ATOM   342 O OE2 A GLU A 1 37 ? 10.742  0.586   2.357   0.58 37.50 ? 58  GLU A OE2 1 
ATOM   343 O OE2 B GLU A 1 37 ? 8.630   -1.184  -1.104  0.42 29.18 ? 58  GLU A OE2 1 
ATOM   344 N N   . ASN A 1 38 ? 6.650   -2.111  4.758   1.00 24.86 ? 59  ASN A N   1 
ATOM   345 C CA  A ASN A 1 38 ? 6.794   -3.444  5.330   0.49 25.14 ? 59  ASN A CA  1 
ATOM   346 C CA  B ASN A 1 38 ? 6.797   -3.443  5.327   0.51 25.22 ? 59  ASN A CA  1 
ATOM   347 C C   . ASN A 1 38 ? 5.465   -4.076  5.723   1.00 24.24 ? 59  ASN A C   1 
ATOM   348 O O   . ASN A 1 38 ? 5.435   -5.280  6.002   1.00 24.59 ? 59  ASN A O   1 
ATOM   349 C CB  A ASN A 1 38 ? 7.774   -3.433  6.504   0.49 26.84 ? 59  ASN A CB  1 
ATOM   350 C CB  B ASN A 1 38 ? 7.805   -3.454  6.486   0.51 26.82 ? 59  ASN A CB  1 
ATOM   351 C CG  A ASN A 1 38 ? 9.216   -3.457  6.048   0.49 29.91 ? 59  ASN A CG  1 
ATOM   352 C CG  B ASN A 1 38 ? 7.537   -2.374  7.521   0.51 26.32 ? 59  ASN A CG  1 
ATOM   353 O OD1 A ASN A 1 38 ? 9.540   -4.048  5.017   0.49 34.52 ? 59  ASN A OD1 1 
ATOM   354 O OD1 B ASN A 1 38 ? 7.233   -1.221  7.191   0.51 27.36 ? 59  ASN A OD1 1 
ATOM   355 N ND2 A ASN A 1 38 ? 10.091  -2.818  6.812   0.49 38.04 ? 59  ASN A ND2 1 
ATOM   356 N ND2 B ASN A 1 38 ? 7.655   -2.744  8.794   0.51 26.71 ? 59  ASN A ND2 1 
ATOM   357 N N   . ASN A 1 39 ? 4.368   -3.310  5.734   1.00 19.19 ? 60  ASN A N   1 
ATOM   358 C CA  . ASN A 1 39 ? 3.053   -3.895  5.969   1.00 20.07 ? 60  ASN A CA  1 
ATOM   359 C C   . ASN A 1 39 ? 2.500   -4.603  4.732   1.00 20.43 ? 60  ASN A C   1 
ATOM   360 O O   . ASN A 1 39 ? 1.542   -5.370  4.847   1.00 21.70 ? 60  ASN A O   1 
ATOM   361 C CB  . ASN A 1 39 ? 2.058   -2.813  6.401   1.00 20.55 ? 60  ASN A CB  1 
ATOM   362 C CG  . ASN A 1 39 ? 2.097   -2.538  7.877   1.00 21.79 ? 60  ASN A CG  1 
ATOM   363 O OD1 . ASN A 1 39 ? 2.979   -3.012  8.597   1.00 25.87 ? 60  ASN A OD1 1 
ATOM   364 N ND2 . ASN A 1 39 ? 1.136   -1.755  8.340   1.00 25.08 ? 60  ASN A ND2 1 
ATOM   365 N N   . LEU A 1 40 ? 3.093   -4.399  3.565   1.00 20.45 ? 61  LEU A N   1 
ATOM   366 C CA  . LEU A 1 40 ? 2.528   -4.946  2.339   1.00 20.72 ? 61  LEU A CA  1 
ATOM   367 C C   . LEU A 1 40 ? 3.163   -6.282  1.985   1.00 21.42 ? 61  LEU A C   1 
ATOM   368 O O   . LEU A 1 40 ? 4.385   -6.437  2.034   1.00 22.46 ? 61  LEU A O   1 
ATOM   369 C CB  . LEU A 1 40 ? 2.760   -3.980  1.172   1.00 21.75 ? 61  LEU A CB  1 
ATOM   370 C CG  . LEU A 1 40 ? 1.828   -2.776  1.029   1.00 20.39 ? 61  LEU A CG  1 
ATOM   371 C CD1 . LEU A 1 40 ? 1.887   -1.838  2.220   1.00 21.61 ? 61  LEU A CD1 1 
ATOM   372 C CD2 . LEU A 1 40 ? 2.191   -2.019  -0.251  1.00 23.08 ? 61  LEU A CD2 1 
ATOM   373 N N   . ASP A 1 41 ? 2.322   -7.227  1.565   1.00 22.28 ? 62  ASP A N   1 
ATOM   374 C CA  . ASP A 1 41 ? 2.751   -8.398  0.805   1.00 25.21 ? 62  ASP A CA  1 
ATOM   375 C C   . ASP A 1 41 ? 2.127   -8.270  -0.580  1.00 25.26 ? 62  ASP A C   1 
ATOM   376 O O   . ASP A 1 41 ? 1.152   -8.937  -0.914  1.00 24.15 ? 62  ASP A O   1 
ATOM   377 C CB  . ASP A 1 41 ? 2.292   -9.686  1.503   1.00 26.74 ? 62  ASP A CB  1 
ATOM   378 C CG  . ASP A 1 41 ? 2.821   -10.947 0.825   1.00 32.56 ? 62  ASP A CG  1 
ATOM   379 O OD1 . ASP A 1 41 ? 2.351   -12.045 1.184   1.00 37.98 ? 62  ASP A OD1 1 
ATOM   380 O OD2 . ASP A 1 41 ? 3.702   -10.844 -0.052  1.00 39.21 ? 62  ASP A OD2 1 
ATOM   381 N N   . CYS A 1 42 ? 2.686   -7.359  -1.365  1.00 22.68 ? 63  CYS A N   1 
ATOM   382 C CA  . CYS A 1 42 ? 2.106   -6.928  -2.633  1.00 23.31 ? 63  CYS A CA  1 
ATOM   383 C C   . CYS A 1 42 ? 3.205   -6.707  -3.647  1.00 22.89 ? 63  CYS A C   1 
ATOM   384 O O   . CYS A 1 42 ? 3.309   -5.639  -4.251  1.00 24.41 ? 63  CYS A O   1 
ATOM   385 C CB  . CYS A 1 42 ? 1.378   -5.593  -2.489  1.00 28.24 ? 63  CYS A CB  1 
ATOM   386 S SG  . CYS A 1 42 ? -0.076  -5.577  -1.489  1.00 26.64 ? 63  CYS A SG  1 
ATOM   387 N N   . GLN A 1 43 ? 4.074   -7.704  -3.826  1.00 25.63 ? 64  GLN A N   1 
ATOM   388 C CA  . GLN A 1 43 ? 5.233   -7.470  -4.677  1.00 32.30 ? 64  GLN A CA  1 
ATOM   389 C C   . GLN A 1 43 ? 4.832   -7.082  -6.096  1.00 24.75 ? 64  GLN A C   1 
ATOM   390 O O   . GLN A 1 43 ? 5.432   -6.174  -6.675  1.00 27.06 ? 64  GLN A O   1 
ATOM   391 C CB  . GLN A 1 43 ? 6.209   -8.644  -4.639  1.00 40.51 ? 64  GLN A CB  1 
ATOM   392 C CG  . GLN A 1 43 ? 7.353   -8.422  -3.642  1.00 52.32 ? 64  GLN A CG  1 
ATOM   393 C CD  . GLN A 1 43 ? 7.805   -6.962  -3.572  1.00 53.73 ? 64  GLN A CD  1 
ATOM   394 O OE1 . GLN A 1 43 ? 7.769   -6.337  -2.508  1.00 42.08 ? 64  GLN A OE1 1 
ATOM   395 N NE2 . GLN A 1 43 ? 8.237   -6.417  -4.709  1.00 55.60 ? 64  GLN A NE2 1 
ATOM   396 N N   . ASP A 1 44 ? 3.790   -7.710  -6.648  1.00 25.37 ? 65  ASP A N   1 
ATOM   397 C CA  . ASP A 1 44 ? 3.375   -7.389  -8.015  1.00 24.41 ? 65  ASP A CA  1 
ATOM   398 C C   . ASP A 1 44 ? 2.878   -5.949  -8.112  1.00 21.37 ? 65  ASP A C   1 
ATOM   399 O O   . ASP A 1 44 ? 3.225   -5.216  -9.049  1.00 21.77 ? 65  ASP A O   1 
ATOM   400 C CB  . ASP A 1 44 ? 2.280   -8.352  -8.477  1.00 28.64 ? 65  ASP A CB  1 
ATOM   401 C CG  . ASP A 1 44 ? 2.822   -9.684  -8.945  1.00 43.21 ? 65  ASP A CG  1 
ATOM   402 O OD1 . ASP A 1 44 ? 4.005   -9.751  -9.342  1.00 45.56 ? 65  ASP A OD1 1 
ATOM   403 O OD2 . ASP A 1 44 ? 2.053   -10.668 -8.913  1.00 48.70 ? 65  ASP A OD2 1 
ATOM   404 N N   . LEU A 1 45 ? 2.047   -5.528  -7.161  1.00 21.82 ? 66  LEU A N   1 
ATOM   405 C CA  . LEU A 1 45 ? 1.530   -4.165  -7.206  1.00 19.60 ? 66  LEU A CA  1 
ATOM   406 C C   . LEU A 1 45 ? 2.638   -3.142  -6.997  1.00 19.11 ? 66  LEU A C   1 
ATOM   407 O O   . LEU A 1 45 ? 2.674   -2.113  -7.676  1.00 19.88 ? 66  LEU A O   1 
ATOM   408 C CB  . LEU A 1 45 ? 0.436   -3.966  -6.153  1.00 21.50 ? 66  LEU A CB  1 
ATOM   409 C CG  . LEU A 1 45 ? -0.888  -4.690  -6.341  1.00 21.78 ? 66  LEU A CG  1 
ATOM   410 C CD1 . LEU A 1 45 ? -1.811  -4.221  -5.232  1.00 22.87 ? 66  LEU A CD1 1 
ATOM   411 C CD2 . LEU A 1 45 ? -1.504  -4.404  -7.701  1.00 21.66 ? 66  LEU A CD2 1 
ATOM   412 N N   . ILE A 1 46 ? 3.560   -3.411  -6.070  1.00 20.24 ? 67  ILE A N   1 
ATOM   413 C CA  . ILE A 1 46 ? 4.632   -2.458  -5.807  1.00 20.08 ? 67  ILE A CA  1 
ATOM   414 C C   . ILE A 1 46 ? 5.529   -2.298  -7.031  1.00 20.79 ? 67  ILE A C   1 
ATOM   415 O O   . ILE A 1 46 ? 5.802   -1.177  -7.474  1.00 25.04 ? 67  ILE A O   1 
ATOM   416 C CB  . ILE A 1 46 ? 5.425   -2.875  -4.560  1.00 21.67 ? 67  ILE A CB  1 
ATOM   417 C CG1 . ILE A 1 46 ? 4.564   -2.739  -3.301  1.00 20.81 ? 67  ILE A CG1 1 
ATOM   418 C CG2 . ILE A 1 46 ? 6.693   -2.042  -4.448  1.00 25.22 ? 67  ILE A CG2 1 
ATOM   419 C CD1 . ILE A 1 46 ? 5.215   -3.388  -2.088  1.00 24.38 ? 67  ILE A CD1 1 
ATOM   420 N N   . GLN A 1 47 ? 5.976   -3.414  -7.618  1.00 22.42 ? 68  GLN A N   1 
ATOM   421 C CA  A GLN A 1 47 ? 6.831   -3.304  -8.796  0.60 24.51 ? 68  GLN A CA  1 
ATOM   422 C CA  B GLN A 1 47 ? 6.827   -3.327  -8.804  0.40 24.71 ? 68  GLN A CA  1 
ATOM   423 C C   . GLN A 1 47 ? 6.100   -2.648  -9.957  1.00 25.42 ? 68  GLN A C   1 
ATOM   424 O O   . GLN A 1 47 ? 6.704   -1.887  -10.723 1.00 27.37 ? 68  GLN A O   1 
ATOM   425 C CB  A GLN A 1 47 ? 7.434   -4.662  -9.175  0.60 28.46 ? 68  GLN A CB  1 
ATOM   426 C CB  B GLN A 1 47 ? 7.337   -4.712  -9.215  0.40 27.69 ? 68  GLN A CB  1 
ATOM   427 C CG  A GLN A 1 47 ? 6.440   -5.774  -9.443  0.60 27.49 ? 68  GLN A CG  1 
ATOM   428 C CG  B GLN A 1 47 ? 8.372   -4.675  -10.345 0.40 32.54 ? 68  GLN A CG  1 
ATOM   429 C CD  A GLN A 1 47 ? 6.179   -5.996  -10.909 0.60 28.22 ? 68  GLN A CD  1 
ATOM   430 C CD  B GLN A 1 47 ? 8.930   -6.049  -10.700 0.40 33.03 ? 68  GLN A CD  1 
ATOM   431 O OE1 A GLN A 1 47 ? 7.113   -6.062  -11.709 0.60 29.73 ? 68  GLN A OE1 1 
ATOM   432 O OE1 B GLN A 1 47 ? 8.664   -7.036  -10.015 0.40 44.28 ? 68  GLN A OE1 1 
ATOM   433 N NE2 A GLN A 1 47 ? 4.902   -6.123  -11.274 0.60 18.84 ? 68  GLN A NE2 1 
ATOM   434 N NE2 B GLN A 1 47 ? 9.718   -6.110  -11.768 0.40 22.32 ? 68  GLN A NE2 1 
ATOM   435 N N   . GLN A 1 48 ? 4.794   -2.896  -10.094 1.00 20.94 ? 69  GLN A N   1 
ATOM   436 C CA  . GLN A 1 48 ? 4.050   -2.237  -11.159 1.00 23.28 ? 69  GLN A CA  1 
ATOM   437 C C   . GLN A 1 48 ? 3.893   -0.749  -10.882 1.00 26.72 ? 69  GLN A C   1 
ATOM   438 O O   . GLN A 1 48 ? 3.975   0.071   -11.807 1.00 32.86 ? 69  GLN A O   1 
ATOM   439 C CB  . GLN A 1 48 ? 2.680   -2.887  -11.343 1.00 21.02 ? 69  GLN A CB  1 
ATOM   440 C CG  . GLN A 1 48 ? 1.868   -2.237  -12.457 1.00 20.80 ? 69  GLN A CG  1 
ATOM   441 C CD  . GLN A 1 48 ? 2.536   -2.406  -13.797 1.00 21.72 ? 69  GLN A CD  1 
ATOM   442 O OE1 . GLN A 1 48 ? 3.097   -1.460  -14.350 1.00 26.99 ? 69  GLN A OE1 1 
ATOM   443 N NE2 . GLN A 1 48 ? 2.470   -3.602  -14.326 1.00 20.65 ? 69  GLN A NE2 1 
ATOM   444 N N   . TYR A 1 49 ? 3.640   -0.375  -9.622  1.00 23.07 ? 70  TYR A N   1 
ATOM   445 C CA  . TYR A 1 49 ? 3.576   1.042   -9.285  1.00 25.16 ? 70  TYR A CA  1 
ATOM   446 C C   . TYR A 1 49 ? 4.919   1.718   -9.536  1.00 29.14 ? 70  TYR A C   1 
ATOM   447 O O   . TYR A 1 49 ? 4.985   2.777   -10.170 1.00 33.21 ? 70  TYR A O   1 
ATOM   448 C CB  . TYR A 1 49 ? 3.133   1.238   -7.826  1.00 21.18 ? 70  TYR A CB  1 
ATOM   449 C CG  . TYR A 1 49 ? 3.008   2.707   -7.442  1.00 21.67 ? 70  TYR A CG  1 
ATOM   450 C CD1 . TYR A 1 49 ? 4.107   3.413   -6.972  1.00 23.83 ? 70  TYR A CD1 1 
ATOM   451 C CD2 . TYR A 1 49 ? 1.816   3.389   -7.599  1.00 24.49 ? 70  TYR A CD2 1 
ATOM   452 C CE1 . TYR A 1 49 ? 4.011   4.756   -6.648  1.00 27.08 ? 70  TYR A CE1 1 
ATOM   453 C CE2 . TYR A 1 49 ? 1.710   4.736   -7.275  1.00 24.41 ? 70  TYR A CE2 1 
ATOM   454 C CZ  . TYR A 1 49 ? 2.814   5.409   -6.812  1.00 25.26 ? 70  TYR A CZ  1 
ATOM   455 O OH  . TYR A 1 49 ? 2.720   6.747   -6.486  1.00 32.37 ? 70  TYR A OH  1 
ATOM   456 N N   . GLU A 1 50 ? 6.003   1.101   -9.062  1.00 30.27 ? 71  GLU A N   1 
ATOM   457 C CA  . GLU A 1 50 ? 7.316   1.739   -9.101  1.00 37.28 ? 71  GLU A CA  1 
ATOM   458 C C   . GLU A 1 50 ? 7.871   1.827   -10.512 1.00 45.90 ? 71  GLU A C   1 
ATOM   459 O O   . GLU A 1 50 ? 8.761   2.647   -10.763 1.00 46.96 ? 71  GLU A O   1 
ATOM   460 C CB  . GLU A 1 50 ? 8.302   1.004   -8.183  1.00 35.91 ? 71  GLU A CB  1 
ATOM   461 C CG  . GLU A 1 50 ? 7.979   1.073   -6.688  1.00 42.43 ? 71  GLU A CG  1 
ATOM   462 C CD  . GLU A 1 50 ? 8.224   2.443   -6.068  1.00 46.32 ? 71  GLU A CD  1 
ATOM   463 O OE1 . GLU A 1 50 ? 8.751   3.339   -6.758  1.00 53.16 ? 71  GLU A OE1 1 
ATOM   464 O OE2 . GLU A 1 50 ? 7.889   2.619   -4.876  1.00 38.57 ? 71  GLU A OE2 1 
ATOM   465 N N   . ALA A 1 51 ? 7.367   1.008   -11.434 1.00 46.34 ? 72  ALA A N   1 
ATOM   466 C CA  . ALA A 1 51 ? 7.822   1.041   -12.816 1.00 51.24 ? 72  ALA A CA  1 
ATOM   467 C C   . ALA A 1 51 ? 6.990   1.963   -13.693 1.00 54.27 ? 72  ALA A C   1 
ATOM   468 O O   . ALA A 1 51 ? 7.498   2.456   -14.706 1.00 62.50 ? 72  ALA A O   1 
ATOM   469 C CB  . ALA A 1 51 ? 7.807   -0.372  -13.410 1.00 52.32 ? 72  ALA A CB  1 
ATOM   470 N N   . SER A 1 52 ? 5.738   2.217   -13.326 1.00 47.40 ? 73  SER A N   1 
ATOM   471 C CA  . SER A 1 52 ? 4.821   2.988   -14.151 1.00 45.32 ? 73  SER A CA  1 
ATOM   472 C C   . SER A 1 52 ? 4.719   4.452   -13.734 1.00 45.04 ? 73  SER A C   1 
ATOM   473 O O   . SER A 1 52 ? 3.948   5.201   -14.343 1.00 45.29 ? 73  SER A O   1 
ATOM   474 C CB  . SER A 1 52 ? 3.433   2.346   -14.128 1.00 44.49 ? 73  SER A CB  1 
ATOM   475 O OG  . SER A 1 52 ? 2.598   2.961   -13.161 1.00 52.93 ? 73  SER A OG  1 
ATOM   476 N N   . ARG A 1 53 ? 5.467   4.875   -12.722 1.00 44.79 ? 74  ARG A N   1 
ATOM   477 C CA  . ARG A 1 53 ? 5.387   6.254   -12.247 1.00 49.14 ? 74  ARG A CA  1 
ATOM   478 C C   . ARG A 1 53 ? 6.526   7.108   -12.793 1.00 50.14 ? 74  ARG A C   1 
ATOM   479 O O   . ARG A 1 53 ? 7.408   6.609   -13.489 1.00 56.93 ? 74  ARG A O   1 
ATOM   480 C CB  . ARG A 1 53 ? 5.383   6.296   -10.718 1.00 51.21 ? 74  ARG A CB  1 
ATOM   481 C CG  . ARG A 1 53 ? 6.707   5.931   -10.058 1.00 55.32 ? 74  ARG A CG  1 
ATOM   482 C CD  . ARG A 1 53 ? 6.556   5.985   -8.545  1.00 61.21 ? 74  ARG A CD  1 
ATOM   483 N NE  . ARG A 1 53 ? 7.817   5.857   -7.820  1.00 63.25 ? 74  ARG A NE  1 
ATOM   484 C CZ  . ARG A 1 53 ? 8.425   6.864   -7.202  1.00 61.64 ? 74  ARG A CZ  1 
ATOM   485 N NH1 . ARG A 1 53 ? 9.567   6.656   -6.561  1.00 58.97 ? 74  ARG A NH1 1 
ATOM   486 N NH2 . ARG A 1 53 ? 7.893   8.077   -7.225  1.00 63.60 ? 74  ARG A NH2 1 
ATOM   487 N N   . GLN B 2 1  ? -1.445  -10.683 -2.447  1.00 35.98 ? -3  GLN B N   1 
ATOM   488 C CA  . GLN B 2 1  ? -1.718  -9.261  -2.638  1.00 26.58 ? -3  GLN B CA  1 
ATOM   489 C C   . GLN B 2 1  ? -2.490  -8.729  -1.443  1.00 24.75 ? -3  GLN B C   1 
ATOM   490 O O   . GLN B 2 1  ? -3.671  -8.353  -1.552  1.00 25.42 ? -3  GLN B O   1 
ATOM   491 C CB  . GLN B 2 1  ? -2.516  -9.045  -3.910  1.00 30.67 ? -3  GLN B CB  1 
ATOM   492 C CG  . GLN B 2 1  ? -2.585  -7.603  -4.325  1.00 33.71 ? -3  GLN B CG  1 
ATOM   493 C CD  . GLN B 2 1  ? -2.976  -7.451  -5.769  1.00 40.73 ? -3  GLN B CD  1 
ATOM   494 O OE1 . GLN B 2 1  ? -2.200  -7.786  -6.664  1.00 38.12 ? -3  GLN B OE1 1 
ATOM   495 N NE2 . GLN B 2 1  ? -4.183  -6.946  -6.011  1.00 39.82 ? -3  GLN B NE2 1 
ATOM   496 N N   . THR B 2 2  ? -1.822  -8.719  -0.290  1.00 23.93 ? -2  THR B N   1 
ATOM   497 C CA  . THR B 2 2  ? -2.447  -8.357  0.970   1.00 23.81 ? -2  THR B CA  1 
ATOM   498 C C   . THR B 2 2  ? -1.562  -7.370  1.710   1.00 23.78 ? -2  THR B C   1 
ATOM   499 O O   . THR B 2 2  ? -0.406  -7.137  1.346   1.00 25.30 ? -2  THR B O   1 
ATOM   500 C CB  . THR B 2 2  ? -2.665  -9.583  1.865   1.00 28.04 ? -2  THR B CB  1 
ATOM   501 O OG1 . THR B 2 2  ? -1.400  -10.213 2.102   1.00 31.96 ? -2  THR B OG1 1 
ATOM   502 C CG2 . THR B 2 2  ? -3.619  -10.578 1.206   1.00 33.29 ? -2  THR B CG2 1 
ATOM   503 N N   . ALA B 2 3  ? -2.119  -6.787  2.764   1.00 21.75 ? -1  ALA B N   1 
ATOM   504 C CA  . ALA B 2 3  ? -1.340  -5.910  3.622   1.00 21.45 ? -1  ALA B CA  1 
ATOM   505 C C   . ALA B 2 3  ? -1.931  -5.892  5.017   1.00 25.76 ? -1  ALA B C   1 
ATOM   506 O O   . ALA B 2 3  ? -3.128  -6.111  5.212   1.00 25.23 ? -1  ALA B O   1 
ATOM   507 C CB  . ALA B 2 3  ? -1.284  -4.467  3.107   1.00 19.49 ? -1  ALA B CB  1 
ATOM   508 N N   . ARG B 2 4  ? -1.063  -5.623  5.981   1.00 23.25 ? 0   ARG B N   1 
ATOM   509 C CA  . ARG B 2 4  ? -1.434  -5.338  7.351   1.00 23.21 ? 0   ARG B CA  1 
ATOM   510 C C   . ARG B 2 4  ? -1.908  -3.887  7.460   1.00 25.73 ? 0   ARG B C   1 
ATOM   511 O O   . ARG B 2 4  ? -1.438  -3.018  6.721   1.00 24.98 ? 0   ARG B O   1 
ATOM   512 C CB  . ARG B 2 4  ? -0.192  -5.589  8.228   1.00 23.34 ? 0   ARG B CB  1 
ATOM   513 C CG  . ARG B 2 4  ? -0.294  -5.248  9.690   1.00 27.62 ? 0   ARG B CG  1 
ATOM   514 C CD  . ARG B 2 4  ? 1.044   -5.595  10.367  1.00 28.28 ? 0   ARG B CD  1 
ATOM   515 N NE  . ARG B 2 4  ? 1.010   -5.470  11.817  1.00 39.22 ? 0   ARG B NE  1 
ATOM   516 C CZ  . ARG B 2 4  ? 0.703   -6.463  12.645  1.00 44.96 ? 0   ARG B CZ  1 
ATOM   517 N NH1 . ARG B 2 4  ? 0.704   -6.259  13.955  1.00 52.87 ? 0   ARG B NH1 1 
ATOM   518 N NH2 . ARG B 2 4  ? 0.396   -7.662  12.164  1.00 43.82 ? 0   ARG B NH2 1 
HETATM 519 N N   . M3L B 2 5  ? -2.868  -3.625  8.350   1.00 29.69 ? 1   M3L B N   1 
HETATM 520 C CA  . M3L B 2 5  ? -3.279  -2.265  8.641   1.00 35.00 ? 1   M3L B CA  1 
HETATM 521 C CB  . M3L B 2 5  ? -4.784  -2.126  8.897   1.00 34.88 ? 1   M3L B CB  1 
HETATM 522 C CG  . M3L B 2 5  ? -5.518  -2.252  7.586   1.00 26.78 ? 1   M3L B CG  1 
HETATM 523 C CD  . M3L B 2 5  ? -7.015  -2.062  7.776   1.00 29.35 ? 1   M3L B CD  1 
HETATM 524 C CE  . M3L B 2 5  ? -7.660  -2.549  6.484   1.00 25.18 ? 1   M3L B CE  1 
HETATM 525 N NZ  . M3L B 2 5  ? -9.162  -2.416  6.309   1.00 27.74 ? 1   M3L B NZ  1 
HETATM 526 C C   . M3L B 2 5  ? -2.587  -1.634  9.846   1.00 43.00 ? 1   M3L B C   1 
HETATM 527 O O   . M3L B 2 5  ? -2.863  -2.273  11.013  1.00 45.97 ? 1   M3L B O   1 
HETATM 528 C CM1 . M3L B 2 5  ? -9.589  -3.085  5.051   1.00 27.03 ? 1   M3L B CM1 1 
HETATM 529 C CM2 . M3L B 2 5  ? -9.536  -0.973  6.263   1.00 32.30 ? 1   M3L B CM2 1 
HETATM 530 C CM3 . M3L B 2 5  ? -9.867  -3.062  7.463   1.00 29.74 ? 1   M3L B CM3 1 
ATOM   531 N N   . SER B 2 6  ? -2.125  -0.399  9.674   1.00 45.79 ? 2   SER B N   1 
ATOM   532 C CA  . SER B 2 6  ? -1.437  0.334   10.735  1.00 51.75 ? 2   SER B CA  1 
ATOM   533 C C   . SER B 2 6  ? -0.298  -0.494  11.321  1.00 53.24 ? 2   SER B C   1 
ATOM   534 O O   . SER B 2 6  ? 0.855   -0.370  10.903  1.00 51.67 ? 2   SER B O   1 
ATOM   535 C CB  . SER B 2 6  ? -2.418  0.731   11.841  1.00 53.89 ? 2   SER B CB  1 
ATOM   536 O OG  . SER B 2 6  ? -3.711  0.978   11.315  1.00 53.75 ? 2   SER B OG  1 
HETATM 537 O O   . HOH C 3 .  ? 5.584   -9.388  -11.109 1.00 43.93 ? 101 HOH A O   1 
HETATM 538 O O   . HOH C 3 .  ? 10.917  2.385   4.015   1.00 39.02 ? 102 HOH A O   1 
HETATM 539 O O   . HOH C 3 .  ? 7.864   1.734   -17.065 1.00 32.79 ? 103 HOH A O   1 
HETATM 540 O O   . HOH C 3 .  ? -9.389  2.123   6.849   1.00 33.56 ? 104 HOH A O   1 
HETATM 541 O O   . HOH C 3 .  ? -12.920 -3.505  -4.497  1.00 33.38 ? 105 HOH A O   1 
HETATM 542 O O   . HOH C 3 .  ? -17.846 -4.684  -0.439  1.00 27.25 ? 106 HOH A O   1 
HETATM 543 O O   . HOH C 3 .  ? 4.713   -1.979  10.397  1.00 41.56 ? 107 HOH A O   1 
HETATM 544 O O   . HOH C 3 .  ? -10.150 1.311   0.830   1.00 22.00 ? 108 HOH A O   1 
HETATM 545 O O   . HOH C 3 .  ? 5.056   8.179   -6.448  1.00 41.19 ? 109 HOH A O   1 
HETATM 546 O O   . HOH C 3 .  ? -9.720  -5.822  1.759   1.00 26.68 ? 110 HOH A O   1 
HETATM 547 O O   . HOH C 3 .  ? 6.795   -5.173  1.407   1.00 29.26 ? 111 HOH A O   1 
HETATM 548 O O   . HOH C 3 .  ? 13.772  7.787   10.103  1.00 65.45 ? 112 HOH A O   1 
HETATM 549 O O   . HOH C 3 .  ? -14.758 -0.698  -3.310  1.00 28.81 ? 113 HOH A O   1 
HETATM 550 O O   . HOH C 3 .  ? 5.524   -6.679  -0.803  1.00 29.60 ? 114 HOH A O   1 
HETATM 551 O O   . HOH C 3 .  ? -12.720 -8.266  5.025   1.00 40.28 ? 115 HOH A O   1 
HETATM 552 O O   . HOH C 3 .  ? 8.133   12.998  8.307   1.00 32.86 ? 116 HOH A O   1 
HETATM 553 O O   . HOH C 3 .  ? -3.928  6.671   6.600   1.00 29.07 ? 117 HOH A O   1 
HETATM 554 O O   . HOH C 3 .  ? -15.836 4.083   -2.593  1.00 41.36 ? 118 HOH A O   1 
HETATM 555 O O   . HOH C 3 .  ? 7.278   11.963  0.005   1.00 35.93 ? 119 HOH A O   1 
HETATM 556 O O   . HOH C 3 .  ? -1.813  11.774  6.141   1.00 48.82 ? 120 HOH A O   1 
HETATM 557 O O   . HOH C 3 .  ? 0.503   12.742  2.148   1.00 41.47 ? 121 HOH A O   1 
HETATM 558 O O   . HOH C 3 .  ? -12.973 -7.951  0.764   1.00 41.33 ? 122 HOH A O   1 
HETATM 559 O O   . HOH C 3 .  ? -16.203 6.054   -0.720  1.00 45.72 ? 123 HOH A O   1 
HETATM 560 O O   . HOH C 3 .  ? -2.012  9.751   7.550   1.00 53.74 ? 124 HOH A O   1 
HETATM 561 O O   . HOH C 3 .  ? -15.072 2.919   -4.639  1.00 52.10 ? 125 HOH A O   1 
HETATM 562 O O   . HOH C 3 .  ? -3.336  10.955  -1.761  1.00 56.58 ? 126 HOH A O   1 
HETATM 563 O O   . HOH C 3 .  ? -15.040 -6.694  -3.767  1.00 51.66 ? 127 HOH A O   1 
HETATM 564 O O   . HOH C 3 .  ? 9.766   -0.229  -16.157 1.00 38.65 ? 128 HOH A O   1 
HETATM 565 O O   . HOH C 3 .  ? -18.080 -2.998  -2.758  0.50 36.27 ? 129 HOH A O   1 
HETATM 566 O O   . HOH C 3 .  ? 5.779   13.133  9.821   1.00 51.78 ? 130 HOH A O   1 
HETATM 567 O O   . HOH C 3 .  ? 6.575   10.683  -12.249 1.00 60.19 ? 131 HOH A O   1 
HETATM 568 O O   . HOH C 3 .  ? -17.342 -7.413  -0.879  1.00 38.78 ? 132 HOH A O   1 
HETATM 569 O O   . HOH D 3 .  ? 0.642   -7.766  -5.488  1.00 27.83 ? 101 HOH B O   1 
HETATM 570 O O   . HOH D 3 .  ? 2.784   -3.895  14.630  1.00 43.26 ? 102 HOH B O   1 
# 
loop_
_atom_site_anisotrop.id 
_atom_site_anisotrop.type_symbol 
_atom_site_anisotrop.pdbx_label_atom_id 
_atom_site_anisotrop.pdbx_label_alt_id 
_atom_site_anisotrop.pdbx_label_comp_id 
_atom_site_anisotrop.pdbx_label_asym_id 
_atom_site_anisotrop.pdbx_label_seq_id 
_atom_site_anisotrop.pdbx_PDB_ins_code 
_atom_site_anisotrop.U[1][1] 
_atom_site_anisotrop.U[2][2] 
_atom_site_anisotrop.U[3][3] 
_atom_site_anisotrop.U[1][2] 
_atom_site_anisotrop.U[1][3] 
_atom_site_anisotrop.U[2][3] 
_atom_site_anisotrop.pdbx_auth_seq_id 
_atom_site_anisotrop.pdbx_auth_comp_id 
_atom_site_anisotrop.pdbx_auth_asym_id 
_atom_site_anisotrop.pdbx_auth_atom_id 
1   N N   . GLU A 1  ? 0.8316 0.8207 0.7422 -0.0303 0.0221  0.0313  22  GLU A N   
2   C CA  . GLU A 1  ? 0.6927 0.6682 0.6058 -0.0294 0.0142  0.0345  22  GLU A CA  
3   C C   . GLU A 1  ? 0.5684 0.5473 0.4987 -0.0254 0.0115  0.0274  22  GLU A C   
4   O O   . GLU A 1  ? 0.5671 0.5535 0.5025 -0.0206 0.0111  0.0203  22  GLU A O   
5   C CB  . GLU A 1  ? 0.7213 0.6882 0.6320 -0.0374 0.0155  0.0435  22  GLU A CB  
6   C CG  . GLU A 1  ? 0.7764 0.7545 0.7006 -0.0443 0.0229  0.0436  22  GLU A CG  
7   C CD  . GLU A 1  ? 0.8467 0.8384 0.7667 -0.0486 0.0330  0.0455  22  GLU A CD  
8   O OE1 . GLU A 1  ? 0.8860 0.8800 0.7930 -0.0447 0.0348  0.0436  22  GLU A OE1 
9   O OE2 . GLU A 1  ? 0.8488 0.8494 0.7785 -0.0559 0.0394  0.0486  22  GLU A OE2 
10  N N   . GLU A 2  ? 0.5417 0.5133 0.4787 -0.0281 0.0096  0.0296  23  GLU A N   
11  C CA  . GLU A 2  ? 0.5604 0.5323 0.5100 -0.0252 0.0071  0.0240  23  GLU A CA  
12  C C   . GLU A 2  ? 0.4942 0.4719 0.4548 -0.0310 0.0108  0.0239  23  GLU A C   
13  O O   . GLU A 2  ? 0.4927 0.4692 0.4523 -0.0380 0.0132  0.0297  23  GLU A O   
14  C CB  . GLU A 2  ? 0.6473 0.6039 0.5942 -0.0222 0.0005  0.0255  23  GLU A CB  
15  C CG  . GLU A 2  ? 0.8218 0.7755 0.7627 -0.0149 -0.0044 0.0245  23  GLU A CG  
16  C CD  . GLU A 2  ? 0.9435 0.8930 0.8917 -0.0085 -0.0085 0.0198  23  GLU A CD  
17  O OE1 . GLU A 2  ? 0.9863 0.9229 0.9301 -0.0049 -0.0136 0.0223  23  GLU A OE1 
18  O OE2 . GLU A 2  ? 0.9152 0.8743 0.8733 -0.0071 -0.0062 0.0137  23  GLU A OE2 
19  N N   . TRP A 3  ? 0.3648 0.3486 0.3361 -0.0284 0.0107  0.0178  24  TRP A N   
20  C CA  . TRP A 3  ? 0.3666 0.3564 0.3488 -0.0328 0.0123  0.0174  24  TRP A CA  
21  C C   . TRP A 3  ? 0.3486 0.3329 0.3356 -0.0304 0.0081  0.0132  24  TRP A C   
22  O O   . TRP A 3  ? 0.3275 0.3098 0.3128 -0.0247 0.0064  0.0090  24  TRP A O   
23  C CB  . TRP A 3  ? 0.3715 0.3774 0.3621 -0.0320 0.0178  0.0144  24  TRP A CB  
24  C CG  . TRP A 3  ? 0.4901 0.5042 0.4775 -0.0354 0.0241  0.0182  24  TRP A CG  
25  C CD1 . TRP A 3  ? 0.4645 0.4869 0.4592 -0.0421 0.0285  0.0224  24  TRP A CD1 
26  C CD2 . TRP A 3  ? 0.5691 0.5848 0.5448 -0.0327 0.0273  0.0179  24  TRP A CD2 
27  N NE1 . TRP A 3  ? 0.5428 0.5723 0.5306 -0.0436 0.0356  0.0251  24  TRP A NE1 
28  C CE2 . TRP A 3  ? 0.5992 0.6235 0.5735 -0.0377 0.0346  0.0221  24  TRP A CE2 
29  C CE3 . TRP A 3  ? 0.5054 0.5163 0.4712 -0.0269 0.0243  0.0145  24  TRP A CE3 
30  C CZ2 . TRP A 3  ? 0.5694 0.5961 0.5299 -0.0368 0.0396  0.0229  24  TRP A CZ2 
31  C CZ3 . TRP A 3  ? 0.5084 0.5215 0.4616 -0.0261 0.0275  0.0151  24  TRP A CZ3 
32  C CH2 . TRP A 3  ? 0.5854 0.6054 0.5344 -0.0307 0.0352  0.0192  24  TRP A CH2 
33  N N   . ALA A 4  ? 0.3407 0.3233 0.3334 -0.0354 0.0063  0.0143  25  ALA A N   
34  C CA  . ALA A 4  ? 0.2925 0.2686 0.2865 -0.0341 0.0022  0.0105  25  ALA A CA  
35  C C   . ALA A 4  ? 0.2715 0.2571 0.2720 -0.0302 0.0035  0.0058  25  ALA A C   
36  O O   . ALA A 4  ? 0.2948 0.2924 0.3039 -0.0310 0.0059  0.0057  25  ALA A O   
37  C CB  . ALA A 4  ? 0.3060 0.2780 0.3033 -0.0414 -0.0011 0.0130  25  ALA A CB  
38  N N   . VAL A 5  ? 0.2595 0.2395 0.2561 -0.0260 0.0020  0.0021  26  VAL A N   
39  C CA  . VAL A 5  ? 0.2444 0.2298 0.2452 -0.0232 0.0025  -0.0018 26  VAL A CA  
40  C C   . VAL A 5  ? 0.2774 0.2575 0.2780 -0.0256 -0.0010 -0.0024 26  VAL A C   
41  O O   . VAL A 5  ? 0.2854 0.2544 0.2786 -0.0266 -0.0032 -0.0028 26  VAL A O   
42  C CB  . VAL A 5  ? 0.2457 0.2299 0.2430 -0.0183 0.0036  -0.0048 26  VAL A CB  
43  C CG1 . VAL A 5  ? 0.2633 0.2511 0.2639 -0.0170 0.0040  -0.0078 26  VAL A CG1 
44  C CG2 . VAL A 5  ? 0.2749 0.2640 0.2713 -0.0161 0.0052  -0.0041 26  VAL A CG2 
45  N N   . GLU A 6  ? 0.2534 0.2400 0.2609 -0.0262 -0.0019 -0.0027 27  GLU A N   
46  C CA  . GLU A 6  ? 0.2549 0.2362 0.2608 -0.0285 -0.0065 -0.0030 27  GLU A CA  
47  C C   . GLU A 6  ? 0.2430 0.2188 0.2417 -0.0258 -0.0059 -0.0057 27  GLU A C   
48  O O   . GLU A 6  ? 0.2803 0.2462 0.2694 -0.0268 -0.0076 -0.0066 27  GLU A O   
49  C CB  . GLU A 6  ? 0.2395 0.2304 0.2571 -0.0296 -0.0088 -0.0015 27  GLU A CB  
50  C CG  . GLU A 6  ? 0.2454 0.2309 0.2611 -0.0316 -0.0155 -0.0011 27  GLU A CG  
51  C CD  . GLU A 6  ? 0.3366 0.3330 0.3669 -0.0321 -0.0191 0.0008  27  GLU A CD  
52  O OE1 . GLU A 6  ? 0.3047 0.3131 0.3467 -0.0323 -0.0158 0.0018  27  GLU A OE1 
53  O OE2 . GLU A 6  ? 0.4282 0.4214 0.4580 -0.0320 -0.0251 0.0013  27  GLU A OE2 
54  N N   . LYS A 7  ? 0.2304 0.2120 0.2330 -0.0228 -0.0031 -0.0070 28  LYS A N   
55  C CA  . LYS A 7  ? 0.2540 0.2315 0.2512 -0.0217 -0.0020 -0.0087 28  LYS A CA  
56  C C   . LYS A 7  ? 0.2212 0.2052 0.2234 -0.0192 0.0011  -0.0103 28  LYS A C   
57  O O   . LYS A 7  ? 0.2291 0.2195 0.2379 -0.0178 0.0016  -0.0107 28  LYS A O   
58  C CB  . LYS A 7  ? 0.2746 0.2475 0.2693 -0.0237 -0.0061 -0.0073 28  LYS A CB  
59  C CG  . LYS A 7  ? 0.2885 0.2675 0.2935 -0.0226 -0.0087 -0.0062 28  LYS A CG  
60  C CD  . LYS A 7  ? 0.3656 0.3384 0.3676 -0.0239 -0.0146 -0.0041 28  LYS A CD  
61  C CE  . LYS A 7  ? 0.4576 0.4364 0.4719 -0.0210 -0.0177 -0.0034 28  LYS A CE  
62  N NZ  . LYS A 7  ? 0.5104 0.4822 0.5220 -0.0215 -0.0249 -0.0006 28  LYS A NZ  
63  N N   . ILE A 8  ? 0.2261 0.2083 0.2249 -0.0190 0.0034  -0.0117 29  ILE A N   
64  C CA  . ILE A 8  ? 0.2122 0.1990 0.2156 -0.0183 0.0050  -0.0133 29  ILE A CA  
65  C C   . ILE A 8  ? 0.2273 0.2096 0.2304 -0.0201 0.0029  -0.0123 29  ILE A C   
66  O O   . ILE A 8  ? 0.2644 0.2403 0.2606 -0.0226 0.0025  -0.0106 29  ILE A O   
67  C CB  . ILE A 8  ? 0.2317 0.2209 0.2342 -0.0180 0.0083  -0.0147 29  ILE A CB  
68  C CG1 . ILE A 8  ? 0.2413 0.2333 0.2444 -0.0148 0.0089  -0.0155 29  ILE A CG1 
69  C CG2 . ILE A 8  ? 0.2352 0.2287 0.2431 -0.0190 0.0087  -0.0162 29  ILE A CG2 
70  C CD1 . ILE A 8  ? 0.2461 0.2415 0.2504 -0.0130 0.0118  -0.0171 29  ILE A CD1 
71  N N   . ILE A 9  ? 0.2338 0.2179 0.2425 -0.0188 0.0015  -0.0134 30  ILE A N   
72  C CA  . ILE A 9  ? 0.2627 0.2406 0.2717 -0.0194 -0.0014 -0.0123 30  ILE A CA  
73  C C   . ILE A 9  ? 0.2956 0.2702 0.3037 -0.0220 -0.0005 -0.0131 30  ILE A C   
74  O O   . ILE A 9  ? 0.3259 0.2923 0.3298 -0.0250 -0.0021 -0.0105 30  ILE A O   
75  C CB  . ILE A 9  ? 0.2870 0.2677 0.3034 -0.0155 -0.0036 -0.0137 30  ILE A CB  
76  C CG1 . ILE A 9  ? 0.3490 0.3338 0.3682 -0.0147 -0.0050 -0.0118 30  ILE A CG1 
77  C CG2 . ILE A 9  ? 0.3457 0.3183 0.3631 -0.0147 -0.0074 -0.0133 30  ILE A CG2 
78  C CD1 . ILE A 9  ? 0.4236 0.4166 0.4521 -0.0107 -0.0043 -0.0135 30  ILE A CD1 
79  N N   . ASP A 10 ? 0.2598 0.2405 0.2715 -0.0218 0.0016  -0.0162 31  ASP A N   
80  C CA  . ASP A 10 ? 0.2781 0.2565 0.2911 -0.0252 0.0016  -0.0172 31  ASP A CA  
81  C C   . ASP A 10 ? 0.2601 0.2483 0.2772 -0.0253 0.0035  -0.0199 31  ASP A C   
82  O O   . ASP A 10 ? 0.2450 0.2391 0.2624 -0.0218 0.0044  -0.0208 31  ASP A O   
83  C CB  . ASP A 10 ? 0.2841 0.2555 0.2989 -0.0238 -0.0021 -0.0193 31  ASP A CB  
84  C CG  . ASP A 10 ? 0.3609 0.3247 0.3753 -0.0290 -0.0036 -0.0190 31  ASP A CG  
85  O OD1 . ASP A 10 ? 0.3749 0.3408 0.3887 -0.0347 -0.0011 -0.0165 31  ASP A OD1 
86  O OD2 . ASP A 10 ? 0.4487 0.4044 0.4638 -0.0277 -0.0072 -0.0216 31  ASP A OD2 
87  N N   . ARG A 11 ? 0.2732 0.2623 0.2936 -0.0296 0.0034  -0.0207 32  ARG A N   
88  C CA  . ARG A 11 ? 0.2605 0.2600 0.2869 -0.0301 0.0036  -0.0231 32  ARG A CA  
89  C C   . ARG A 11 ? 0.2717 0.2685 0.3014 -0.0341 0.0001  -0.0257 32  ARG A C   
90  O O   . ARG A 11 ? 0.3308 0.3183 0.3591 -0.0385 -0.0010 -0.0244 32  ARG A O   
91  C CB  . ARG A 11 ? 0.2790 0.2858 0.3086 -0.0327 0.0082  -0.0208 32  ARG A CB  
92  C CG  . ARG A 11 ? 0.2785 0.2986 0.3177 -0.0327 0.0082  -0.0228 32  ARG A CG  
93  C CD  . ARG A 11 ? 0.3369 0.3647 0.3811 -0.0358 0.0142  -0.0208 32  ARG A CD  
94  N NE  . ARG A 11 ? 0.4295 0.4728 0.4865 -0.0352 0.0144  -0.0224 32  ARG A NE  
95  C CZ  . ARG A 11 ? 0.4674 0.5181 0.5348 -0.0408 0.0119  -0.0233 32  ARG A CZ  
96  N NH1 . ARG A 11 ? 0.4695 0.5111 0.5343 -0.0474 0.0091  -0.0229 32  ARG A NH1 
97  N NH2 . ARG A 11 ? 0.5050 0.5721 0.5862 -0.0396 0.0112  -0.0247 32  ARG A NH2 
98  N N   . ARG A 12 ? 0.2493 0.2526 0.2821 -0.0329 -0.0028 -0.0294 33  ARG A N   
99  C CA  . ARG A 12 ? 0.2553 0.2559 0.2909 -0.0376 -0.0074 -0.0325 33  ARG A CA  
100 C C   . ARG A 12 ? 0.2760 0.2890 0.3177 -0.0376 -0.0102 -0.0349 33  ARG A C   
101 O O   . ARG A 12 ? 0.2634 0.2847 0.3055 -0.0327 -0.0089 -0.0341 33  ARG A O   
102 C CB  . ARG A 12 ? 0.2871 0.2755 0.3154 -0.0348 -0.0109 -0.0368 33  ARG A CB  
103 C CG  . ARG A 12 ? 0.2816 0.2737 0.3045 -0.0284 -0.0118 -0.0404 33  ARG A CG  
104 C CD  . ARG A 12 ? 0.2884 0.2695 0.3038 -0.0240 -0.0127 -0.0450 33  ARG A CD  
105 N NE  . ARG A 12 ? 0.3046 0.2902 0.3133 -0.0189 -0.0124 -0.0482 33  ARG A NE  
106 C CZ  . ARG A 12 ? 0.3321 0.3122 0.3338 -0.0138 -0.0113 -0.0526 33  ARG A CZ  
107 N NH1 . ARG A 12 ? 0.4014 0.3710 0.4036 -0.0121 -0.0112 -0.0546 33  ARG A NH1 
108 N NH2 . ARG A 12 ? 0.3402 0.3250 0.3340 -0.0101 -0.0099 -0.0548 33  ARG A NH2 
109 N N   . VAL A 13 ? 0.2637 0.2770 0.3103 -0.0435 -0.0151 -0.0374 34  VAL A N   
110 C CA  . VAL A 13 ? 0.2658 0.2896 0.3176 -0.0438 -0.0205 -0.0404 34  VAL A CA  
111 C C   . VAL A 13 ? 0.2830 0.2958 0.3249 -0.0433 -0.0269 -0.0463 34  VAL A C   
112 O O   . VAL A 13 ? 0.3058 0.3059 0.3448 -0.0476 -0.0290 -0.0485 34  VAL A O   
113 C CB  . VAL A 13 ? 0.2742 0.3098 0.3415 -0.0518 -0.0218 -0.0390 34  VAL A CB  
114 C CG1 . VAL A 13 ? 0.2822 0.3288 0.3558 -0.0521 -0.0299 -0.0423 34  VAL A CG1 
115 C CG2 . VAL A 13 ? 0.3081 0.3555 0.3840 -0.0509 -0.0140 -0.0341 34  VAL A CG2 
116 N N   A ARG A 14 ? 0.2577 0.2735 0.2925 -0.0377 -0.0298 -0.0488 35  ARG A N   
117 N N   B ARG A 14 ? 0.2561 0.2720 0.2909 -0.0379 -0.0300 -0.0488 35  ARG A N   
118 C CA  A ARG A 14 ? 0.2989 0.3050 0.3214 -0.0367 -0.0354 -0.0552 35  ARG A CA  
119 C CA  B ARG A 14 ? 0.3011 0.3073 0.3236 -0.0367 -0.0354 -0.0552 35  ARG A CA  
120 C C   A ARG A 14 ? 0.3146 0.3303 0.3364 -0.0360 -0.0423 -0.0567 35  ARG A C   
121 C C   B ARG A 14 ? 0.3101 0.3252 0.3311 -0.0358 -0.0423 -0.0568 35  ARG A C   
122 O O   A ARG A 14 ? 0.3038 0.3288 0.3264 -0.0313 -0.0408 -0.0529 35  ARG A O   
123 O O   B ARG A 14 ? 0.3192 0.3430 0.3399 -0.0308 -0.0407 -0.0533 35  ARG A O   
124 C CB  A ARG A 14 ? 0.3398 0.3373 0.3487 -0.0293 -0.0305 -0.0566 35  ARG A CB  
125 C CB  B ARG A 14 ? 0.3365 0.3336 0.3459 -0.0295 -0.0303 -0.0565 35  ARG A CB  
126 C CG  A ARG A 14 ? 0.3364 0.3222 0.3448 -0.0290 -0.0266 -0.0568 35  ARG A CG  
127 C CG  B ARG A 14 ? 0.3348 0.3194 0.3304 -0.0277 -0.0336 -0.0642 35  ARG A CG  
128 C CD  A ARG A 14 ? 0.4215 0.3935 0.4265 -0.0330 -0.0320 -0.0629 35  ARG A CD  
129 C CD  B ARG A 14 ? 0.3441 0.3245 0.3297 -0.0199 -0.0270 -0.0652 35  ARG A CD  
130 N NE  A ARG A 14 ? 0.4428 0.4015 0.4465 -0.0311 -0.0291 -0.0629 35  ARG A NE  
131 N NE  B ARG A 14 ? 0.3558 0.3464 0.3379 -0.0161 -0.0237 -0.0611 35  ARG A NE  
132 C CZ  A ARG A 14 ? 0.4343 0.3896 0.4456 -0.0357 -0.0278 -0.0578 35  ARG A CZ  
133 C CZ  B ARG A 14 ? 0.4211 0.4133 0.3910 -0.0138 -0.0261 -0.0632 35  ARG A CZ  
134 N NH1 A ARG A 14 ? 0.3514 0.3169 0.3726 -0.0424 -0.0275 -0.0526 35  ARG A NH1 
135 N NH1 B ARG A 14 ? 0.4411 0.4258 0.4002 -0.0148 -0.0316 -0.0704 35  ARG A NH1 
136 N NH2 A ARG A 14 ? 0.5250 0.4670 0.5339 -0.0330 -0.0267 -0.0576 35  ARG A NH2 
137 N NH2 B ARG A 14 ? 0.5083 0.5077 0.4748 -0.0110 -0.0233 -0.0581 35  ARG A NH2 
138 N N   . LYS A 15 ? 0.3045 0.3166 0.3242 -0.0410 -0.0509 -0.0620 36  LYS A N   
139 C CA  . LYS A 15 ? 0.3725 0.3924 0.3903 -0.0409 -0.0599 -0.0638 36  LYS A CA  
140 C C   . LYS A 15 ? 0.3489 0.3881 0.3846 -0.0408 -0.0607 -0.0580 36  LYS A C   
141 O O   . LYS A 15 ? 0.4018 0.4485 0.4350 -0.0363 -0.0652 -0.0566 36  LYS A O   
142 C CB  . LYS A 15 ? 0.4591 0.4724 0.4556 -0.0337 -0.0603 -0.0663 36  LYS A CB  
143 C CG  . LYS A 15 ? 0.5860 0.5817 0.5654 -0.0332 -0.0598 -0.0738 36  LYS A CG  
144 C CD  . LYS A 15 ? 0.7367 0.7278 0.6957 -0.0257 -0.0560 -0.0752 36  LYS A CD  
145 C CE  . LYS A 15 ? 0.8150 0.7901 0.7557 -0.0246 -0.0574 -0.0847 36  LYS A CE  
146 N NZ  . LYS A 15 ? 0.9173 0.8880 0.8528 -0.0304 -0.0699 -0.0907 36  LYS A NZ  
147 N N   . GLY A 16 ? 0.2803 0.3274 0.3337 -0.0454 -0.0561 -0.0545 37  GLY A N   
148 C CA  . GLY A 16 ? 0.2823 0.3489 0.3545 -0.0447 -0.0554 -0.0500 37  GLY A CA  
149 C C   . GLY A 16 ? 0.3310 0.4013 0.4023 -0.0363 -0.0475 -0.0453 37  GLY A C   
150 O O   . GLY A 16 ? 0.3539 0.4393 0.4401 -0.0339 -0.0466 -0.0422 37  GLY A O   
151 N N   . MET A 17 ? 0.2845 0.3415 0.3398 -0.0317 -0.0418 -0.0448 38  MET A N   
152 C CA  . MET A 17 ? 0.2996 0.3575 0.3522 -0.0247 -0.0352 -0.0404 38  MET A CA  
153 C C   . MET A 17 ? 0.2790 0.3299 0.3308 -0.0259 -0.0261 -0.0386 38  MET A C   
154 O O   . MET A 17 ? 0.3017 0.3415 0.3463 -0.0288 -0.0249 -0.0408 38  MET A O   
155 C CB  . MET A 17 ? 0.3764 0.4260 0.4111 -0.0189 -0.0368 -0.0405 38  MET A CB  
156 N N   . VAL A 18 ? 0.2782 0.3347 0.3364 -0.0232 -0.0202 -0.0350 39  VAL A N   
157 C CA  . VAL A 18 ? 0.2483 0.2972 0.3024 -0.0235 -0.0125 -0.0328 39  VAL A CA  
158 C C   . VAL A 18 ? 0.2844 0.3228 0.3243 -0.0188 -0.0112 -0.0322 39  VAL A C   
159 O O   . VAL A 18 ? 0.2693 0.3090 0.3046 -0.0139 -0.0128 -0.0311 39  VAL A O   
160 C CB  . VAL A 18 ? 0.2554 0.3123 0.3181 -0.0217 -0.0068 -0.0300 39  VAL A CB  
161 C CG1 . VAL A 18 ? 0.2908 0.3383 0.3459 -0.0217 -0.0002 -0.0278 39  VAL A CG1 
162 C CG2 . VAL A 18 ? 0.2786 0.3486 0.3573 -0.0270 -0.0063 -0.0303 39  VAL A CG2 
163 N N   . GLU A 19 ? 0.2439 0.2725 0.2777 -0.0205 -0.0087 -0.0328 40  GLU A N   
164 C CA  . GLU A 19 ? 0.2367 0.2583 0.2607 -0.0167 -0.0064 -0.0320 40  GLU A CA  
165 C C   . GLU A 19 ? 0.2331 0.2495 0.2572 -0.0175 -0.0019 -0.0294 40  GLU A C   
166 O O   . GLU A 19 ? 0.2346 0.2485 0.2623 -0.0215 -0.0010 -0.0290 40  GLU A O   
167 C CB  . GLU A 19 ? 0.2475 0.2627 0.2639 -0.0164 -0.0086 -0.0360 40  GLU A CB  
168 C CG  . GLU A 19 ? 0.2533 0.2712 0.2652 -0.0158 -0.0141 -0.0392 40  GLU A CG  
169 C CD  . GLU A 19 ? 0.3366 0.3470 0.3383 -0.0148 -0.0152 -0.0444 40  GLU A CD  
170 O OE1 . GLU A 19 ? 0.3578 0.3609 0.3599 -0.0154 -0.0133 -0.0465 40  GLU A OE1 
171 O OE2 . GLU A 19 ? 0.4968 0.5078 0.4891 -0.0130 -0.0181 -0.0464 40  GLU A OE2 
172 N N   . TYR A 20 ? 0.2171 0.2314 0.2365 -0.0144 0.0004  -0.0271 41  TYR A N   
173 C CA  . TYR A 20 ? 0.2136 0.2230 0.2320 -0.0150 0.0033  -0.0245 41  TYR A CA  
174 C C   . TYR A 20 ? 0.2089 0.2145 0.2239 -0.0132 0.0036  -0.0248 41  TYR A C   
175 O O   . TYR A 20 ? 0.2304 0.2384 0.2422 -0.0107 0.0038  -0.0253 41  TYR A O   
176 C CB  . TYR A 20 ? 0.2160 0.2264 0.2334 -0.0134 0.0052  -0.0217 41  TYR A CB  
177 C CG  . TYR A 20 ? 0.2211 0.2360 0.2432 -0.0141 0.0067  -0.0218 41  TYR A CG  
178 C CD1 . TYR A 20 ? 0.2071 0.2208 0.2307 -0.0177 0.0091  -0.0213 41  TYR A CD1 
179 C CD2 . TYR A 20 ? 0.2908 0.3118 0.3160 -0.0109 0.0058  -0.0221 41  TYR A CD2 
180 C CE1 . TYR A 20 ? 0.2534 0.2738 0.2824 -0.0185 0.0122  -0.0214 41  TYR A CE1 
181 C CE2 . TYR A 20 ? 0.2921 0.3200 0.3243 -0.0105 0.0077  -0.0226 41  TYR A CE2 
182 C CZ  . TYR A 20 ? 0.2584 0.2869 0.2930 -0.0145 0.0117  -0.0225 41  TYR A CZ  
183 O OH  . TYR A 20 ? 0.3398 0.3777 0.3825 -0.0141 0.0153  -0.0232 41  TYR A OH  
184 N N   . TYR A 21 ? 0.2075 0.2079 0.2237 -0.0141 0.0036  -0.0241 42  TYR A N   
185 C CA  . TYR A 21 ? 0.2200 0.2191 0.2366 -0.0116 0.0038  -0.0246 42  TYR A CA  
186 C C   . TYR A 21 ? 0.2194 0.2194 0.2360 -0.0118 0.0047  -0.0206 42  TYR A C   
187 O O   . TYR A 21 ? 0.2344 0.2302 0.2501 -0.0139 0.0038  -0.0184 42  TYR A O   
188 C CB  . TYR A 21 ? 0.2448 0.2368 0.2633 -0.0118 0.0017  -0.0258 42  TYR A CB  
189 C CG  . TYR A 21 ? 0.2431 0.2349 0.2645 -0.0073 0.0018  -0.0277 42  TYR A CG  
190 C CD1 . TYR A 21 ? 0.2804 0.2764 0.3008 -0.0038 0.0039  -0.0320 42  TYR A CD1 
191 C CD2 . TYR A 21 ? 0.2881 0.2761 0.3134 -0.0063 -0.0003 -0.0255 42  TYR A CD2 
192 C CE1 . TYR A 21 ? 0.2844 0.2821 0.3086 0.0011  0.0054  -0.0344 42  TYR A CE1 
193 C CE2 . TYR A 21 ? 0.3117 0.3017 0.3428 -0.0011 -0.0003 -0.0276 42  TYR A CE2 
194 C CZ  . TYR A 21 ? 0.2983 0.2938 0.3294 0.0027  0.0033  -0.0323 42  TYR A CZ  
195 O OH  . TYR A 21 ? 0.3595 0.3591 0.3976 0.0088  0.0049  -0.0351 42  TYR A OH  
196 N N   . LEU A 22 ? 0.2140 0.2188 0.2306 -0.0103 0.0064  -0.0199 43  LEU A N   
197 C CA  . LEU A 22 ? 0.2137 0.2188 0.2300 -0.0118 0.0066  -0.0162 43  LEU A CA  
198 C C   . LEU A 22 ? 0.2122 0.2209 0.2346 -0.0115 0.0066  -0.0149 43  LEU A C   
199 O O   . LEU A 22 ? 0.2283 0.2428 0.2545 -0.0090 0.0089  -0.0169 43  LEU A O   
200 C CB  . LEU A 22 ? 0.2253 0.2327 0.2373 -0.0118 0.0081  -0.0148 43  LEU A CB  
201 C CG  . LEU A 22 ? 0.2254 0.2316 0.2337 -0.0109 0.0073  -0.0159 43  LEU A CG  
202 C CD1 . LEU A 22 ? 0.2591 0.2650 0.2623 -0.0104 0.0075  -0.0133 43  LEU A CD1 
203 C CD2 . LEU A 22 ? 0.2601 0.2622 0.2688 -0.0119 0.0065  -0.0157 43  LEU A CD2 
204 N N   . LYS A 23 ? 0.2077 0.2137 0.2313 -0.0139 0.0040  -0.0121 44  LYS A N   
205 C CA  . LYS A 23 ? 0.2064 0.2179 0.2376 -0.0148 0.0030  -0.0098 44  LYS A CA  
206 C C   . LYS A 23 ? 0.2261 0.2387 0.2547 -0.0183 0.0043  -0.0069 44  LYS A C   
207 O O   . LYS A 23 ? 0.2241 0.2287 0.2453 -0.0205 0.0026  -0.0059 44  LYS A O   
208 C CB  . LYS A 23 ? 0.2448 0.2513 0.2774 -0.0164 -0.0025 -0.0081 44  LYS A CB  
209 C CG  . LYS A 23 ? 0.2495 0.2621 0.2911 -0.0188 -0.0056 -0.0053 44  LYS A CG  
210 C CD  . LYS A 23 ? 0.2514 0.2766 0.3069 -0.0151 -0.0035 -0.0063 44  LYS A CD  
211 C CE  . LYS A 23 ? 0.2439 0.2779 0.3121 -0.0175 -0.0075 -0.0032 44  LYS A CE  
212 N NZ  . LYS A 23 ? 0.2545 0.2900 0.3215 -0.0241 -0.0070 -0.0001 44  LYS A NZ  
213 N N   . TRP A 24 ? 0.2228 0.2447 0.2570 -0.0188 0.0078  -0.0058 45  TRP A N   
214 C CA  . TRP A 24 ? 0.2082 0.2303 0.2395 -0.0231 0.0092  -0.0021 45  TRP A CA  
215 C C   . TRP A 24 ? 0.2435 0.2674 0.2823 -0.0281 0.0058  0.0013  45  TRP A C   
216 O O   . TRP A 24 ? 0.2300 0.2634 0.2810 -0.0276 0.0049  0.0012  45  TRP A O   
217 C CB  . TRP A 24 ? 0.2299 0.2612 0.2618 -0.0223 0.0155  -0.0018 45  TRP A CB  
218 C CG  . TRP A 24 ? 0.2204 0.2491 0.2435 -0.0177 0.0175  -0.0055 45  TRP A CG  
219 C CD1 . TRP A 24 ? 0.2517 0.2844 0.2766 -0.0130 0.0194  -0.0104 45  TRP A CD1 
220 C CD2 . TRP A 24 ? 0.2434 0.2648 0.2550 -0.0176 0.0166  -0.0047 45  TRP A CD2 
221 N NE1 . TRP A 24 ? 0.2541 0.2822 0.2689 -0.0110 0.0194  -0.0128 45  TRP A NE1 
222 C CE2 . TRP A 24 ? 0.2440 0.2665 0.2516 -0.0135 0.0175  -0.0092 45  TRP A CE2 
223 C CE3 . TRP A 24 ? 0.2545 0.2678 0.2593 -0.0201 0.0145  -0.0010 45  TRP A CE3 
224 C CZ2 . TRP A 24 ? 0.2466 0.2644 0.2447 -0.0122 0.0159  -0.0095 45  TRP A CZ2 
225 C CZ3 . TRP A 24 ? 0.2660 0.2742 0.2617 -0.0176 0.0132  -0.0012 45  TRP A CZ3 
226 C CH2 . TRP A 24 ? 0.2774 0.2890 0.2706 -0.0140 0.0136  -0.0053 45  TRP A CH2 
227 N N   . LYS A 25 ? 0.2490 0.2634 0.2810 -0.0327 0.0029  0.0039  46  LYS A N   
228 C CA  . LYS A 25 ? 0.2663 0.2802 0.3038 -0.0387 -0.0018 0.0069  46  LYS A CA  
229 C C   . LYS A 25 ? 0.2580 0.2872 0.3089 -0.0427 0.0016  0.0103  46  LYS A C   
230 O O   . LYS A 25 ? 0.2750 0.3073 0.3232 -0.0442 0.0072  0.0126  46  LYS A O   
231 C CB  . LYS A 25 ? 0.2902 0.2886 0.3161 -0.0427 -0.0051 0.0084  46  LYS A CB  
232 C CG  . LYS A 25 ? 0.3992 0.3949 0.4292 -0.0506 -0.0107 0.0115  46  LYS A CG  
233 C CD  . LYS A 25 ? 0.5161 0.4932 0.5326 -0.0539 -0.0137 0.0122  46  LYS A CD  
234 C CE  . LYS A 25 ? 0.6563 0.6285 0.6758 -0.0630 -0.0205 0.0147  46  LYS A CE  
235 N NZ  . LYS A 25 ? 0.7440 0.7161 0.7655 -0.0632 -0.0272 0.0121  46  LYS A NZ  
236 N N   . GLY A 26 ? 0.2192 0.2584 0.2846 -0.0443 -0.0019 0.0107  47  GLY A N   
237 C CA  . GLY A 26 ? 0.2330 0.2901 0.3150 -0.0482 0.0016  0.0139  47  GLY A CA  
238 C C   . GLY A 26 ? 0.2547 0.3280 0.3458 -0.0419 0.0100  0.0116  47  GLY A C   
239 O O   . GLY A 26 ? 0.2350 0.3256 0.3404 -0.0447 0.0150  0.0139  47  GLY A O   
240 N N   . TYR A 27 ? 0.2179 0.2865 0.3013 -0.0338 0.0120  0.0068  48  TYR A N   
241 C CA  . TYR A 27 ? 0.2231 0.3036 0.3128 -0.0268 0.0189  0.0029  48  TYR A CA  
242 C C   . TYR A 27 ? 0.2394 0.3192 0.3360 -0.0197 0.0142  -0.0012 48  TYR A C   
243 O O   . TYR A 27 ? 0.2511 0.3172 0.3401 -0.0195 0.0070  -0.0016 48  TYR A O   
244 C CB  . TYR A 27 ? 0.2373 0.3102 0.3101 -0.0237 0.0243  0.0005  48  TYR A CB  
245 C CG  . TYR A 27 ? 0.2358 0.3098 0.3009 -0.0296 0.0298  0.0049  48  TYR A CG  
246 C CD1 . TYR A 27 ? 0.2444 0.3063 0.3006 -0.0360 0.0256  0.0096  48  TYR A CD1 
247 C CD2 . TYR A 27 ? 0.2473 0.3334 0.3129 -0.0286 0.0392  0.0046  48  TYR A CD2 
248 C CE1 . TYR A 27 ? 0.2606 0.3210 0.3087 -0.0417 0.0296  0.0146  48  TYR A CE1 
249 C CE2 . TYR A 27 ? 0.2563 0.3423 0.3128 -0.0348 0.0440  0.0100  48  TYR A CE2 
250 C CZ  . TYR A 27 ? 0.2821 0.3544 0.3300 -0.0415 0.0387  0.0154  48  TYR A CZ  
251 O OH  . TYR A 27 ? 0.2995 0.3691 0.3373 -0.0479 0.0427  0.0217  48  TYR A OH  
252 N N   . PRO A 28 ? 0.2256 0.3192 0.3361 -0.0135 0.0181  -0.0043 49  PRO A N   
253 C CA  . PRO A 28 ? 0.2168 0.3072 0.3334 -0.0060 0.0127  -0.0078 49  PRO A CA  
254 C C   . PRO A 28 ? 0.2379 0.3116 0.3381 -0.0019 0.0118  -0.0118 49  PRO A C   
255 O O   . PRO A 28 ? 0.2359 0.3041 0.3225 -0.0028 0.0166  -0.0133 49  PRO A O   
256 C CB  . PRO A 28 ? 0.2279 0.3375 0.3630 0.0007  0.0188  -0.0109 49  PRO A CB  
257 C CG  . PRO A 28 ? 0.2817 0.4064 0.4214 -0.0051 0.0277  -0.0080 49  PRO A CG  
258 C CD  . PRO A 28 ? 0.2197 0.3306 0.3385 -0.0120 0.0286  -0.0052 49  PRO A CD  
259 N N   . GLU A 29 ? 0.2616 0.3270 0.3634 0.0022  0.0049  -0.0132 50  GLU A N   
260 C CA  . GLU A 29 ? 0.2814 0.3311 0.3697 0.0051  0.0037  -0.0165 50  GLU A CA  
261 C C   . GLU A 29 ? 0.2872 0.3391 0.3728 0.0108  0.0108  -0.0225 50  GLU A C   
262 O O   . GLU A 29 ? 0.3028 0.3438 0.3755 0.0107  0.0112  -0.0252 50  GLU A O   
263 C CB  . GLU A 29 ? 0.3579 0.3985 0.4494 0.0086  -0.0046 -0.0161 50  GLU A CB  
264 C CG  . GLU A 29 ? 0.4934 0.5311 0.5862 0.0038  -0.0130 -0.0107 50  GLU A CG  
265 C CD  . GLU A 29 ? 0.6778 0.7005 0.7528 -0.0022 -0.0156 -0.0085 50  GLU A CD  
266 O OE1 . GLU A 29 ? 0.7565 0.7764 0.8285 -0.0073 -0.0207 -0.0047 50  GLU A OE1 
267 O OE2 . GLU A 29 ? 0.7153 0.7292 0.7794 -0.0019 -0.0125 -0.0108 50  GLU A OE2 
268 N N   . THR A 30 ? 0.2744 0.3411 0.3727 0.0158  0.0164  -0.0250 51  THR A N   
269 C CA  . THR A 30 ? 0.2859 0.3542 0.3791 0.0214  0.0240  -0.0317 51  THR A CA  
270 C C   . THR A 30 ? 0.3070 0.3731 0.3839 0.0163  0.0291  -0.0314 51  THR A C   
271 O O   . THR A 30 ? 0.3211 0.3826 0.3873 0.0197  0.0328  -0.0370 51  THR A O   
272 C CB  . THR A 30 ? 0.3272 0.4143 0.4369 0.0276  0.0311  -0.0344 51  THR A CB  
273 O OG1 . THR A 30 ? 0.3567 0.4598 0.4744 0.0209  0.0351  -0.0287 51  THR A OG1 
274 C CG2 . THR A 30 ? 0.3857 0.4745 0.5126 0.0350  0.0250  -0.0357 51  THR A CG2 
275 N N   . GLU A 31 ? 0.2426 0.3103 0.3164 0.0085  0.0284  -0.0251 52  GLU A N   
276 C CA  . GLU A 31 ? 0.2568 0.3210 0.3153 0.0041  0.0318  -0.0238 52  GLU A CA  
277 C C   . GLU A 31 ? 0.2327 0.2817 0.2788 0.0016  0.0257  -0.0234 52  GLU A C   
278 O O   . GLU A 31 ? 0.2598 0.3053 0.2942 -0.0013 0.0268  -0.0220 52  GLU A O   
279 C CB  . GLU A 31 ? 0.2435 0.3163 0.3047 -0.0027 0.0345  -0.0172 52  GLU A CB  
280 C CG  . GLU A 31 ? 0.2585 0.3500 0.3326 -0.0019 0.0427  -0.0168 52  GLU A CG  
281 C CD  . GLU A 31 ? 0.3414 0.4374 0.4052 0.0012  0.0520  -0.0208 52  GLU A CD  
282 O OE1 . GLU A 31 ? 0.3668 0.4516 0.4120 0.0006  0.0514  -0.0219 52  GLU A OE1 
283 O OE2 . GLU A 31 ? 0.3548 0.4663 0.4288 0.0045  0.0601  -0.0229 52  GLU A OE2 
284 N N   . ASN A 32 ? 0.2417 0.2820 0.2903 0.0027  0.0195  -0.0241 53  ASN A N   
285 C CA  . ASN A 32 ? 0.2315 0.2600 0.2701 0.0000  0.0152  -0.0239 53  ASN A CA  
286 C C   . ASN A 32 ? 0.2536 0.2786 0.2821 0.0018  0.0171  -0.0285 53  ASN A C   
287 O O   . ASN A 32 ? 0.2900 0.3158 0.3185 0.0064  0.0194  -0.0338 53  ASN A O   
288 C CB  . ASN A 32 ? 0.2491 0.2689 0.2907 0.0008  0.0096  -0.0241 53  ASN A CB  
289 C CG  . ASN A 32 ? 0.2634 0.2839 0.3114 -0.0015 0.0056  -0.0193 53  ASN A CG  
290 O OD1 . ASN A 32 ? 0.2378 0.2653 0.2893 -0.0044 0.0067  -0.0160 53  ASN A OD1 
291 N ND2 . ASN A 32 ? 0.3859 0.3981 0.4347 -0.0009 0.0003  -0.0187 53  ASN A ND2 
292 N N   . THR A 33 ? 0.2401 0.2610 0.2602 -0.0015 0.0155  -0.0270 54  THR A N   
293 C CA  . THR A 33 ? 0.2663 0.2847 0.2770 -0.0006 0.0155  -0.0308 54  THR A CA  
294 C C   . THR A 33 ? 0.2533 0.2658 0.2617 -0.0034 0.0108  -0.0302 54  THR A C   
295 O O   . THR A 33 ? 0.2389 0.2503 0.2496 -0.0059 0.0094  -0.0261 54  THR A O   
296 C CB  . THR A 33 ? 0.2668 0.2901 0.2692 -0.0013 0.0190  -0.0291 54  THR A CB  
297 O OG1 . THR A 33 ? 0.3042 0.3276 0.3064 -0.0049 0.0181  -0.0229 54  THR A OG1 
298 C CG2 . THR A 33 ? 0.3071 0.3385 0.3111 0.0013  0.0256  -0.0304 54  THR A CG2 
299 N N   . TRP A 34 ? 0.2619 0.2709 0.2659 -0.0029 0.0086  -0.0349 55  TRP A N   
300 C CA  . TRP A 34 ? 0.2430 0.2500 0.2461 -0.0058 0.0046  -0.0346 55  TRP A CA  
301 C C   . TRP A 34 ? 0.2486 0.2595 0.2451 -0.0057 0.0039  -0.0328 55  TRP A C   
302 O O   . TRP A 34 ? 0.3126 0.3247 0.3008 -0.0041 0.0047  -0.0349 55  TRP A O   
303 C CB  . TRP A 34 ? 0.2640 0.2656 0.2656 -0.0063 0.0012  -0.0403 55  TRP A CB  
304 C CG  . TRP A 34 ? 0.2721 0.2666 0.2791 -0.0070 0.0001  -0.0411 55  TRP A CG  
305 C CD1 . TRP A 34 ? 0.3106 0.2994 0.3180 -0.0034 0.0007  -0.0449 55  TRP A CD1 
306 C CD2 . TRP A 34 ? 0.2517 0.2431 0.2640 -0.0113 -0.0018 -0.0381 55  TRP A CD2 
307 N NE1 . TRP A 34 ? 0.3053 0.2860 0.3173 -0.0053 -0.0020 -0.0436 55  TRP A NE1 
308 C CE2 . TRP A 34 ? 0.2910 0.2731 0.3051 -0.0108 -0.0031 -0.0391 55  TRP A CE2 
309 C CE3 . TRP A 34 ? 0.2448 0.2402 0.2602 -0.0152 -0.0020 -0.0346 55  TRP A CE3 
310 C CZ2 . TRP A 34 ? 0.2916 0.2672 0.3084 -0.0152 -0.0050 -0.0358 55  TRP A CZ2 
311 C CZ3 . TRP A 34 ? 0.2707 0.2617 0.2894 -0.0193 -0.0024 -0.0320 55  TRP A CZ3 
312 C CH2 . TRP A 34 ? 0.2788 0.2597 0.2973 -0.0200 -0.0040 -0.0323 55  TRP A CH2 
313 N N   . GLU A 35 ? 0.2369 0.2495 0.2367 -0.0072 0.0025  -0.0292 56  GLU A N   
314 C CA  . GLU A 35 ? 0.2763 0.2911 0.2709 -0.0063 0.0006  -0.0267 56  GLU A CA  
315 C C   . GLU A 35 ? 0.2366 0.2542 0.2368 -0.0070 -0.0037 -0.0273 56  GLU A C   
316 O O   . GLU A 35 ? 0.2574 0.2757 0.2657 -0.0085 -0.0029 -0.0268 56  GLU A O   
317 C CB  . GLU A 35 ? 0.2374 0.2513 0.2313 -0.0061 0.0030  -0.0213 56  GLU A CB  
318 C CG  . GLU A 35 ? 0.2409 0.2549 0.2326 -0.0065 0.0074  -0.0199 56  GLU A CG  
319 C CD  . GLU A 35 ? 0.3071 0.3231 0.2892 -0.0056 0.0093  -0.0208 56  GLU A CD  
320 O OE1 . GLU A 35 ? 0.3336 0.3487 0.3077 -0.0048 0.0060  -0.0211 56  GLU A OE1 
321 O OE2 . GLU A 35 ? 0.3232 0.3422 0.3057 -0.0055 0.0141  -0.0213 56  GLU A OE2 
322 N N   . PRO A 36 ? 0.2522 0.2724 0.2484 -0.0059 -0.0083 -0.0280 57  PRO A N   
323 C CA  . PRO A 36 ? 0.2547 0.2806 0.2597 -0.0059 -0.0127 -0.0279 57  PRO A CA  
324 C C   . PRO A 36 ? 0.2539 0.2810 0.2644 -0.0038 -0.0105 -0.0241 57  PRO A C   
325 O O   . PRO A 36 ? 0.2584 0.2805 0.2627 -0.0019 -0.0086 -0.0206 57  PRO A O   
326 C CB  . PRO A 36 ? 0.3141 0.3415 0.3116 -0.0043 -0.0192 -0.0285 57  PRO A CB  
327 C CG  . PRO A 36 ? 0.3447 0.3661 0.3277 -0.0028 -0.0164 -0.0262 57  PRO A CG  
328 C CD  . PRO A 36 ? 0.2866 0.3050 0.2700 -0.0043 -0.0095 -0.0278 57  PRO A CD  
329 N N   . GLU A 37 ? 0.2599 0.2936 0.2822 -0.0042 -0.0107 -0.0247 58  GLU A N   
330 C CA  A GLU A 37 ? 0.2945 0.3282 0.3212 -0.0014 -0.0075 -0.0225 58  GLU A CA  
331 C CA  B GLU A 37 ? 0.2934 0.3274 0.3204 -0.0014 -0.0076 -0.0226 58  GLU A CA  
332 C C   . GLU A 37 ? 0.2625 0.2934 0.2846 0.0040  -0.0104 -0.0196 58  GLU A C   
333 O O   . GLU A 37 ? 0.2712 0.2956 0.2903 0.0061  -0.0078 -0.0175 58  GLU A O   
334 C CB  A GLU A 37 ? 0.3099 0.3534 0.3503 -0.0024 -0.0060 -0.0242 58  GLU A CB  
335 C CB  B GLU A 37 ? 0.3077 0.3518 0.3485 -0.0022 -0.0064 -0.0242 58  GLU A CB  
336 C CG  A GLU A 37 ? 0.2759 0.3310 0.3263 -0.0013 -0.0119 -0.0255 58  GLU A CG  
337 C CG  B GLU A 37 ? 0.3130 0.3576 0.3577 0.0015  -0.0019 -0.0233 58  GLU A CG  
338 C CD  A GLU A 37 ? 0.3816 0.4494 0.4485 -0.0018 -0.0089 -0.0266 58  GLU A CD  
339 C CD  B GLU A 37 ? 0.3934 0.4484 0.4505 -0.0007 0.0024  -0.0249 58  GLU A CD  
340 O OE1 A GLU A 37 ? 0.4410 0.5073 0.5086 -0.0004 -0.0022 -0.0260 58  GLU A OE1 
341 O OE1 B GLU A 37 ? 0.4256 0.4904 0.4922 -0.0045 0.0000  -0.0263 58  GLU A OE1 
342 O OE2 A GLU A 37 ? 0.4222 0.5017 0.5009 -0.0041 -0.0131 -0.0282 58  GLU A OE2 
343 O OE2 B GLU A 37 ? 0.3330 0.3862 0.3895 0.0007  0.0084  -0.0249 58  GLU A OE2 
344 N N   . ASN A 38 ? 0.2970 0.3307 0.3168 0.0058  -0.0169 -0.0192 59  ASN A N   
345 C CA  A ASN A 38 ? 0.3041 0.3330 0.3183 0.0110  -0.0208 -0.0154 59  ASN A CA  
346 C CA  B ASN A 38 ? 0.3051 0.3340 0.3193 0.0110  -0.0208 -0.0154 59  ASN A CA  
347 C C   . ASN A 38 ? 0.3016 0.3186 0.3009 0.0098  -0.0186 -0.0116 59  ASN A C   
348 O O   . ASN A 38 ? 0.3105 0.3199 0.3038 0.0131  -0.0210 -0.0074 59  ASN A O   
349 C CB  A ASN A 38 ? 0.3234 0.3581 0.3383 0.0135  -0.0296 -0.0153 59  ASN A CB  
350 C CB  B ASN A 38 ? 0.3229 0.3578 0.3383 0.0137  -0.0296 -0.0153 59  ASN A CB  
351 C CG  A ASN A 38 ? 0.3518 0.3995 0.3853 0.0169  -0.0326 -0.0173 59  ASN A CG  
352 C CG  B ASN A 38 ? 0.3192 0.3547 0.3262 0.0092  -0.0326 -0.0176 59  ASN A CG  
353 O OD1 A ASN A 38 ? 0.4066 0.4561 0.4490 0.0204  -0.0283 -0.0174 59  ASN A OD1 
354 O OD1 B ASN A 38 ? 0.3308 0.3683 0.3403 0.0045  -0.0290 -0.0214 59  ASN A OD1 
355 N ND2 A ASN A 38 ? 0.4496 0.5069 0.4889 0.0159  -0.0398 -0.0192 59  ASN A ND2 
356 N ND2 B ASN A 38 ? 0.3292 0.3614 0.3243 0.0109  -0.0394 -0.0155 59  ASN A ND2 
357 N N   . ASN A 39 ? 0.2400 0.2551 0.2341 0.0052  -0.0141 -0.0126 60  ASN A N   
358 C CA  . ASN A 39 ? 0.2573 0.2643 0.2409 0.0032  -0.0108 -0.0090 60  ASN A CA  
359 C C   . ASN A 39 ? 0.2627 0.2641 0.2496 0.0026  -0.0070 -0.0073 60  ASN A C   
360 O O   . ASN A 39 ? 0.2835 0.2776 0.2634 0.0007  -0.0054 -0.0034 60  ASN A O   
361 C CB  . ASN A 39 ? 0.2641 0.2732 0.2435 -0.0004 -0.0069 -0.0112 60  ASN A CB  
362 C CG  . ASN A 39 ? 0.2835 0.2930 0.2515 -0.0004 -0.0095 -0.0116 60  ASN A CG  
363 O OD1 . ASN A 39 ? 0.3369 0.3458 0.3004 0.0021  -0.0157 -0.0100 60  ASN A OD1 
364 N ND2 . ASN A 39 ? 0.3265 0.3371 0.2894 -0.0024 -0.0051 -0.0138 60  ASN A ND2 
365 N N   . LEU A 40 ? 0.2590 0.2629 0.2551 0.0037  -0.0057 -0.0101 61  LEU A N   
366 C CA  . LEU A 40 ? 0.2645 0.2618 0.2609 0.0027  -0.0024 -0.0096 61  LEU A CA  
367 C C   . LEU A 40 ? 0.2760 0.2664 0.2716 0.0074  -0.0043 -0.0083 61  LEU A C   
368 O O   . LEU A 40 ? 0.2855 0.2807 0.2872 0.0125  -0.0065 -0.0100 61  LEU A O   
369 C CB  . LEU A 40 ? 0.2735 0.2758 0.2772 0.0010  0.0008  -0.0133 61  LEU A CB  
370 C CG  . LEU A 40 ? 0.2555 0.2597 0.2595 -0.0034 0.0029  -0.0143 61  LEU A CG  
371 C CD1 . LEU A 40 ? 0.2692 0.2789 0.2730 -0.0041 0.0014  -0.0157 61  LEU A CD1 
372 C CD2 . LEU A 40 ? 0.2875 0.2932 0.2964 -0.0051 0.0054  -0.0165 61  LEU A CD2 
373 N N   . ASP A 41 ? 0.2928 0.2718 0.2820 0.0060  -0.0039 -0.0058 62  ASP A N   
374 C CA  . ASP A 41 ? 0.3339 0.3026 0.3214 0.0101  -0.0047 -0.0063 62  ASP A CA  
375 C C   . ASP A 41 ? 0.3363 0.3008 0.3227 0.0068  -0.0012 -0.0088 62  ASP A C   
376 O O   . ASP A 41 ? 0.3281 0.2817 0.3078 0.0031  -0.0020 -0.0068 62  ASP A O   
377 C CB  . ASP A 41 ? 0.3609 0.3159 0.3391 0.0102  -0.0087 -0.0011 62  ASP A CB  
378 C CG  . ASP A 41 ? 0.4401 0.3815 0.4157 0.0159  -0.0106 -0.0023 62  ASP A CG  
379 O OD1 . ASP A 41 ? 0.5167 0.4429 0.4835 0.0150  -0.0141 0.0021  62  ASP A OD1 
380 O OD2 . ASP A 41 ? 0.5209 0.4661 0.5028 0.0212  -0.0084 -0.0074 62  ASP A OD2 
381 N N   . CYS A 42 ? 0.2986 0.2718 0.2911 0.0072  0.0022  -0.0127 63  CYS A N   
382 C CA  . CYS A 42 ? 0.3085 0.2791 0.2984 0.0033  0.0052  -0.0146 63  CYS A CA  
383 C C   . CYS A 42 ? 0.3007 0.2753 0.2937 0.0067  0.0092  -0.0189 63  CYS A C   
384 O O   . CYS A 42 ? 0.3168 0.2981 0.3125 0.0036  0.0123  -0.0201 63  CYS A O   
385 C CB  . CYS A 42 ? 0.3673 0.3456 0.3602 -0.0021 0.0060  -0.0138 63  CYS A CB  
386 S SG  . CYS A 42 ? 0.3479 0.3254 0.3390 -0.0066 0.0038  -0.0097 63  CYS A SG  
387 N N   . GLN A 43 ? 0.3365 0.3075 0.3297 0.0135  0.0097  -0.0210 64  GLN A N   
388 C CA  . GLN A 43 ? 0.4165 0.3955 0.4152 0.0173  0.0151  -0.0253 64  GLN A CA  
389 C C   . GLN A 43 ? 0.3254 0.2995 0.3156 0.0133  0.0197  -0.0274 64  GLN A C   
390 O O   . GLN A 43 ? 0.3498 0.3341 0.3444 0.0115  0.0247  -0.0287 64  GLN A O   
391 C CB  . GLN A 43 ? 0.5205 0.4967 0.5221 0.0269  0.0151  -0.0280 64  GLN A CB  
392 C CG  . GLN A 43 ? 0.6599 0.6516 0.6764 0.0318  0.0132  -0.0275 64  GLN A CG  
393 C CD  . GLN A 43 ? 0.6682 0.6778 0.6954 0.0265  0.0159  -0.0275 64  GLN A CD  
394 O OE1 . GLN A 43 ? 0.5170 0.5331 0.5487 0.0237  0.0114  -0.0250 64  GLN A OE1 
395 N NE2 . GLN A 43 ? 0.6892 0.7051 0.7184 0.0247  0.0232  -0.0304 64  GLN A NE2 
396 N N   . ASP A 44 ? 0.3426 0.3012 0.3202 0.0108  0.0173  -0.0272 65  ASP A N   
397 C CA  . ASP A 44 ? 0.3360 0.2885 0.3031 0.0068  0.0201  -0.0290 65  ASP A CA  
398 C C   . ASP A 44 ? 0.2940 0.2542 0.2637 -0.0001 0.0202  -0.0260 65  ASP A C   
399 O O   . ASP A 44 ? 0.2992 0.2622 0.2655 -0.0024 0.0246  -0.0270 65  ASP A O   
400 C CB  . ASP A 44 ? 0.4001 0.3343 0.3539 0.0045  0.0153  -0.0292 65  ASP A CB  
401 C CG  . ASP A 44 ? 0.5915 0.5128 0.5374 0.0113  0.0164  -0.0339 65  ASP A CG  
402 O OD1 . ASP A 44 ? 0.6186 0.5456 0.5671 0.0178  0.0227  -0.0383 65  ASP A OD1 
403 O OD2 . ASP A 44 ? 0.6692 0.5745 0.6069 0.0099  0.0109  -0.0337 65  ASP A OD2 
404 N N   . LEU A 45 ? 0.2971 0.2600 0.2719 -0.0035 0.0155  -0.0223 66  LEU A N   
405 C CA  . LEU A 45 ? 0.2662 0.2347 0.2438 -0.0087 0.0149  -0.0200 66  LEU A CA  
406 C C   . LEU A 45 ? 0.2529 0.2337 0.2395 -0.0084 0.0189  -0.0206 66  LEU A C   
407 O O   . LEU A 45 ? 0.2628 0.2448 0.2477 -0.0123 0.0207  -0.0198 66  LEU A O   
408 C CB  . LEU A 45 ? 0.2882 0.2582 0.2706 -0.0109 0.0102  -0.0168 66  LEU A CB  
409 C CG  . LEU A 45 ? 0.2965 0.2575 0.2735 -0.0139 0.0059  -0.0150 66  LEU A CG  
410 C CD1 . LEU A 45 ? 0.3054 0.2733 0.2901 -0.0159 0.0037  -0.0121 66  LEU A CD1 
411 C CD2 . LEU A 45 ? 0.3002 0.2540 0.2688 -0.0174 0.0042  -0.0152 66  LEU A CD2 
412 N N   . ILE A 46 ? 0.2613 0.2506 0.2571 -0.0043 0.0194  -0.0216 67  ILE A N   
413 C CA  . ILE A 46 ? 0.2516 0.2537 0.2578 -0.0051 0.0220  -0.0222 67  ILE A CA  
414 C C   . ILE A 46 ? 0.2596 0.2653 0.2650 -0.0055 0.0289  -0.0241 67  ILE A C   
415 O O   . ILE A 46 ? 0.3115 0.3214 0.3186 -0.0107 0.0315  -0.0229 67  ILE A O   
416 C CB  . ILE A 46 ? 0.2653 0.2761 0.2817 -0.0004 0.0195  -0.0229 67  ILE A CB  
417 C CG1 . ILE A 46 ? 0.2556 0.2641 0.2710 -0.0014 0.0139  -0.0207 67  ILE A CG1 
418 C CG2 . ILE A 46 ? 0.3013 0.3268 0.3303 -0.0015 0.0219  -0.0240 67  ILE A CG2 
419 C CD1 . ILE A 46 ? 0.2976 0.3108 0.3179 0.0034  0.0103  -0.0206 67  ILE A CD1 
420 N N   . GLN A 47 ? 0.2826 0.2851 0.2841 -0.0002 0.0323  -0.0269 68  GLN A N   
421 C CA  A GLN A 47 ? 0.3083 0.3150 0.3077 -0.0001 0.0407  -0.0293 68  GLN A CA  
422 C CA  B GLN A 47 ? 0.3110 0.3176 0.3102 0.0000  0.0406  -0.0293 68  GLN A CA  
423 C C   . GLN A 47 ? 0.3281 0.3251 0.3126 -0.0067 0.0423  -0.0274 68  GLN A C   
424 O O   . GLN A 47 ? 0.3512 0.3537 0.3349 -0.0108 0.0485  -0.0268 68  GLN A O   
425 C CB  A GLN A 47 ? 0.3598 0.3642 0.3572 0.0084  0.0444  -0.0339 68  GLN A CB  
426 C CB  B GLN A 47 ? 0.3511 0.3539 0.3471 0.0084  0.0440  -0.0339 68  GLN A CB  
427 C CG  A GLN A 47 ? 0.3591 0.3441 0.3413 0.0108  0.0401  -0.0351 68  GLN A CG  
428 C CG  B GLN A 47 ? 0.4102 0.4205 0.4056 0.0100  0.0547  -0.0373 68  GLN A CG  
429 C CD  A GLN A 47 ? 0.3781 0.3516 0.3425 0.0095  0.0447  -0.0378 68  GLN A CD  
430 C CD  B GLN A 47 ? 0.4185 0.4249 0.4116 0.0202  0.0584  -0.0432 68  GLN A CD  
431 O OE1 A GLN A 47 ? 0.3957 0.3749 0.3589 0.0123  0.0534  -0.0415 68  GLN A OE1 
432 O OE1 B GLN A 47 ? 0.5636 0.5618 0.5572 0.0262  0.0523  -0.0441 68  GLN A OE1 
433 N NE2 A GLN A 47 ? 0.2691 0.2273 0.2194 0.0049  0.0389  -0.0363 68  GLN A NE2 
434 N NE2 B GLN A 47 ? 0.2822 0.2939 0.2721 0.0224  0.0690  -0.0471 68  GLN A NE2 
435 N N   . GLN A 48 ? 0.2800 0.2628 0.2530 -0.0085 0.0363  -0.0260 69  GLN A N   
436 C CA  . GLN A 48 ? 0.3173 0.2907 0.2765 -0.0145 0.0357  -0.0237 69  GLN A CA  
437 C C   . GLN A 48 ? 0.3572 0.3354 0.3225 -0.0205 0.0338  -0.0195 69  GLN A C   
438 O O   . GLN A 48 ? 0.4387 0.4138 0.3959 -0.0254 0.0364  -0.0172 69  GLN A O   
439 C CB  . GLN A 48 ? 0.2970 0.2561 0.2455 -0.0151 0.0283  -0.0233 69  GLN A CB  
440 C CG  . GLN A 48 ? 0.3024 0.2515 0.2364 -0.0208 0.0257  -0.0206 69  GLN A CG  
441 C CD  . GLN A 48 ? 0.3210 0.2650 0.2394 -0.0213 0.0326  -0.0230 69  GLN A CD  
442 O OE1 . GLN A 48 ? 0.3873 0.3351 0.3030 -0.0250 0.0377  -0.0207 69  GLN A OE1 
443 N NE2 . GLN A 48 ? 0.3146 0.2487 0.2213 -0.0178 0.0330  -0.0274 69  GLN A NE2 
444 N N   . TYR A 49 ? 0.3051 0.2889 0.2826 -0.0199 0.0291  -0.0184 70  TYR A N   
445 C CA  . TYR A 49 ? 0.3286 0.3154 0.3119 -0.0247 0.0272  -0.0156 70  TYR A CA  
446 C C   . TYR A 49 ? 0.3737 0.3702 0.3633 -0.0278 0.0336  -0.0155 70  TYR A C   
447 O O   . TYR A 49 ? 0.4276 0.4210 0.4132 -0.0339 0.0349  -0.0124 70  TYR A O   
448 C CB  . TYR A 49 ? 0.2733 0.2642 0.2671 -0.0229 0.0219  -0.0158 70  TYR A CB  
449 C CG  . TYR A 49 ? 0.2779 0.2691 0.2764 -0.0269 0.0194  -0.0141 70  TYR A CG  
450 C CD1 . TYR A 49 ? 0.2993 0.2992 0.3071 -0.0293 0.0213  -0.0148 70  TYR A CD1 
451 C CD2 . TYR A 49 ? 0.3180 0.3005 0.3120 -0.0284 0.0147  -0.0119 70  TYR A CD2 
452 C CE1 . TYR A 49 ? 0.3403 0.3374 0.3510 -0.0334 0.0183  -0.0137 70  TYR A CE1 
453 C CE2 . TYR A 49 ? 0.3166 0.2967 0.3142 -0.0311 0.0121  -0.0109 70  TYR A CE2 
454 C CZ  . TYR A 49 ? 0.3229 0.3091 0.3277 -0.0339 0.0140  -0.0119 70  TYR A CZ  
455 O OH  . TYR A 49 ? 0.4140 0.3949 0.4211 -0.0369 0.0107  -0.0114 70  TYR A OH  
456 N N   . GLU A 50 ? 0.3803 0.3890 0.3807 -0.0239 0.0374  -0.0184 71  GLU A N   
457 C CA  . GLU A 50 ? 0.4607 0.4832 0.4726 -0.0273 0.0429  -0.0184 71  GLU A CA  
458 C C   . GLU A 50 ? 0.5726 0.5953 0.5761 -0.0306 0.0519  -0.0176 71  GLU A C   
459 O O   . GLU A 50 ? 0.5805 0.6127 0.5912 -0.0364 0.0569  -0.0158 71  GLU A O   
460 C CB  . GLU A 50 ? 0.4332 0.4703 0.4610 -0.0213 0.0433  -0.0216 71  GLU A CB  
461 C CG  . GLU A 50 ? 0.5129 0.5513 0.5482 -0.0192 0.0348  -0.0220 71  GLU A CG  
462 C CD  . GLU A 50 ? 0.5580 0.6006 0.6012 -0.0259 0.0314  -0.0206 71  GLU A CD  
463 O OE1 . GLU A 50 ? 0.6430 0.6886 0.6883 -0.0326 0.0355  -0.0188 71  GLU A OE1 
464 O OE2 . GLU A 50 ? 0.4592 0.5010 0.5053 -0.0246 0.0247  -0.0214 71  GLU A OE2 
465 N N   . ALA A 51 ? 0.5870 0.5992 0.5746 -0.0277 0.0541  -0.0189 72  ALA A N   
466 C CA  . ALA A 51 ? 0.6537 0.6643 0.6289 -0.0305 0.0631  -0.0186 72  ALA A CA  
467 C C   . ALA A 51 ? 0.7029 0.6986 0.6604 -0.0381 0.0607  -0.0134 72  ALA A C   
468 O O   . ALA A 51 ? 0.8103 0.8060 0.7586 -0.0436 0.0681  -0.0110 72  ALA A O   
469 C CB  . ALA A 51 ? 0.6727 0.6780 0.6373 -0.0229 0.0668  -0.0239 72  ALA A CB  
470 N N   . SER A 52 ? 0.6214 0.6052 0.5744 -0.0384 0.0505  -0.0114 73  SER A N   
471 C CA  . SER A 52 ? 0.6056 0.5742 0.5423 -0.0438 0.0459  -0.0065 73  SER A CA  
472 C C   . SER A 52 ? 0.6001 0.5674 0.5439 -0.0499 0.0418  -0.0015 73  SER A C   
473 O O   . SER A 52 ? 0.6118 0.5657 0.5435 -0.0538 0.0367  0.0032  73  SER A O   
474 C CB  . SER A 52 ? 0.6018 0.5584 0.5304 -0.0402 0.0368  -0.0072 73  SER A CB  
475 O OG  . SER A 52 ? 0.7053 0.6612 0.6446 -0.0399 0.0284  -0.0054 73  SER A OG  
476 N N   . ARG A 53 ? 0.5867 0.5664 0.5489 -0.0504 0.0428  -0.0026 74  ARG A N   
477 C CA  . ARG A 53 ? 0.6409 0.6171 0.6091 -0.0560 0.0382  0.0010  74  ARG A CA  
478 C C   . ARG A 53 ? 0.6515 0.6326 0.6212 -0.0648 0.0453  0.0047  74  ARG A C   
479 O O   . ARG A 53 ? 0.7351 0.7251 0.7028 -0.0661 0.0550  0.0041  74  ARG A O   
480 C CB  . ARG A 53 ? 0.6587 0.6429 0.6442 -0.0521 0.0331  -0.0026 74  ARG A CB  
481 C CG  . ARG A 53 ? 0.6993 0.7016 0.7008 -0.0515 0.0382  -0.0059 74  ARG A CG  
482 C CD  . ARG A 53 ? 0.7681 0.7753 0.7822 -0.0478 0.0315  -0.0092 74  ARG A CD  
483 N NE  . ARG A 53 ? 0.7830 0.8068 0.8132 -0.0481 0.0336  -0.0118 74  ARG A NE  
484 C CZ  . ARG A 53 ? 0.7579 0.7860 0.7982 -0.0538 0.0310  -0.0115 74  ARG A CZ  
485 N NH1 . ARG A 53 ? 0.7132 0.7581 0.7694 -0.0540 0.0317  -0.0138 74  ARG A NH1 
486 N NH2 . ARG A 53 ? 0.7889 0.8037 0.8238 -0.0593 0.0266  -0.0092 74  ARG A NH2 
487 N N   . GLN B 1  ? 0.4928 0.4168 0.4573 -0.0095 -0.0060 -0.0035 -3  GLN B N   
488 C CA  . GLN B 1  ? 0.3664 0.3054 0.3380 -0.0116 -0.0031 -0.0049 -3  GLN B CA  
489 C C   . GLN B 1  ? 0.3383 0.2874 0.3146 -0.0155 -0.0024 -0.0007 -3  GLN B C   
490 O O   . GLN B 1  ? 0.3441 0.2977 0.3241 -0.0210 -0.0023 0.0011  -3  GLN B O   
491 C CB  . GLN B 1  ? 0.4202 0.3555 0.3895 -0.0162 -0.0040 -0.0066 -3  GLN B CB  
492 C CG  . GLN B 1  ? 0.4529 0.4001 0.4280 -0.0168 -0.0017 -0.0082 -3  GLN B CG  
493 C CD  . GLN B 1  ? 0.5457 0.4866 0.5151 -0.0194 -0.0033 -0.0104 -3  GLN B CD  
494 O OE1 . GLN B 1  ? 0.5179 0.4511 0.4795 -0.0164 -0.0020 -0.0141 -3  GLN B OE1 
495 N NE2 . GLN B 1  ? 0.5320 0.4762 0.5048 -0.0247 -0.0061 -0.0083 -3  GLN B NE2 
496 N N   . THR B 2  ? 0.3266 0.2798 0.3030 -0.0120 -0.0020 0.0008  -2  THR B N   
497 C CA  . THR B 2  ? 0.3222 0.2832 0.2993 -0.0148 -0.0006 0.0044  -2  THR B CA  
498 C C   . THR B 2  ? 0.3174 0.2888 0.2973 -0.0105 0.0004  0.0020  -2  THR B C   
499 O O   . THR B 2  ? 0.3353 0.3083 0.3178 -0.0056 -0.0004 -0.0015 -2  THR B O   
500 C CB  . THR B 2  ? 0.3816 0.3329 0.3510 -0.0167 -0.0027 0.0103  -2  THR B CB  
501 O OG1 . THR B 2  ? 0.4351 0.3791 0.4002 -0.0100 -0.0059 0.0099  -2  THR B OG1 
502 C CG2 . THR B 2  ? 0.4528 0.3927 0.4196 -0.0228 -0.0045 0.0131  -2  THR B CG2 
503 N N   . ALA B 3  ? 0.2893 0.2684 0.2686 -0.0125 0.0024  0.0035  -1  ALA B N   
504 C CA  . ALA B 3  ? 0.2830 0.2698 0.2623 -0.0092 0.0024  0.0010  -1  ALA B CA  
505 C C   . ALA B 3  ? 0.3391 0.3287 0.3112 -0.0112 0.0040  0.0040  -1  ALA B C   
506 O O   . ALA B 3  ? 0.3322 0.3229 0.3035 -0.0157 0.0074  0.0070  -1  ALA B O   
507 C CB  . ALA B 3  ? 0.2527 0.2479 0.2398 -0.0088 0.0042  -0.0042 -1  ALA B CB  
508 N N   . ARG B 4  ? 0.3084 0.2999 0.2753 -0.0080 0.0016  0.0031  0   ARG B N   
509 C CA  . ARG B 4  ? 0.3101 0.3046 0.2671 -0.0091 0.0033  0.0044  0   ARG B CA  
510 C C   . ARG B 4  ? 0.3375 0.3413 0.2989 -0.0093 0.0073  -0.0014 0   ARG B C   
511 O O   . ARG B 4  ? 0.3241 0.3309 0.2944 -0.0076 0.0061  -0.0063 0   ARG B O   
512 C CB  . ARG B 4  ? 0.3153 0.3070 0.2644 -0.0053 -0.0030 0.0050  0   ARG B CB  
513 C CG  . ARG B 4  ? 0.3735 0.3668 0.3089 -0.0058 -0.0029 0.0056  0   ARG B CG  
514 C CD  . ARG B 4  ? 0.3852 0.3751 0.3143 -0.0017 -0.0118 0.0066  0   ARG B CD  
515 N NE  . ARG B 4  ? 0.5301 0.5185 0.4414 -0.0024 -0.0133 0.0082  0   ARG B NE  
516 C CZ  . ARG B 4  ? 0.6110 0.5909 0.5065 -0.0041 -0.0141 0.0158  0   ARG B CZ  
517 N NH1 . ARG B 4  ? 0.7179 0.6963 0.5946 -0.0049 -0.0152 0.0169  0   ARG B NH1 
518 N NH2 . ARG B 4  ? 0.5990 0.5703 0.4956 -0.0054 -0.0139 0.0224  0   ARG B NH2 
519 N N   . M3L B 5  ? 0.3883 0.3962 0.3436 -0.0113 0.0125  -0.0008 1   M3L B N   
520 C CA  . M3L B 5  ? 0.4525 0.4674 0.4100 -0.0098 0.0161  -0.0070 1   M3L B CA  
521 C CB  . M3L B 5  ? 0.4478 0.4700 0.4077 -0.0120 0.0242  -0.0061 1   M3L B CB  
522 C CG  . M3L B 5  ? 0.3394 0.3638 0.3144 -0.0140 0.0249  -0.0048 1   M3L B CG  
523 C CD  . M3L B 5  ? 0.3662 0.4009 0.3482 -0.0158 0.0322  -0.0041 1   M3L B CD  
524 C CE  . M3L B 5  ? 0.3088 0.3441 0.3040 -0.0191 0.0303  -0.0010 1   M3L B CE  
525 N NZ  . M3L B 5  ? 0.3327 0.3802 0.3411 -0.0214 0.0354  0.0002  1   M3L B NZ  
526 C C   . M3L B 5  ? 0.5579 0.5725 0.5034 -0.0074 0.0139  -0.0109 1   M3L B C   
527 O O   . M3L B 5  ? 0.6013 0.6141 0.5313 -0.0088 0.0160  -0.0068 1   M3L B O   
528 C CM1 . M3L B 5  ? 0.3212 0.3663 0.3394 -0.0257 0.0309  0.0038  1   M3L B CM1 
529 C CM2 . M3L B 5  ? 0.3852 0.4401 0.4019 -0.0156 0.0376  -0.0066 1   M3L B CM2 
530 C CM3 . M3L B 5  ? 0.3577 0.4120 0.3605 -0.0255 0.0427  0.0047  1   M3L B CM3 
531 N N   . SER B 6  ? 0.5912 0.6073 0.5412 -0.0051 0.0120  -0.0179 2   SER B N   
532 C CA  . SER B 6  ? 0.6710 0.6856 0.6099 -0.0034 0.0086  -0.0229 2   SER B CA  
533 C C   . SER B 6  ? 0.6941 0.7048 0.6241 -0.0032 0.0011  -0.0193 2   SER B C   
534 O O   . SER B 6  ? 0.6718 0.6824 0.6090 -0.0023 -0.0058 -0.0206 2   SER B O   
535 C CB  . SER B 6  ? 0.7017 0.7181 0.6280 -0.0028 0.0155  -0.0255 2   SER B CB  
536 O OG  . SER B 6  ? 0.6944 0.7167 0.6311 -0.0027 0.0235  -0.0258 2   SER B OG  
537 O O   . HOH C .  ? 0.5968 0.5324 0.5400 0.0237  0.0376  -0.0467 101 HOH A O   
538 O O   . HOH C .  ? 0.4424 0.5218 0.5182 -0.0129 -0.0246 -0.0319 102 HOH A O   
539 O O   . HOH C .  ? 0.4492 0.4347 0.3620 -0.0448 0.0828  -0.0128 103 HOH A O   
540 O O   . HOH C .  ? 0.3994 0.4568 0.4188 -0.0009 0.0401  -0.0232 104 HOH A O   
541 O O   . HOH C .  ? 0.3942 0.4183 0.4556 -0.0428 -0.0180 0.0078  105 HOH A O   
542 O O   . HOH C .  ? 0.2628 0.3728 0.3997 -0.0600 0.0064  0.0218  106 HOH A O   
543 O O   . HOH C .  ? 0.5360 0.5511 0.4921 0.0037  -0.0291 -0.0153 107 HOH A O   
544 O O   . HOH C .  ? 0.2463 0.2895 0.3004 -0.0109 0.0141  -0.0105 108 HOH A O   
545 O O   . HOH C .  ? 0.5190 0.5084 0.5376 -0.0487 0.0145  -0.0107 109 HOH A O   
546 O O   . HOH C .  ? 0.3245 0.3427 0.3466 -0.0391 0.0134  0.0126  110 HOH A O   
547 O O   . HOH C .  ? 0.3553 0.3753 0.3813 0.0166  -0.0054 -0.0169 111 HOH A O   
548 O O   . HOH C .  ? 0.7824 0.8579 0.8463 -0.0443 -0.0851 -0.0571 112 HOH A O   
549 O O   . HOH C .  ? 0.3102 0.3730 0.4114 -0.0293 -0.0121 0.0050  113 HOH A O   
550 O O   . HOH C .  ? 0.3716 0.3687 0.3843 0.0171  0.0022  -0.0174 114 HOH A O   
551 O O   . HOH C .  ? 0.4873 0.5293 0.5137 -0.0635 0.0320  0.0340  115 HOH A O   
552 O O   . HOH C .  ? 0.4213 0.3990 0.4283 -0.0486 -0.0559 -0.0734 116 HOH A O   
553 O O   . HOH C .  ? 0.3675 0.3756 0.3616 0.0052  0.0137  -0.0467 117 HOH A O   
554 O O   . HOH C .  ? 0.4524 0.5330 0.5860 0.0021  -0.0099 -0.0068 118 HOH A O   
555 O O   . HOH C .  ? 0.4428 0.4329 0.4894 -0.0581 -0.0154 -0.0340 119 HOH A O   
556 O O   . HOH C .  ? 0.6336 0.5962 0.6250 0.0029  -0.0054 -0.0662 120 HOH A O   
557 O O   . HOH C .  ? 0.5387 0.4870 0.5498 -0.0186 -0.0152 -0.0489 121 HOH A O   
558 O O   . HOH C .  ? 0.4986 0.5261 0.5457 -0.0629 0.0078  0.0251  122 HOH A O   
559 O O   . HOH C .  ? 0.5001 0.5916 0.6454 0.0198  0.0027  -0.0179 123 HOH A O   
560 O O   . HOH C .  ? 0.6927 0.6749 0.6741 0.0046  0.0014  -0.0636 124 HOH A O   
561 O O   . HOH C .  ? 0.6031 0.6608 0.7158 -0.0099 -0.0236 -0.0004 125 HOH A O   
562 O O   . HOH C .  ? 0.7243 0.6793 0.7462 -0.0086 -0.0101 -0.0287 126 HOH A O   
563 O O   . HOH C .  ? 0.6178 0.6501 0.6948 -0.0665 -0.0208 0.0188  127 HOH A O   
564 O O   . HOH C .  ? 0.5024 0.5192 0.4471 -0.0277 0.0959  -0.0260 128 HOH A O   
565 O O   . HOH C .  ? 0.4199 0.4818 0.4763 -0.0384 0.0350  0.0169  129 HOH A O   
566 O O   . HOH C .  ? 0.6792 0.6365 0.6518 -0.0326 -0.0495 -0.0835 130 HOH A O   
567 O O   . HOH C .  ? 0.7842 0.7433 0.7594 -0.0832 0.0339  0.0153  131 HOH A O   
568 O O   . HOH C .  ? 0.4268 0.5059 0.5407 -0.0794 -0.0016 0.0301  132 HOH A O   
569 O O   . HOH D .  ? 0.3799 0.3264 0.3512 -0.0028 0.0057  -0.0177 101 HOH B O   
570 O O   . HOH D .  ? 0.5906 0.5814 0.4717 0.0011  -0.0290 0.0002  102 HOH B O   
# 
loop_
_pdbx_poly_seq_scheme.asym_id 
_pdbx_poly_seq_scheme.entity_id 
_pdbx_poly_seq_scheme.seq_id 
_pdbx_poly_seq_scheme.mon_id 
_pdbx_poly_seq_scheme.ndb_seq_num 
_pdbx_poly_seq_scheme.pdb_seq_num 
_pdbx_poly_seq_scheme.auth_seq_num 
_pdbx_poly_seq_scheme.pdb_mon_id 
_pdbx_poly_seq_scheme.auth_mon_id 
_pdbx_poly_seq_scheme.pdb_strand_id 
_pdbx_poly_seq_scheme.pdb_ins_code 
_pdbx_poly_seq_scheme.hetero 
A 1 1  GLU 1  22 22 GLU GLU A . n 
A 1 2  GLU 2  23 23 GLU GLU A . n 
A 1 3  TRP 3  24 24 TRP TRP A . n 
A 1 4  ALA 4  25 25 ALA ALA A . n 
A 1 5  VAL 5  26 26 VAL VAL A . n 
A 1 6  GLU 6  27 27 GLU GLU A . n 
A 1 7  LYS 7  28 28 LYS LYS A . n 
A 1 8  ILE 8  29 29 ILE ILE A . n 
A 1 9  ILE 9  30 30 ILE ILE A . n 
A 1 10 ASP 10 31 31 ASP ASP A . n 
A 1 11 ARG 11 32 32 ARG ARG A . n 
A 1 12 ARG 12 33 33 ARG ARG A . n 
A 1 13 VAL 13 34 34 VAL VAL A . n 
A 1 14 ARG 14 35 35 ARG ARG A . n 
A 1 15 LYS 15 36 36 LYS LYS A . n 
A 1 16 GLY 16 37 37 GLY GLY A . n 
A 1 17 MET 17 38 38 MET MET A . n 
A 1 18 VAL 18 39 39 VAL VAL A . n 
A 1 19 GLU 19 40 40 GLU GLU A . n 
A 1 20 TYR 20 41 41 TYR TYR A . n 
A 1 21 TYR 21 42 42 TYR TYR A . n 
A 1 22 LEU 22 43 43 LEU LEU A . n 
A 1 23 LYS 23 44 44 LYS LYS A . n 
A 1 24 TRP 24 45 45 TRP TRP A . n 
A 1 25 LYS 25 46 46 LYS LYS A . n 
A 1 26 GLY 26 47 47 GLY GLY A . n 
A 1 27 TYR 27 48 48 TYR TYR A . n 
A 1 28 PRO 28 49 49 PRO PRO A . n 
A 1 29 GLU 29 50 50 GLU GLU A . n 
A 1 30 THR 30 51 51 THR THR A . n 
A 1 31 GLU 31 52 52 GLU GLU A . n 
A 1 32 ASN 32 53 53 ASN ASN A . n 
A 1 33 THR 33 54 54 THR THR A . n 
A 1 34 TRP 34 55 55 TRP TRP A . n 
A 1 35 GLU 35 56 56 GLU GLU A . n 
A 1 36 PRO 36 57 57 PRO PRO A . n 
A 1 37 GLU 37 58 58 GLU GLU A . n 
A 1 38 ASN 38 59 59 ASN ASN A . n 
A 1 39 ASN 39 60 60 ASN ASN A . n 
A 1 40 LEU 40 61 61 LEU LEU A . n 
A 1 41 ASP 41 62 62 ASP ASP A . n 
A 1 42 CYS 42 63 63 CYS CYS A . n 
A 1 43 GLN 43 64 64 GLN GLN A . n 
A 1 44 ASP 44 65 65 ASP ASP A . n 
A 1 45 LEU 45 66 66 LEU LEU A . n 
A 1 46 ILE 46 67 67 ILE ILE A . n 
A 1 47 GLN 47 68 68 GLN GLN A . n 
A 1 48 GLN 48 69 69 GLN GLN A . n 
A 1 49 TYR 49 70 70 TYR TYR A . n 
A 1 50 GLU 50 71 71 GLU GLU A . n 
A 1 51 ALA 51 72 72 ALA ALA A . n 
A 1 52 SER 52 73 73 SER SER A . n 
A 1 53 ARG 53 74 74 ARG ARG A . n 
B 2 1  GLN 1  -3 -3 GLN GLN B . n 
B 2 2  THR 2  -2 -2 THR THR B . n 
B 2 3  ALA 3  -1 -1 ALA ALA B . n 
B 2 4  ARG 4  0  0  ARG ARG B . n 
B 2 5  M3L 5  1  1  M3L M3L B . n 
B 2 6  SER 6  2  2  SER SER B . n 
# 
loop_
_pdbx_nonpoly_scheme.asym_id 
_pdbx_nonpoly_scheme.entity_id 
_pdbx_nonpoly_scheme.mon_id 
_pdbx_nonpoly_scheme.ndb_seq_num 
_pdbx_nonpoly_scheme.pdb_seq_num 
_pdbx_nonpoly_scheme.auth_seq_num 
_pdbx_nonpoly_scheme.pdb_mon_id 
_pdbx_nonpoly_scheme.auth_mon_id 
_pdbx_nonpoly_scheme.pdb_strand_id 
_pdbx_nonpoly_scheme.pdb_ins_code 
C 3 HOH 1  101 20 HOH HOH A . 
C 3 HOH 2  102 11 HOH HOH A . 
C 3 HOH 3  103 6  HOH HOH A . 
C 3 HOH 4  104 7  HOH HOH A . 
C 3 HOH 5  105 10 HOH HOH A . 
C 3 HOH 6  106 2  HOH HOH A . 
C 3 HOH 7  107 12 HOH HOH A . 
C 3 HOH 8  108 1  HOH HOH A . 
C 3 HOH 9  109 17 HOH HOH A . 
C 3 HOH 10 110 3  HOH HOH A . 
C 3 HOH 11 111 9  HOH HOH A . 
C 3 HOH 12 112 19 HOH HOH A . 
C 3 HOH 13 113 16 HOH HOH A . 
C 3 HOH 14 114 8  HOH HOH A . 
C 3 HOH 15 115 18 HOH HOH A . 
C 3 HOH 16 116 5  HOH HOH A . 
C 3 HOH 17 117 4  HOH HOH A . 
C 3 HOH 18 118 22 HOH HOH A . 
C 3 HOH 19 119 13 HOH HOH A . 
C 3 HOH 20 120 27 HOH HOH A . 
C 3 HOH 21 121 32 HOH HOH A . 
C 3 HOH 22 122 33 HOH HOH A . 
C 3 HOH 23 123 28 HOH HOH A . 
C 3 HOH 24 124 30 HOH HOH A . 
C 3 HOH 25 125 29 HOH HOH A . 
C 3 HOH 26 126 21 HOH HOH A . 
C 3 HOH 27 127 34 HOH HOH A . 
C 3 HOH 28 128 24 HOH HOH A . 
C 3 HOH 29 129 23 HOH HOH A . 
C 3 HOH 30 130 25 HOH HOH A . 
C 3 HOH 31 131 26 HOH HOH A . 
C 3 HOH 32 132 31 HOH HOH A . 
D 3 HOH 1  101 15 HOH HOH B . 
D 3 HOH 2  102 14 HOH HOH B . 
# 
_pdbx_struct_assembly.id                   1 
_pdbx_struct_assembly.details              author_and_software_defined_assembly 
_pdbx_struct_assembly.method_details       PISA 
_pdbx_struct_assembly.oligomeric_details   dimeric 
_pdbx_struct_assembly.oligomeric_count     2 
# 
_pdbx_struct_assembly_gen.assembly_id       1 
_pdbx_struct_assembly_gen.oper_expression   1 
_pdbx_struct_assembly_gen.asym_id_list      A,B,C,D 
# 
loop_
_pdbx_struct_assembly_prop.biol_id 
_pdbx_struct_assembly_prop.type 
_pdbx_struct_assembly_prop.value 
_pdbx_struct_assembly_prop.details 
1 'ABSA (A^2)' 1090 ? 
1 MORE         -5   ? 
1 'SSA (A^2)'  4110 ? 
# 
_pdbx_struct_oper_list.id                   1 
_pdbx_struct_oper_list.type                 'identity operation' 
_pdbx_struct_oper_list.name                 1_555 
_pdbx_struct_oper_list.symmetry_operation   x,y,z 
_pdbx_struct_oper_list.matrix[1][1]         1.0000000000 
_pdbx_struct_oper_list.matrix[1][2]         0.0000000000 
_pdbx_struct_oper_list.matrix[1][3]         0.0000000000 
_pdbx_struct_oper_list.vector[1]            0.0000000000 
_pdbx_struct_oper_list.matrix[2][1]         0.0000000000 
_pdbx_struct_oper_list.matrix[2][2]         1.0000000000 
_pdbx_struct_oper_list.matrix[2][3]         0.0000000000 
_pdbx_struct_oper_list.vector[2]            0.0000000000 
_pdbx_struct_oper_list.matrix[3][1]         0.0000000000 
_pdbx_struct_oper_list.matrix[3][2]         0.0000000000 
_pdbx_struct_oper_list.matrix[3][3]         1.0000000000 
_pdbx_struct_oper_list.vector[3]            0.0000000000 
# 
_pdbx_struct_special_symmetry.id              1 
_pdbx_struct_special_symmetry.PDB_model_num   1 
_pdbx_struct_special_symmetry.auth_asym_id    A 
_pdbx_struct_special_symmetry.auth_comp_id    HOH 
_pdbx_struct_special_symmetry.auth_seq_id     129 
_pdbx_struct_special_symmetry.PDB_ins_code    ? 
_pdbx_struct_special_symmetry.label_asym_id   C 
_pdbx_struct_special_symmetry.label_comp_id   HOH 
_pdbx_struct_special_symmetry.label_seq_id    . 
# 
loop_
_pdbx_audit_revision_history.ordinal 
_pdbx_audit_revision_history.data_content_type 
_pdbx_audit_revision_history.major_revision 
_pdbx_audit_revision_history.minor_revision 
_pdbx_audit_revision_history.revision_date 
1 'Structure model' 1 0 2019-09-25 
2 'Structure model' 1 1 2019-12-18 
3 'Structure model' 1 2 2020-10-21 
4 'Structure model' 1 3 2023-10-11 
# 
_pdbx_audit_revision_details.ordinal             1 
_pdbx_audit_revision_details.revision_ordinal    1 
_pdbx_audit_revision_details.data_content_type   'Structure model' 
_pdbx_audit_revision_details.provider            repository 
_pdbx_audit_revision_details.type                'Initial release' 
_pdbx_audit_revision_details.description         ? 
_pdbx_audit_revision_details.details             ? 
# 
loop_
_pdbx_audit_revision_group.ordinal 
_pdbx_audit_revision_group.revision_ordinal 
_pdbx_audit_revision_group.data_content_type 
_pdbx_audit_revision_group.group 
1 2 'Structure model' 'Author supporting evidence' 
2 3 'Structure model' 'Database references'        
3 4 'Structure model' 'Data collection'            
4 4 'Structure model' 'Database references'        
5 4 'Structure model' 'Refinement description'     
# 
loop_
_pdbx_audit_revision_category.ordinal 
_pdbx_audit_revision_category.revision_ordinal 
_pdbx_audit_revision_category.data_content_type 
_pdbx_audit_revision_category.category 
1 2 'Structure model' pdbx_audit_support            
2 3 'Structure model' citation                      
3 4 'Structure model' chem_comp_atom                
4 4 'Structure model' chem_comp_bond                
5 4 'Structure model' database_2                    
6 4 'Structure model' pdbx_initial_refinement_model 
# 
loop_
_pdbx_audit_revision_item.ordinal 
_pdbx_audit_revision_item.revision_ordinal 
_pdbx_audit_revision_item.data_content_type 
_pdbx_audit_revision_item.item 
1  2 'Structure model' '_pdbx_audit_support.funding_organization' 
2  3 'Structure model' '_citation.country'                        
3  3 'Structure model' '_citation.journal_abbrev'                 
4  3 'Structure model' '_citation.journal_id_CSD'                 
5  3 'Structure model' '_citation.journal_id_ISSN'                
6  3 'Structure model' '_citation.journal_volume'                 
7  3 'Structure model' '_citation.page_first'                     
8  3 'Structure model' '_citation.page_last'                      
9  3 'Structure model' '_citation.pdbx_database_id_DOI'           
10 3 'Structure model' '_citation.title'                          
11 3 'Structure model' '_citation.year'                           
12 4 'Structure model' '_database_2.pdbx_DOI'                     
13 4 'Structure model' '_database_2.pdbx_database_accession'      
# 
_pdbx_refine_tls.pdbx_refine_id   'X-RAY DIFFRACTION' 
_pdbx_refine_tls.id               1 
_pdbx_refine_tls.details          ? 
_pdbx_refine_tls.method           refined 
_pdbx_refine_tls.origin_x         -0.5421 
_pdbx_refine_tls.origin_y         0.3430 
_pdbx_refine_tls.origin_z         0.2594 
_pdbx_refine_tls.T[1][1]          0.1823 
_pdbx_refine_tls.T[2][2]          0.1876 
_pdbx_refine_tls.T[3][3]          0.1909 
_pdbx_refine_tls.T[1][2]          -0.0107 
_pdbx_refine_tls.T[1][3]          0.0062 
_pdbx_refine_tls.T[2][3]          -0.0173 
_pdbx_refine_tls.L[1][1]          1.1493 
_pdbx_refine_tls.L[2][2]          1.7459 
_pdbx_refine_tls.L[3][3]          1.6072 
_pdbx_refine_tls.L[1][2]          0.1207 
_pdbx_refine_tls.L[1][3]          0.3949 
_pdbx_refine_tls.L[2][3]          -0.0274 
_pdbx_refine_tls.S[1][1]          -0.0140 
_pdbx_refine_tls.S[2][2]          0.0414 
_pdbx_refine_tls.S[3][3]          -0.0155 
_pdbx_refine_tls.S[1][2]          -0.1092 
_pdbx_refine_tls.S[1][3]          0.0309 
_pdbx_refine_tls.S[2][3]          -0.0157 
_pdbx_refine_tls.S[2][1]          0.0277 
_pdbx_refine_tls.S[3][1]          0.0271 
_pdbx_refine_tls.S[3][2]          0.0332 
# 
loop_
_pdbx_refine_tls_group.pdbx_refine_id 
_pdbx_refine_tls_group.id 
_pdbx_refine_tls_group.refine_tls_id 
_pdbx_refine_tls_group.beg_auth_asym_id 
_pdbx_refine_tls_group.beg_auth_seq_id 
_pdbx_refine_tls_group.end_auth_asym_id 
_pdbx_refine_tls_group.end_auth_seq_id 
_pdbx_refine_tls_group.selection_details 
_pdbx_refine_tls_group.beg_label_asym_id 
_pdbx_refine_tls_group.beg_label_seq_id 
_pdbx_refine_tls_group.end_label_asym_id 
_pdbx_refine_tls_group.end_label_seq_id 
_pdbx_refine_tls_group.selection 
'X-RAY DIFFRACTION' 1 1 A 22 A 74 all ? ? ? ? ? 
'X-RAY DIFFRACTION' 2 1 B -3 B 2  all ? ? ? ? ? 
'X-RAY DIFFRACTION' 3 1 S 1  S 27 all ? ? ? ? ? 
'X-RAY DIFFRACTION' 4 1 S 28 S 34 all ? ? ? ? ? 
# 
_phasing.method   MR 
# 
loop_
_software.citation_id 
_software.classification 
_software.compiler_name 
_software.compiler_version 
_software.contact_author 
_software.contact_author_email 
_software.date 
_software.description 
_software.dependencies 
_software.hardware 
_software.language 
_software.location 
_software.mods 
_software.name 
_software.os 
_software.os_version 
_software.type 
_software.version 
_software.pdbx_ordinal 
? 'data scaling'    ? ? ? ? ? ? ? ? ? ? ? XSCALE      ? ? ? .           1 
? phasing           ? ? ? ? ? ? ? ? ? ? ? PHASER      ? ? ? .           2 
? refinement        ? ? ? ? ? ? ? ? ? ? ? PHENIX      ? ? ? 1.10.1_2155 3 
? 'data extraction' ? ? ? ? ? ? ? ? ? ? ? PDB_EXTRACT ? ? ? 3.24        4 
? 'data reduction'  ? ? ? ? ? ? ? ? ? ? ? KYLIN       ? ? ? .           5 
# 
loop_
_pdbx_validate_symm_contact.id 
_pdbx_validate_symm_contact.PDB_model_num 
_pdbx_validate_symm_contact.auth_atom_id_1 
_pdbx_validate_symm_contact.auth_asym_id_1 
_pdbx_validate_symm_contact.auth_comp_id_1 
_pdbx_validate_symm_contact.auth_seq_id_1 
_pdbx_validate_symm_contact.PDB_ins_code_1 
_pdbx_validate_symm_contact.label_alt_id_1 
_pdbx_validate_symm_contact.site_symmetry_1 
_pdbx_validate_symm_contact.auth_atom_id_2 
_pdbx_validate_symm_contact.auth_asym_id_2 
_pdbx_validate_symm_contact.auth_comp_id_2 
_pdbx_validate_symm_contact.auth_seq_id_2 
_pdbx_validate_symm_contact.PDB_ins_code_2 
_pdbx_validate_symm_contact.label_alt_id_2 
_pdbx_validate_symm_contact.site_symmetry_2 
_pdbx_validate_symm_contact.dist 
1 1 OE2 A GLU 23 ? ? 1_555 O  A HOH 112 ? ? 8_445 1.86 
2 1 OG  A SER 73 ? ? 1_555 OG A SER 73  ? ? 4_555 2.01 
# 
loop_
_pdbx_validate_torsion.id 
_pdbx_validate_torsion.PDB_model_num 
_pdbx_validate_torsion.auth_comp_id 
_pdbx_validate_torsion.auth_asym_id 
_pdbx_validate_torsion.auth_seq_id 
_pdbx_validate_torsion.PDB_ins_code 
_pdbx_validate_torsion.label_alt_id 
_pdbx_validate_torsion.phi 
_pdbx_validate_torsion.psi 
1 1 ASP A 62 ? ? -114.18 73.97 
2 1 CYS A 63 ? ? -141.86 52.04 
# 
_pdbx_validate_main_chain_plane.id                       1 
_pdbx_validate_main_chain_plane.PDB_model_num            1 
_pdbx_validate_main_chain_plane.auth_comp_id             M3L 
_pdbx_validate_main_chain_plane.auth_asym_id             B 
_pdbx_validate_main_chain_plane.auth_seq_id              1 
_pdbx_validate_main_chain_plane.PDB_ins_code             ? 
_pdbx_validate_main_chain_plane.label_alt_id             ? 
_pdbx_validate_main_chain_plane.improper_torsion_angle   -10.10 
# 
loop_
_pdbx_unobs_or_zero_occ_atoms.id 
_pdbx_unobs_or_zero_occ_atoms.PDB_model_num 
_pdbx_unobs_or_zero_occ_atoms.polymer_flag 
_pdbx_unobs_or_zero_occ_atoms.occupancy_flag 
_pdbx_unobs_or_zero_occ_atoms.auth_asym_id 
_pdbx_unobs_or_zero_occ_atoms.auth_comp_id 
_pdbx_unobs_or_zero_occ_atoms.auth_seq_id 
_pdbx_unobs_or_zero_occ_atoms.PDB_ins_code 
_pdbx_unobs_or_zero_occ_atoms.auth_atom_id 
_pdbx_unobs_or_zero_occ_atoms.label_alt_id 
_pdbx_unobs_or_zero_occ_atoms.label_asym_id 
_pdbx_unobs_or_zero_occ_atoms.label_comp_id 
_pdbx_unobs_or_zero_occ_atoms.label_seq_id 
_pdbx_unobs_or_zero_occ_atoms.label_atom_id 
1 1 Y 1 A MET 38 ? CG ? A MET 17 CG 
2 1 Y 1 A MET 38 ? SD ? A MET 17 SD 
3 1 Y 1 A MET 38 ? CE ? A MET 17 CE 
# 
loop_
_chem_comp_atom.comp_id 
_chem_comp_atom.atom_id 
_chem_comp_atom.type_symbol 
_chem_comp_atom.pdbx_aromatic_flag 
_chem_comp_atom.pdbx_stereo_config 
_chem_comp_atom.pdbx_ordinal 
ALA N    N N N 1   
ALA CA   C N S 2   
ALA C    C N N 3   
ALA O    O N N 4   
ALA CB   C N N 5   
ALA OXT  O N N 6   
ALA H    H N N 7   
ALA H2   H N N 8   
ALA HA   H N N 9   
ALA HB1  H N N 10  
ALA HB2  H N N 11  
ALA HB3  H N N 12  
ALA HXT  H N N 13  
ARG N    N N N 14  
ARG CA   C N S 15  
ARG C    C N N 16  
ARG O    O N N 17  
ARG CB   C N N 18  
ARG CG   C N N 19  
ARG CD   C N N 20  
ARG NE   N N N 21  
ARG CZ   C N N 22  
ARG NH1  N N N 23  
ARG NH2  N N N 24  
ARG OXT  O N N 25  
ARG H    H N N 26  
ARG H2   H N N 27  
ARG HA   H N N 28  
ARG HB2  H N N 29  
ARG HB3  H N N 30  
ARG HG2  H N N 31  
ARG HG3  H N N 32  
ARG HD2  H N N 33  
ARG HD3  H N N 34  
ARG HE   H N N 35  
ARG HH11 H N N 36  
ARG HH12 H N N 37  
ARG HH21 H N N 38  
ARG HH22 H N N 39  
ARG HXT  H N N 40  
ASN N    N N N 41  
ASN CA   C N S 42  
ASN C    C N N 43  
ASN O    O N N 44  
ASN CB   C N N 45  
ASN CG   C N N 46  
ASN OD1  O N N 47  
ASN ND2  N N N 48  
ASN OXT  O N N 49  
ASN H    H N N 50  
ASN H2   H N N 51  
ASN HA   H N N 52  
ASN HB2  H N N 53  
ASN HB3  H N N 54  
ASN HD21 H N N 55  
ASN HD22 H N N 56  
ASN HXT  H N N 57  
ASP N    N N N 58  
ASP CA   C N S 59  
ASP C    C N N 60  
ASP O    O N N 61  
ASP CB   C N N 62  
ASP CG   C N N 63  
ASP OD1  O N N 64  
ASP OD2  O N N 65  
ASP OXT  O N N 66  
ASP H    H N N 67  
ASP H2   H N N 68  
ASP HA   H N N 69  
ASP HB2  H N N 70  
ASP HB3  H N N 71  
ASP HD2  H N N 72  
ASP HXT  H N N 73  
CYS N    N N N 74  
CYS CA   C N R 75  
CYS C    C N N 76  
CYS O    O N N 77  
CYS CB   C N N 78  
CYS SG   S N N 79  
CYS OXT  O N N 80  
CYS H    H N N 81  
CYS H2   H N N 82  
CYS HA   H N N 83  
CYS HB2  H N N 84  
CYS HB3  H N N 85  
CYS HG   H N N 86  
CYS HXT  H N N 87  
GLN N    N N N 88  
GLN CA   C N S 89  
GLN C    C N N 90  
GLN O    O N N 91  
GLN CB   C N N 92  
GLN CG   C N N 93  
GLN CD   C N N 94  
GLN OE1  O N N 95  
GLN NE2  N N N 96  
GLN OXT  O N N 97  
GLN H    H N N 98  
GLN H2   H N N 99  
GLN HA   H N N 100 
GLN HB2  H N N 101 
GLN HB3  H N N 102 
GLN HG2  H N N 103 
GLN HG3  H N N 104 
GLN HE21 H N N 105 
GLN HE22 H N N 106 
GLN HXT  H N N 107 
GLU N    N N N 108 
GLU CA   C N S 109 
GLU C    C N N 110 
GLU O    O N N 111 
GLU CB   C N N 112 
GLU CG   C N N 113 
GLU CD   C N N 114 
GLU OE1  O N N 115 
GLU OE2  O N N 116 
GLU OXT  O N N 117 
GLU H    H N N 118 
GLU H2   H N N 119 
GLU HA   H N N 120 
GLU HB2  H N N 121 
GLU HB3  H N N 122 
GLU HG2  H N N 123 
GLU HG3  H N N 124 
GLU HE2  H N N 125 
GLU HXT  H N N 126 
GLY N    N N N 127 
GLY CA   C N N 128 
GLY C    C N N 129 
GLY O    O N N 130 
GLY OXT  O N N 131 
GLY H    H N N 132 
GLY H2   H N N 133 
GLY HA2  H N N 134 
GLY HA3  H N N 135 
GLY HXT  H N N 136 
HOH O    O N N 137 
HOH H1   H N N 138 
HOH H2   H N N 139 
ILE N    N N N 140 
ILE CA   C N S 141 
ILE C    C N N 142 
ILE O    O N N 143 
ILE CB   C N S 144 
ILE CG1  C N N 145 
ILE CG2  C N N 146 
ILE CD1  C N N 147 
ILE OXT  O N N 148 
ILE H    H N N 149 
ILE H2   H N N 150 
ILE HA   H N N 151 
ILE HB   H N N 152 
ILE HG12 H N N 153 
ILE HG13 H N N 154 
ILE HG21 H N N 155 
ILE HG22 H N N 156 
ILE HG23 H N N 157 
ILE HD11 H N N 158 
ILE HD12 H N N 159 
ILE HD13 H N N 160 
ILE HXT  H N N 161 
LEU N    N N N 162 
LEU CA   C N S 163 
LEU C    C N N 164 
LEU O    O N N 165 
LEU CB   C N N 166 
LEU CG   C N N 167 
LEU CD1  C N N 168 
LEU CD2  C N N 169 
LEU OXT  O N N 170 
LEU H    H N N 171 
LEU H2   H N N 172 
LEU HA   H N N 173 
LEU HB2  H N N 174 
LEU HB3  H N N 175 
LEU HG   H N N 176 
LEU HD11 H N N 177 
LEU HD12 H N N 178 
LEU HD13 H N N 179 
LEU HD21 H N N 180 
LEU HD22 H N N 181 
LEU HD23 H N N 182 
LEU HXT  H N N 183 
LYS N    N N N 184 
LYS CA   C N S 185 
LYS C    C N N 186 
LYS O    O N N 187 
LYS CB   C N N 188 
LYS CG   C N N 189 
LYS CD   C N N 190 
LYS CE   C N N 191 
LYS NZ   N N N 192 
LYS OXT  O N N 193 
LYS H    H N N 194 
LYS H2   H N N 195 
LYS HA   H N N 196 
LYS HB2  H N N 197 
LYS HB3  H N N 198 
LYS HG2  H N N 199 
LYS HG3  H N N 200 
LYS HD2  H N N 201 
LYS HD3  H N N 202 
LYS HE2  H N N 203 
LYS HE3  H N N 204 
LYS HZ1  H N N 205 
LYS HZ2  H N N 206 
LYS HZ3  H N N 207 
LYS HXT  H N N 208 
M3L N    N N N 209 
M3L CA   C N S 210 
M3L CB   C N N 211 
M3L CG   C N N 212 
M3L CD   C N N 213 
M3L CE   C N N 214 
M3L NZ   N N N 215 
M3L C    C N N 216 
M3L O    O N N 217 
M3L OXT  O N N 218 
M3L CM1  C N N 219 
M3L CM2  C N N 220 
M3L CM3  C N N 221 
M3L H    H N N 222 
M3L H2   H N N 223 
M3L HA   H N N 224 
M3L HB2  H N N 225 
M3L HB3  H N N 226 
M3L HG2  H N N 227 
M3L HG3  H N N 228 
M3L HD2  H N N 229 
M3L HD3  H N N 230 
M3L HE2  H N N 231 
M3L HE3  H N N 232 
M3L HXT  H N N 233 
M3L HM11 H N N 234 
M3L HM12 H N N 235 
M3L HM13 H N N 236 
M3L HM21 H N N 237 
M3L HM22 H N N 238 
M3L HM23 H N N 239 
M3L HM31 H N N 240 
M3L HM32 H N N 241 
M3L HM33 H N N 242 
MET N    N N N 243 
MET CA   C N S 244 
MET C    C N N 245 
MET O    O N N 246 
MET CB   C N N 247 
MET CG   C N N 248 
MET SD   S N N 249 
MET CE   C N N 250 
MET OXT  O N N 251 
MET H    H N N 252 
MET H2   H N N 253 
MET HA   H N N 254 
MET HB2  H N N 255 
MET HB3  H N N 256 
MET HG2  H N N 257 
MET HG3  H N N 258 
MET HE1  H N N 259 
MET HE2  H N N 260 
MET HE3  H N N 261 
MET HXT  H N N 262 
PRO N    N N N 263 
PRO CA   C N S 264 
PRO C    C N N 265 
PRO O    O N N 266 
PRO CB   C N N 267 
PRO CG   C N N 268 
PRO CD   C N N 269 
PRO OXT  O N N 270 
PRO H    H N N 271 
PRO HA   H N N 272 
PRO HB2  H N N 273 
PRO HB3  H N N 274 
PRO HG2  H N N 275 
PRO HG3  H N N 276 
PRO HD2  H N N 277 
PRO HD3  H N N 278 
PRO HXT  H N N 279 
SER N    N N N 280 
SER CA   C N S 281 
SER C    C N N 282 
SER O    O N N 283 
SER CB   C N N 284 
SER OG   O N N 285 
SER OXT  O N N 286 
SER H    H N N 287 
SER H2   H N N 288 
SER HA   H N N 289 
SER HB2  H N N 290 
SER HB3  H N N 291 
SER HG   H N N 292 
SER HXT  H N N 293 
THR N    N N N 294 
THR CA   C N S 295 
THR C    C N N 296 
THR O    O N N 297 
THR CB   C N R 298 
THR OG1  O N N 299 
THR CG2  C N N 300 
THR OXT  O N N 301 
THR H    H N N 302 
THR H2   H N N 303 
THR HA   H N N 304 
THR HB   H N N 305 
THR HG1  H N N 306 
THR HG21 H N N 307 
THR HG22 H N N 308 
THR HG23 H N N 309 
THR HXT  H N N 310 
TRP N    N N N 311 
TRP CA   C N S 312 
TRP C    C N N 313 
TRP O    O N N 314 
TRP CB   C N N 315 
TRP CG   C Y N 316 
TRP CD1  C Y N 317 
TRP CD2  C Y N 318 
TRP NE1  N Y N 319 
TRP CE2  C Y N 320 
TRP CE3  C Y N 321 
TRP CZ2  C Y N 322 
TRP CZ3  C Y N 323 
TRP CH2  C Y N 324 
TRP OXT  O N N 325 
TRP H    H N N 326 
TRP H2   H N N 327 
TRP HA   H N N 328 
TRP HB2  H N N 329 
TRP HB3  H N N 330 
TRP HD1  H N N 331 
TRP HE1  H N N 332 
TRP HE3  H N N 333 
TRP HZ2  H N N 334 
TRP HZ3  H N N 335 
TRP HH2  H N N 336 
TRP HXT  H N N 337 
TYR N    N N N 338 
TYR CA   C N S 339 
TYR C    C N N 340 
TYR O    O N N 341 
TYR CB   C N N 342 
TYR CG   C Y N 343 
TYR CD1  C Y N 344 
TYR CD2  C Y N 345 
TYR CE1  C Y N 346 
TYR CE2  C Y N 347 
TYR CZ   C Y N 348 
TYR OH   O N N 349 
TYR OXT  O N N 350 
TYR H    H N N 351 
TYR H2   H N N 352 
TYR HA   H N N 353 
TYR HB2  H N N 354 
TYR HB3  H N N 355 
TYR HD1  H N N 356 
TYR HD2  H N N 357 
TYR HE1  H N N 358 
TYR HE2  H N N 359 
TYR HH   H N N 360 
TYR HXT  H N N 361 
VAL N    N N N 362 
VAL CA   C N S 363 
VAL C    C N N 364 
VAL O    O N N 365 
VAL CB   C N N 366 
VAL CG1  C N N 367 
VAL CG2  C N N 368 
VAL OXT  O N N 369 
VAL H    H N N 370 
VAL H2   H N N 371 
VAL HA   H N N 372 
VAL HB   H N N 373 
VAL HG11 H N N 374 
VAL HG12 H N N 375 
VAL HG13 H N N 376 
VAL HG21 H N N 377 
VAL HG22 H N N 378 
VAL HG23 H N N 379 
VAL HXT  H N N 380 
# 
loop_
_chem_comp_bond.comp_id 
_chem_comp_bond.atom_id_1 
_chem_comp_bond.atom_id_2 
_chem_comp_bond.value_order 
_chem_comp_bond.pdbx_aromatic_flag 
_chem_comp_bond.pdbx_stereo_config 
_chem_comp_bond.pdbx_ordinal 
ALA N   CA   sing N N 1   
ALA N   H    sing N N 2   
ALA N   H2   sing N N 3   
ALA CA  C    sing N N 4   
ALA CA  CB   sing N N 5   
ALA CA  HA   sing N N 6   
ALA C   O    doub N N 7   
ALA C   OXT  sing N N 8   
ALA CB  HB1  sing N N 9   
ALA CB  HB2  sing N N 10  
ALA CB  HB3  sing N N 11  
ALA OXT HXT  sing N N 12  
ARG N   CA   sing N N 13  
ARG N   H    sing N N 14  
ARG N   H2   sing N N 15  
ARG CA  C    sing N N 16  
ARG CA  CB   sing N N 17  
ARG CA  HA   sing N N 18  
ARG C   O    doub N N 19  
ARG C   OXT  sing N N 20  
ARG CB  CG   sing N N 21  
ARG CB  HB2  sing N N 22  
ARG CB  HB3  sing N N 23  
ARG CG  CD   sing N N 24  
ARG CG  HG2  sing N N 25  
ARG CG  HG3  sing N N 26  
ARG CD  NE   sing N N 27  
ARG CD  HD2  sing N N 28  
ARG CD  HD3  sing N N 29  
ARG NE  CZ   sing N N 30  
ARG NE  HE   sing N N 31  
ARG CZ  NH1  sing N N 32  
ARG CZ  NH2  doub N N 33  
ARG NH1 HH11 sing N N 34  
ARG NH1 HH12 sing N N 35  
ARG NH2 HH21 sing N N 36  
ARG NH2 HH22 sing N N 37  
ARG OXT HXT  sing N N 38  
ASN N   CA   sing N N 39  
ASN N   H    sing N N 40  
ASN N   H2   sing N N 41  
ASN CA  C    sing N N 42  
ASN CA  CB   sing N N 43  
ASN CA  HA   sing N N 44  
ASN C   O    doub N N 45  
ASN C   OXT  sing N N 46  
ASN CB  CG   sing N N 47  
ASN CB  HB2  sing N N 48  
ASN CB  HB3  sing N N 49  
ASN CG  OD1  doub N N 50  
ASN CG  ND2  sing N N 51  
ASN ND2 HD21 sing N N 52  
ASN ND2 HD22 sing N N 53  
ASN OXT HXT  sing N N 54  
ASP N   CA   sing N N 55  
ASP N   H    sing N N 56  
ASP N   H2   sing N N 57  
ASP CA  C    sing N N 58  
ASP CA  CB   sing N N 59  
ASP CA  HA   sing N N 60  
ASP C   O    doub N N 61  
ASP C   OXT  sing N N 62  
ASP CB  CG   sing N N 63  
ASP CB  HB2  sing N N 64  
ASP CB  HB3  sing N N 65  
ASP CG  OD1  doub N N 66  
ASP CG  OD2  sing N N 67  
ASP OD2 HD2  sing N N 68  
ASP OXT HXT  sing N N 69  
CYS N   CA   sing N N 70  
CYS N   H    sing N N 71  
CYS N   H2   sing N N 72  
CYS CA  C    sing N N 73  
CYS CA  CB   sing N N 74  
CYS CA  HA   sing N N 75  
CYS C   O    doub N N 76  
CYS C   OXT  sing N N 77  
CYS CB  SG   sing N N 78  
CYS CB  HB2  sing N N 79  
CYS CB  HB3  sing N N 80  
CYS SG  HG   sing N N 81  
CYS OXT HXT  sing N N 82  
GLN N   CA   sing N N 83  
GLN N   H    sing N N 84  
GLN N   H2   sing N N 85  
GLN CA  C    sing N N 86  
GLN CA  CB   sing N N 87  
GLN CA  HA   sing N N 88  
GLN C   O    doub N N 89  
GLN C   OXT  sing N N 90  
GLN CB  CG   sing N N 91  
GLN CB  HB2  sing N N 92  
GLN CB  HB3  sing N N 93  
GLN CG  CD   sing N N 94  
GLN CG  HG2  sing N N 95  
GLN CG  HG3  sing N N 96  
GLN CD  OE1  doub N N 97  
GLN CD  NE2  sing N N 98  
GLN NE2 HE21 sing N N 99  
GLN NE2 HE22 sing N N 100 
GLN OXT HXT  sing N N 101 
GLU N   CA   sing N N 102 
GLU N   H    sing N N 103 
GLU N   H2   sing N N 104 
GLU CA  C    sing N N 105 
GLU CA  CB   sing N N 106 
GLU CA  HA   sing N N 107 
GLU C   O    doub N N 108 
GLU C   OXT  sing N N 109 
GLU CB  CG   sing N N 110 
GLU CB  HB2  sing N N 111 
GLU CB  HB3  sing N N 112 
GLU CG  CD   sing N N 113 
GLU CG  HG2  sing N N 114 
GLU CG  HG3  sing N N 115 
GLU CD  OE1  doub N N 116 
GLU CD  OE2  sing N N 117 
GLU OE2 HE2  sing N N 118 
GLU OXT HXT  sing N N 119 
GLY N   CA   sing N N 120 
GLY N   H    sing N N 121 
GLY N   H2   sing N N 122 
GLY CA  C    sing N N 123 
GLY CA  HA2  sing N N 124 
GLY CA  HA3  sing N N 125 
GLY C   O    doub N N 126 
GLY C   OXT  sing N N 127 
GLY OXT HXT  sing N N 128 
HOH O   H1   sing N N 129 
HOH O   H2   sing N N 130 
ILE N   CA   sing N N 131 
ILE N   H    sing N N 132 
ILE N   H2   sing N N 133 
ILE CA  C    sing N N 134 
ILE CA  CB   sing N N 135 
ILE CA  HA   sing N N 136 
ILE C   O    doub N N 137 
ILE C   OXT  sing N N 138 
ILE CB  CG1  sing N N 139 
ILE CB  CG2  sing N N 140 
ILE CB  HB   sing N N 141 
ILE CG1 CD1  sing N N 142 
ILE CG1 HG12 sing N N 143 
ILE CG1 HG13 sing N N 144 
ILE CG2 HG21 sing N N 145 
ILE CG2 HG22 sing N N 146 
ILE CG2 HG23 sing N N 147 
ILE CD1 HD11 sing N N 148 
ILE CD1 HD12 sing N N 149 
ILE CD1 HD13 sing N N 150 
ILE OXT HXT  sing N N 151 
LEU N   CA   sing N N 152 
LEU N   H    sing N N 153 
LEU N   H2   sing N N 154 
LEU CA  C    sing N N 155 
LEU CA  CB   sing N N 156 
LEU CA  HA   sing N N 157 
LEU C   O    doub N N 158 
LEU C   OXT  sing N N 159 
LEU CB  CG   sing N N 160 
LEU CB  HB2  sing N N 161 
LEU CB  HB3  sing N N 162 
LEU CG  CD1  sing N N 163 
LEU CG  CD2  sing N N 164 
LEU CG  HG   sing N N 165 
LEU CD1 HD11 sing N N 166 
LEU CD1 HD12 sing N N 167 
LEU CD1 HD13 sing N N 168 
LEU CD2 HD21 sing N N 169 
LEU CD2 HD22 sing N N 170 
LEU CD2 HD23 sing N N 171 
LEU OXT HXT  sing N N 172 
LYS N   CA   sing N N 173 
LYS N   H    sing N N 174 
LYS N   H2   sing N N 175 
LYS CA  C    sing N N 176 
LYS CA  CB   sing N N 177 
LYS CA  HA   sing N N 178 
LYS C   O    doub N N 179 
LYS C   OXT  sing N N 180 
LYS CB  CG   sing N N 181 
LYS CB  HB2  sing N N 182 
LYS CB  HB3  sing N N 183 
LYS CG  CD   sing N N 184 
LYS CG  HG2  sing N N 185 
LYS CG  HG3  sing N N 186 
LYS CD  CE   sing N N 187 
LYS CD  HD2  sing N N 188 
LYS CD  HD3  sing N N 189 
LYS CE  NZ   sing N N 190 
LYS CE  HE2  sing N N 191 
LYS CE  HE3  sing N N 192 
LYS NZ  HZ1  sing N N 193 
LYS NZ  HZ2  sing N N 194 
LYS NZ  HZ3  sing N N 195 
LYS OXT HXT  sing N N 196 
M3L N   CA   sing N N 197 
M3L N   H    sing N N 198 
M3L N   H2   sing N N 199 
M3L CA  CB   sing N N 200 
M3L CA  C    sing N N 201 
M3L CA  HA   sing N N 202 
M3L CB  CG   sing N N 203 
M3L CB  HB2  sing N N 204 
M3L CB  HB3  sing N N 205 
M3L CG  CD   sing N N 206 
M3L CG  HG2  sing N N 207 
M3L CG  HG3  sing N N 208 
M3L CD  CE   sing N N 209 
M3L CD  HD2  sing N N 210 
M3L CD  HD3  sing N N 211 
M3L CE  NZ   sing N N 212 
M3L CE  HE2  sing N N 213 
M3L CE  HE3  sing N N 214 
M3L NZ  CM1  sing N N 215 
M3L NZ  CM2  sing N N 216 
M3L NZ  CM3  sing N N 217 
M3L C   O    doub N N 218 
M3L C   OXT  sing N N 219 
M3L OXT HXT  sing N N 220 
M3L CM1 HM11 sing N N 221 
M3L CM1 HM12 sing N N 222 
M3L CM1 HM13 sing N N 223 
M3L CM2 HM21 sing N N 224 
M3L CM2 HM22 sing N N 225 
M3L CM2 HM23 sing N N 226 
M3L CM3 HM31 sing N N 227 
M3L CM3 HM32 sing N N 228 
M3L CM3 HM33 sing N N 229 
MET N   CA   sing N N 230 
MET N   H    sing N N 231 
MET N   H2   sing N N 232 
MET CA  C    sing N N 233 
MET CA  CB   sing N N 234 
MET CA  HA   sing N N 235 
MET C   O    doub N N 236 
MET C   OXT  sing N N 237 
MET CB  CG   sing N N 238 
MET CB  HB2  sing N N 239 
MET CB  HB3  sing N N 240 
MET CG  SD   sing N N 241 
MET CG  HG2  sing N N 242 
MET CG  HG3  sing N N 243 
MET SD  CE   sing N N 244 
MET CE  HE1  sing N N 245 
MET CE  HE2  sing N N 246 
MET CE  HE3  sing N N 247 
MET OXT HXT  sing N N 248 
PRO N   CA   sing N N 249 
PRO N   CD   sing N N 250 
PRO N   H    sing N N 251 
PRO CA  C    sing N N 252 
PRO CA  CB   sing N N 253 
PRO CA  HA   sing N N 254 
PRO C   O    doub N N 255 
PRO C   OXT  sing N N 256 
PRO CB  CG   sing N N 257 
PRO CB  HB2  sing N N 258 
PRO CB  HB3  sing N N 259 
PRO CG  CD   sing N N 260 
PRO CG  HG2  sing N N 261 
PRO CG  HG3  sing N N 262 
PRO CD  HD2  sing N N 263 
PRO CD  HD3  sing N N 264 
PRO OXT HXT  sing N N 265 
SER N   CA   sing N N 266 
SER N   H    sing N N 267 
SER N   H2   sing N N 268 
SER CA  C    sing N N 269 
SER CA  CB   sing N N 270 
SER CA  HA   sing N N 271 
SER C   O    doub N N 272 
SER C   OXT  sing N N 273 
SER CB  OG   sing N N 274 
SER CB  HB2  sing N N 275 
SER CB  HB3  sing N N 276 
SER OG  HG   sing N N 277 
SER OXT HXT  sing N N 278 
THR N   CA   sing N N 279 
THR N   H    sing N N 280 
THR N   H2   sing N N 281 
THR CA  C    sing N N 282 
THR CA  CB   sing N N 283 
THR CA  HA   sing N N 284 
THR C   O    doub N N 285 
THR C   OXT  sing N N 286 
THR CB  OG1  sing N N 287 
THR CB  CG2  sing N N 288 
THR CB  HB   sing N N 289 
THR OG1 HG1  sing N N 290 
THR CG2 HG21 sing N N 291 
THR CG2 HG22 sing N N 292 
THR CG2 HG23 sing N N 293 
THR OXT HXT  sing N N 294 
TRP N   CA   sing N N 295 
TRP N   H    sing N N 296 
TRP N   H2   sing N N 297 
TRP CA  C    sing N N 298 
TRP CA  CB   sing N N 299 
TRP CA  HA   sing N N 300 
TRP C   O    doub N N 301 
TRP C   OXT  sing N N 302 
TRP CB  CG   sing N N 303 
TRP CB  HB2  sing N N 304 
TRP CB  HB3  sing N N 305 
TRP CG  CD1  doub Y N 306 
TRP CG  CD2  sing Y N 307 
TRP CD1 NE1  sing Y N 308 
TRP CD1 HD1  sing N N 309 
TRP CD2 CE2  doub Y N 310 
TRP CD2 CE3  sing Y N 311 
TRP NE1 CE2  sing Y N 312 
TRP NE1 HE1  sing N N 313 
TRP CE2 CZ2  sing Y N 314 
TRP CE3 CZ3  doub Y N 315 
TRP CE3 HE3  sing N N 316 
TRP CZ2 CH2  doub Y N 317 
TRP CZ2 HZ2  sing N N 318 
TRP CZ3 CH2  sing Y N 319 
TRP CZ3 HZ3  sing N N 320 
TRP CH2 HH2  sing N N 321 
TRP OXT HXT  sing N N 322 
TYR N   CA   sing N N 323 
TYR N   H    sing N N 324 
TYR N   H2   sing N N 325 
TYR CA  C    sing N N 326 
TYR CA  CB   sing N N 327 
TYR CA  HA   sing N N 328 
TYR C   O    doub N N 329 
TYR C   OXT  sing N N 330 
TYR CB  CG   sing N N 331 
TYR CB  HB2  sing N N 332 
TYR CB  HB3  sing N N 333 
TYR CG  CD1  doub Y N 334 
TYR CG  CD2  sing Y N 335 
TYR CD1 CE1  sing Y N 336 
TYR CD1 HD1  sing N N 337 
TYR CD2 CE2  doub Y N 338 
TYR CD2 HD2  sing N N 339 
TYR CE1 CZ   doub Y N 340 
TYR CE1 HE1  sing N N 341 
TYR CE2 CZ   sing Y N 342 
TYR CE2 HE2  sing N N 343 
TYR CZ  OH   sing N N 344 
TYR OH  HH   sing N N 345 
TYR OXT HXT  sing N N 346 
VAL N   CA   sing N N 347 
VAL N   H    sing N N 348 
VAL N   H2   sing N N 349 
VAL CA  C    sing N N 350 
VAL CA  CB   sing N N 351 
VAL CA  HA   sing N N 352 
VAL C   O    doub N N 353 
VAL C   OXT  sing N N 354 
VAL CB  CG1  sing N N 355 
VAL CB  CG2  sing N N 356 
VAL CB  HB   sing N N 357 
VAL CG1 HG11 sing N N 358 
VAL CG1 HG12 sing N N 359 
VAL CG1 HG13 sing N N 360 
VAL CG2 HG21 sing N N 361 
VAL CG2 HG22 sing N N 362 
VAL CG2 HG23 sing N N 363 
VAL OXT HXT  sing N N 364 
# 
_pdbx_audit_support.funding_organization   'National Institutes of Health/National Human Genome Research Institute (NIH/NHGRI)' 
_pdbx_audit_support.country                'United States' 
_pdbx_audit_support.grant_number           GM118499 
_pdbx_audit_support.ordinal                1 
# 
_pdbx_entity_instance_feature.ordinal        1 
_pdbx_entity_instance_feature.comp_id        M3L 
_pdbx_entity_instance_feature.asym_id        ? 
_pdbx_entity_instance_feature.seq_num        ? 
_pdbx_entity_instance_feature.auth_comp_id   M3L 
_pdbx_entity_instance_feature.auth_asym_id   ? 
_pdbx_entity_instance_feature.auth_seq_num   ? 
_pdbx_entity_instance_feature.feature_type   'SUBJECT OF INVESTIGATION' 
_pdbx_entity_instance_feature.details        ? 
# 
_pdbx_entity_nonpoly.entity_id   3 
_pdbx_entity_nonpoly.name        water 
_pdbx_entity_nonpoly.comp_id     HOH 
# 
_pdbx_initial_refinement_model.id               1 
_pdbx_initial_refinement_model.entity_id_list   ? 
_pdbx_initial_refinement_model.type             'experimental model' 
_pdbx_initial_refinement_model.source_name      PDB 
_pdbx_initial_refinement_model.accession_code   1KNE 
_pdbx_initial_refinement_model.details          ? 
# 
_pdbx_struct_assembly_auth_evidence.id                     1 
_pdbx_struct_assembly_auth_evidence.assembly_id            1 
_pdbx_struct_assembly_auth_evidence.experimental_support   'isothermal titration calorimetry' 
_pdbx_struct_assembly_auth_evidence.details                ? 
# 
